data_1X0H
#
_entry.id   1X0H
#
_entity_poly.entity_id   1
_entity_poly.type   'polypeptide(L)'
_entity_poly.pdbx_seq_one_letter_code
;GSSGSSGISLKYTAARLHEKGVLLEIEDLQVNQFKNVIFEISPTEEVGDFEVKAKFMGVQMETFMLHYQDLLQLQYEGVA
VMKLFDRAKVNVNLLIFLLNKKFYGKSGPSSG
;
_entity_poly.pdbx_strand_id   A
#
# COMPACT_ATOMS: atom_id res chain seq x y z
N GLY A 1 17.68 -18.10 12.86
CA GLY A 1 18.15 -17.28 11.71
C GLY A 1 17.69 -17.83 10.37
N SER A 2 17.52 -19.15 10.30
CA SER A 2 17.08 -19.80 9.07
C SER A 2 15.63 -20.26 9.19
N SER A 3 15.38 -21.16 10.14
CA SER A 3 14.03 -21.68 10.35
C SER A 3 13.09 -20.58 10.83
N GLY A 4 12.52 -19.84 9.88
CA GLY A 4 11.62 -18.77 10.22
C GLY A 4 10.67 -18.42 9.09
N SER A 5 9.37 -18.50 9.35
CA SER A 5 8.37 -18.19 8.35
C SER A 5 8.38 -16.71 7.99
N SER A 6 8.96 -16.38 6.84
CA SER A 6 9.04 -15.00 6.40
C SER A 6 8.25 -14.80 5.10
N GLY A 7 7.86 -13.56 4.84
CA GLY A 7 7.10 -13.26 3.64
C GLY A 7 5.65 -12.88 3.94
N ILE A 8 4.72 -13.51 3.21
CA ILE A 8 3.31 -13.23 3.41
C ILE A 8 2.97 -11.79 3.06
N SER A 9 1.79 -11.58 2.47
CA SER A 9 1.35 -10.25 2.09
C SER A 9 0.55 -9.59 3.20
N LEU A 10 0.88 -8.36 3.52
CA LEU A 10 0.18 -7.62 4.57
C LEU A 10 -1.28 -7.40 4.20
N LYS A 11 -2.16 -7.59 5.19
CA LYS A 11 -3.59 -7.41 4.97
C LYS A 11 -4.15 -6.34 5.89
N TYR A 12 -4.58 -5.22 5.30
CA TYR A 12 -5.13 -4.12 6.07
C TYR A 12 -6.45 -3.65 5.47
N THR A 13 -7.39 -3.25 6.33
CA THR A 13 -8.69 -2.78 5.87
C THR A 13 -8.63 -1.31 5.47
N ALA A 14 -9.54 -0.91 4.60
CA ALA A 14 -9.59 0.47 4.12
C ALA A 14 -9.79 1.44 5.28
N ALA A 15 -10.63 1.07 6.23
CA ALA A 15 -10.91 1.91 7.39
C ALA A 15 -9.64 2.14 8.21
N ARG A 16 -8.80 1.11 8.28
CA ARG A 16 -7.55 1.20 9.04
C ARG A 16 -6.65 2.29 8.47
N LEU A 17 -6.41 2.23 7.16
CA LEU A 17 -5.57 3.23 6.50
C LEU A 17 -6.19 4.61 6.57
N HIS A 18 -7.53 4.65 6.58
CA HIS A 18 -8.25 5.92 6.64
C HIS A 18 -8.13 6.54 8.02
N GLU A 19 -8.25 5.71 9.05
CA GLU A 19 -8.16 6.17 10.43
C GLU A 19 -6.78 6.75 10.72
N LYS A 20 -5.74 6.04 10.28
CA LYS A 20 -4.37 6.48 10.50
C LYS A 20 -4.11 7.80 9.77
N GLY A 21 -4.70 7.95 8.60
CA GLY A 21 -4.52 9.16 7.82
C GLY A 21 -4.00 8.89 6.43
N VAL A 22 -3.40 7.71 6.25
CA VAL A 22 -2.85 7.33 4.95
C VAL A 22 -3.90 7.45 3.84
N LEU A 23 -4.92 6.59 3.91
CA LEU A 23 -5.98 6.59 2.92
C LEU A 23 -6.88 7.82 3.09
N LEU A 24 -7.04 8.59 2.01
CA LEU A 24 -7.86 9.78 2.04
C LEU A 24 -9.34 9.44 1.82
N GLU A 25 -9.66 8.99 0.61
CA GLU A 25 -11.02 8.62 0.28
C GLU A 25 -11.05 7.70 -0.94
N ILE A 26 -12.26 7.25 -1.31
CA ILE A 26 -12.43 6.37 -2.45
C ILE A 26 -13.60 6.80 -3.32
N GLU A 27 -13.31 7.15 -4.56
CA GLU A 27 -14.34 7.59 -5.50
C GLU A 27 -15.20 6.41 -5.95
N ASP A 28 -15.98 5.86 -5.02
CA ASP A 28 -16.84 4.73 -5.31
C ASP A 28 -17.64 4.32 -4.08
N LEU A 29 -16.95 4.24 -2.94
CA LEU A 29 -17.59 3.85 -1.70
C LEU A 29 -17.53 4.97 -0.67
N GLN A 30 -18.26 4.82 0.42
CA GLN A 30 -18.28 5.82 1.49
C GLN A 30 -17.36 5.43 2.63
N VAL A 31 -17.24 6.31 3.61
CA VAL A 31 -16.39 6.05 4.77
C VAL A 31 -16.80 4.76 5.49
N ASN A 32 -18.08 4.65 5.80
CA ASN A 32 -18.60 3.46 6.49
C ASN A 32 -18.41 2.21 5.64
N GLN A 33 -18.29 2.40 4.32
CA GLN A 33 -18.11 1.28 3.42
C GLN A 33 -16.69 0.71 3.49
N PHE A 34 -15.76 1.52 3.98
CA PHE A 34 -14.37 1.10 4.11
C PHE A 34 -14.25 -0.22 4.86
N LYS A 35 -15.22 -0.48 5.74
CA LYS A 35 -15.24 -1.71 6.52
C LYS A 35 -15.29 -2.93 5.62
N ASN A 36 -15.93 -2.78 4.47
CA ASN A 36 -16.05 -3.88 3.51
C ASN A 36 -15.00 -3.76 2.41
N VAL A 37 -13.81 -3.28 2.78
CA VAL A 37 -12.73 -3.13 1.82
C VAL A 37 -11.38 -3.44 2.46
N ILE A 38 -10.66 -4.38 1.87
CA ILE A 38 -9.35 -4.78 2.39
C ILE A 38 -8.29 -4.73 1.29
N PHE A 39 -7.11 -4.23 1.66
CA PHE A 39 -6.00 -4.13 0.71
C PHE A 39 -4.91 -5.14 1.04
N GLU A 40 -4.46 -5.87 0.01
CA GLU A 40 -3.41 -6.87 0.19
C GLU A 40 -2.10 -6.40 -0.43
N ILE A 41 -1.17 -5.99 0.42
CA ILE A 41 0.13 -5.51 -0.04
C ILE A 41 1.17 -6.61 0.07
N SER A 42 1.55 -7.18 -1.08
CA SER A 42 2.54 -8.24 -1.11
C SER A 42 3.95 -7.66 -1.22
N PRO A 43 4.88 -8.10 -0.34
CA PRO A 43 6.26 -7.62 -0.34
C PRO A 43 7.06 -8.16 -1.52
N THR A 44 8.32 -7.73 -1.62
CA THR A 44 9.19 -8.17 -2.70
C THR A 44 10.57 -8.55 -2.17
N GLU A 45 11.32 -9.31 -2.96
CA GLU A 45 12.66 -9.75 -2.56
C GLU A 45 13.64 -8.58 -2.60
N GLU A 46 13.42 -7.66 -3.54
CA GLU A 46 14.29 -6.49 -3.68
C GLU A 46 13.76 -5.32 -2.86
N VAL A 47 14.57 -4.27 -2.77
CA VAL A 47 14.19 -3.08 -2.01
C VAL A 47 13.85 -1.92 -2.94
N GLY A 48 12.58 -1.53 -2.93
CA GLY A 48 12.14 -0.43 -3.77
C GLY A 48 10.79 -0.70 -4.41
N ASP A 49 10.60 -1.94 -4.88
CA ASP A 49 9.34 -2.32 -5.52
C ASP A 49 8.39 -2.96 -4.51
N PHE A 50 7.10 -2.70 -4.69
CA PHE A 50 6.09 -3.26 -3.80
C PHE A 50 4.84 -3.66 -4.57
N GLU A 51 4.12 -4.65 -4.06
CA GLU A 51 2.90 -5.13 -4.70
C GLU A 51 1.66 -4.59 -3.99
N VAL A 52 0.84 -3.85 -4.72
CA VAL A 52 -0.38 -3.28 -4.16
C VAL A 52 -1.63 -3.88 -4.80
N LYS A 53 -2.31 -4.76 -4.08
CA LYS A 53 -3.52 -5.40 -4.59
C LYS A 53 -4.71 -5.12 -3.68
N ALA A 54 -5.87 -4.93 -4.29
CA ALA A 54 -7.09 -4.65 -3.53
C ALA A 54 -8.07 -5.81 -3.62
N LYS A 55 -8.20 -6.55 -2.53
CA LYS A 55 -9.11 -7.70 -2.49
C LYS A 55 -10.54 -7.27 -2.76
N PHE A 56 -11.13 -7.82 -3.82
CA PHE A 56 -12.50 -7.50 -4.19
C PHE A 56 -13.11 -8.61 -5.03
N MET A 57 -12.46 -8.93 -6.15
CA MET A 57 -12.93 -9.98 -7.04
C MET A 57 -11.96 -11.15 -7.08
N GLY A 58 -10.67 -10.85 -7.04
CA GLY A 58 -9.66 -11.89 -7.07
C GLY A 58 -8.96 -11.98 -8.41
N VAL A 59 -8.09 -11.02 -8.70
CA VAL A 59 -7.35 -11.00 -9.95
C VAL A 59 -6.02 -11.72 -9.83
N GLN A 60 -6.00 -12.97 -10.30
CA GLN A 60 -4.78 -13.77 -10.24
C GLN A 60 -4.05 -13.76 -11.59
N MET A 61 -4.20 -12.67 -12.33
CA MET A 61 -3.56 -12.53 -13.62
C MET A 61 -2.42 -11.50 -13.57
N GLU A 62 -2.60 -10.50 -12.71
CA GLU A 62 -1.60 -9.44 -12.56
C GLU A 62 -1.80 -8.69 -11.26
N THR A 63 -0.82 -7.85 -10.91
CA THR A 63 -0.89 -7.06 -9.68
C THR A 63 -0.28 -5.68 -9.88
N PHE A 64 -0.92 -4.67 -9.30
CA PHE A 64 -0.44 -3.30 -9.41
C PHE A 64 0.87 -3.11 -8.66
N MET A 65 1.90 -2.64 -9.35
CA MET A 65 3.20 -2.42 -8.75
C MET A 65 3.35 -0.97 -8.30
N LEU A 66 4.25 -0.74 -7.35
CA LEU A 66 4.49 0.60 -6.83
C LEU A 66 5.95 0.78 -6.44
N HIS A 67 6.67 1.58 -7.22
CA HIS A 67 8.08 1.84 -6.96
C HIS A 67 8.25 2.86 -5.85
N TYR A 68 9.49 3.04 -5.41
CA TYR A 68 9.79 4.00 -4.34
C TYR A 68 10.12 5.37 -4.91
N GLN A 69 10.74 5.38 -6.09
CA GLN A 69 11.11 6.63 -6.74
C GLN A 69 9.87 7.42 -7.16
N ASP A 70 8.84 6.70 -7.62
CA ASP A 70 7.60 7.34 -8.04
C ASP A 70 6.96 8.11 -6.89
N LEU A 71 6.99 7.52 -5.70
CA LEU A 71 6.40 8.15 -4.52
C LEU A 71 7.15 9.44 -4.18
N LEU A 72 8.45 9.45 -4.42
CA LEU A 72 9.27 10.61 -4.14
C LEU A 72 9.10 11.69 -5.21
N GLN A 73 8.86 11.24 -6.44
CA GLN A 73 8.67 12.17 -7.55
C GLN A 73 7.46 13.07 -7.31
N LEU A 74 6.46 12.53 -6.63
CA LEU A 74 5.25 13.30 -6.34
C LEU A 74 5.51 14.32 -5.24
N GLN A 75 6.39 13.97 -4.31
CA GLN A 75 6.73 14.86 -3.21
C GLN A 75 7.51 16.08 -3.71
N TYR A 76 8.30 15.88 -4.76
CA TYR A 76 9.09 16.95 -5.34
C TYR A 76 8.22 17.89 -6.18
N GLU A 77 7.25 17.31 -6.89
CA GLU A 77 6.35 18.09 -7.72
C GLU A 77 5.30 18.81 -6.88
N GLY A 78 4.72 18.09 -5.92
CA GLY A 78 3.71 18.67 -5.07
C GLY A 78 2.50 17.78 -4.89
N VAL A 79 2.31 16.85 -5.82
CA VAL A 79 1.18 15.93 -5.76
C VAL A 79 1.16 15.17 -4.44
N ALA A 80 0.32 15.64 -3.52
CA ALA A 80 0.19 15.01 -2.20
C ALA A 80 -0.77 13.83 -2.26
N VAL A 81 -1.76 13.92 -3.14
CA VAL A 81 -2.75 12.86 -3.29
C VAL A 81 -2.38 11.92 -4.44
N MET A 82 -2.57 10.63 -4.23
CA MET A 82 -2.25 9.63 -5.25
C MET A 82 -3.52 8.92 -5.72
N LYS A 83 -3.77 8.99 -7.03
CA LYS A 83 -4.95 8.37 -7.61
C LYS A 83 -4.67 6.90 -7.94
N LEU A 84 -5.24 6.00 -7.13
CA LEU A 84 -5.05 4.57 -7.33
C LEU A 84 -6.26 3.96 -8.05
N PHE A 85 -5.99 3.31 -9.18
CA PHE A 85 -7.04 2.69 -9.98
C PHE A 85 -8.10 3.70 -10.40
N ASP A 86 -7.69 4.97 -10.51
CA ASP A 86 -8.59 6.04 -10.90
C ASP A 86 -9.81 6.09 -9.99
N ARG A 87 -9.63 5.68 -8.74
CA ARG A 87 -10.72 5.70 -7.77
C ARG A 87 -10.21 5.97 -6.36
N ALA A 88 -9.58 4.97 -5.75
CA ALA A 88 -9.03 5.11 -4.41
C ALA A 88 -7.98 6.21 -4.35
N LYS A 89 -7.91 6.89 -3.21
CA LYS A 89 -6.94 7.97 -3.02
C LYS A 89 -6.15 7.77 -1.73
N VAL A 90 -4.83 7.87 -1.84
CA VAL A 90 -3.95 7.71 -0.68
C VAL A 90 -2.97 8.86 -0.57
N ASN A 91 -2.62 9.20 0.68
CA ASN A 91 -1.69 10.30 0.93
C ASN A 91 -0.25 9.84 0.71
N VAL A 92 0.46 10.52 -0.19
CA VAL A 92 1.84 10.18 -0.50
C VAL A 92 2.77 10.54 0.66
N ASN A 93 2.37 11.54 1.44
CA ASN A 93 3.16 11.99 2.58
C ASN A 93 3.11 10.97 3.71
N LEU A 94 2.00 10.25 3.81
CA LEU A 94 1.83 9.24 4.85
C LEU A 94 2.04 7.84 4.29
N LEU A 95 1.75 7.65 3.01
CA LEU A 95 1.92 6.36 2.36
C LEU A 95 3.36 5.87 2.47
N ILE A 96 4.31 6.78 2.25
CA ILE A 96 5.72 6.44 2.33
C ILE A 96 6.17 6.28 3.77
N PHE A 97 5.55 7.04 4.66
CA PHE A 97 5.88 6.99 6.08
C PHE A 97 5.57 5.61 6.67
N LEU A 98 4.40 5.09 6.34
CA LEU A 98 3.99 3.78 6.82
C LEU A 98 4.91 2.69 6.31
N LEU A 99 5.11 2.66 4.99
CA LEU A 99 5.97 1.67 4.36
C LEU A 99 7.40 1.77 4.89
N ASN A 100 7.80 2.98 5.28
CA ASN A 100 9.14 3.21 5.81
C ASN A 100 9.38 2.37 7.06
N LYS A 101 8.32 2.06 7.78
CA LYS A 101 8.42 1.26 9.00
C LYS A 101 7.84 -0.13 8.81
N LYS A 102 6.87 -0.24 7.89
CA LYS A 102 6.22 -1.52 7.63
C LYS A 102 7.17 -2.46 6.87
N PHE A 103 7.30 -2.22 5.56
CA PHE A 103 8.16 -3.05 4.73
C PHE A 103 9.63 -2.69 4.93
N TYR A 104 9.93 -1.40 4.92
CA TYR A 104 11.30 -0.93 5.10
C TYR A 104 11.88 -1.46 6.41
N GLY A 105 12.65 -2.54 6.31
CA GLY A 105 13.26 -3.13 7.49
C GLY A 105 13.95 -4.44 7.19
N LYS A 106 15.10 -4.37 6.53
CA LYS A 106 15.86 -5.56 6.18
C LYS A 106 16.52 -6.17 7.41
N SER A 107 17.29 -7.23 7.21
CA SER A 107 17.97 -7.91 8.30
C SER A 107 19.34 -8.41 7.86
N GLY A 108 19.96 -7.71 6.91
CA GLY A 108 21.26 -8.10 6.41
C GLY A 108 22.33 -7.06 6.68
N PRO A 109 23.56 -7.28 6.20
CA PRO A 109 24.67 -6.34 6.41
C PRO A 109 24.49 -5.06 5.60
N SER A 110 24.99 -3.96 6.14
CA SER A 110 24.89 -2.66 5.46
C SER A 110 26.22 -2.26 4.84
N SER A 111 27.23 -2.10 5.67
CA SER A 111 28.56 -1.73 5.20
C SER A 111 28.52 -0.37 4.49
N GLY A 112 27.61 0.49 4.93
CA GLY A 112 27.49 1.80 4.32
C GLY A 112 26.10 2.39 4.49
N GLY A 1 -1.72 -19.21 16.79
CA GLY A 1 -1.41 -20.01 18.02
C GLY A 1 -0.26 -20.98 17.80
N SER A 2 0.88 -20.44 17.36
CA SER A 2 2.06 -21.27 17.12
C SER A 2 3.33 -20.48 17.41
N SER A 3 4.44 -21.19 17.62
CA SER A 3 5.72 -20.56 17.90
C SER A 3 6.29 -19.90 16.65
N GLY A 4 6.01 -20.50 15.49
CA GLY A 4 6.50 -19.96 14.24
C GLY A 4 5.48 -19.08 13.55
N SER A 5 5.59 -18.98 12.23
CA SER A 5 4.66 -18.17 11.45
C SER A 5 4.28 -18.87 10.15
N SER A 6 3.24 -18.38 9.50
CA SER A 6 2.76 -18.97 8.25
C SER A 6 3.64 -18.53 7.09
N GLY A 7 3.51 -17.26 6.69
CA GLY A 7 4.29 -16.75 5.59
C GLY A 7 4.54 -15.26 5.70
N ILE A 8 4.20 -14.52 4.65
CA ILE A 8 4.39 -13.07 4.64
C ILE A 8 3.25 -12.38 3.89
N SER A 9 2.56 -11.47 4.57
CA SER A 9 1.46 -10.74 3.96
C SER A 9 0.89 -9.71 4.94
N LEU A 10 0.60 -8.52 4.42
CA LEU A 10 0.05 -7.45 5.25
C LEU A 10 -1.40 -7.15 4.86
N LYS A 11 -2.31 -7.41 5.78
CA LYS A 11 -3.73 -7.18 5.55
C LYS A 11 -4.21 -5.96 6.33
N TYR A 12 -4.57 -4.89 5.60
CA TYR A 12 -5.05 -3.67 6.23
C TYR A 12 -6.28 -3.13 5.49
N THR A 13 -7.43 -3.18 6.16
CA THR A 13 -8.67 -2.69 5.57
C THR A 13 -8.58 -1.20 5.26
N ALA A 14 -9.48 -0.73 4.39
CA ALA A 14 -9.49 0.68 4.01
C ALA A 14 -9.72 1.57 5.23
N ALA A 15 -10.59 1.13 6.13
CA ALA A 15 -10.89 1.88 7.34
C ALA A 15 -9.65 2.05 8.21
N ARG A 16 -8.82 1.01 8.25
CA ARG A 16 -7.60 1.04 9.05
C ARG A 16 -6.68 2.17 8.58
N LEU A 17 -6.37 2.19 7.29
CA LEU A 17 -5.51 3.22 6.73
C LEU A 17 -6.14 4.61 6.86
N HIS A 18 -7.46 4.65 6.77
CA HIS A 18 -8.20 5.91 6.87
C HIS A 18 -8.07 6.50 8.27
N GLU A 19 -8.21 5.65 9.28
CA GLU A 19 -8.11 6.09 10.66
C GLU A 19 -6.69 6.54 10.99
N LYS A 20 -5.71 5.83 10.44
CA LYS A 20 -4.31 6.16 10.68
C LYS A 20 -3.94 7.47 10.00
N GLY A 21 -4.59 7.76 8.88
CA GLY A 21 -4.32 8.99 8.16
C GLY A 21 -3.80 8.74 6.75
N VAL A 22 -3.28 7.53 6.52
CA VAL A 22 -2.76 7.17 5.21
C VAL A 22 -3.80 7.37 4.12
N LEU A 23 -4.85 6.58 4.16
CA LEU A 23 -5.93 6.66 3.18
C LEU A 23 -6.76 7.92 3.39
N LEU A 24 -7.14 8.58 2.29
CA LEU A 24 -7.93 9.79 2.36
C LEU A 24 -9.41 9.50 2.09
N GLU A 25 -9.72 9.14 0.85
CA GLU A 25 -11.08 8.84 0.46
C GLU A 25 -11.11 8.00 -0.82
N ILE A 26 -12.31 7.64 -1.25
CA ILE A 26 -12.48 6.84 -2.46
C ILE A 26 -13.51 7.45 -3.39
N GLU A 27 -13.28 7.33 -4.69
CA GLU A 27 -14.20 7.88 -5.69
C GLU A 27 -15.22 6.83 -6.13
N ASP A 28 -15.84 6.16 -5.16
CA ASP A 28 -16.84 5.14 -5.45
C ASP A 28 -17.38 4.52 -4.17
N LEU A 29 -16.48 4.24 -3.23
CA LEU A 29 -16.87 3.65 -1.95
C LEU A 29 -17.04 4.72 -0.88
N GLN A 30 -17.99 4.51 0.01
CA GLN A 30 -18.27 5.46 1.09
C GLN A 30 -17.36 5.19 2.29
N VAL A 31 -17.29 6.16 3.19
CA VAL A 31 -16.46 6.03 4.39
C VAL A 31 -16.87 4.82 5.22
N ASN A 32 -18.18 4.57 5.28
CA ASN A 32 -18.69 3.44 6.05
C ASN A 32 -18.35 2.11 5.37
N GLN A 33 -18.17 2.15 4.05
CA GLN A 33 -17.85 0.95 3.29
C GLN A 33 -16.39 0.55 3.48
N PHE A 34 -15.57 1.48 3.95
CA PHE A 34 -14.15 1.22 4.18
C PHE A 34 -13.95 -0.07 4.98
N LYS A 35 -14.93 -0.41 5.80
CA LYS A 35 -14.85 -1.61 6.61
C LYS A 35 -14.75 -2.86 5.75
N ASN A 36 -15.59 -2.92 4.71
CA ASN A 36 -15.59 -4.07 3.80
C ASN A 36 -14.43 -3.98 2.82
N VAL A 37 -14.01 -2.76 2.51
CA VAL A 37 -12.91 -2.54 1.58
C VAL A 37 -11.57 -2.91 2.21
N ILE A 38 -10.73 -3.62 1.46
CA ILE A 38 -9.42 -4.03 1.95
C ILE A 38 -8.40 -4.07 0.82
N PHE A 39 -7.14 -3.82 1.16
CA PHE A 39 -6.06 -3.82 0.18
C PHE A 39 -4.98 -4.82 0.57
N GLU A 40 -4.85 -5.88 -0.22
CA GLU A 40 -3.84 -6.91 0.05
C GLU A 40 -2.52 -6.57 -0.63
N ILE A 41 -1.46 -6.45 0.18
CA ILE A 41 -0.15 -6.13 -0.34
C ILE A 41 0.82 -7.29 -0.13
N SER A 42 1.57 -7.63 -1.17
CA SER A 42 2.53 -8.73 -1.11
C SER A 42 3.96 -8.20 -1.25
N PRO A 43 4.77 -8.30 -0.17
CA PRO A 43 6.16 -7.83 -0.19
C PRO A 43 6.98 -8.50 -1.28
N THR A 44 8.17 -7.97 -1.53
CA THR A 44 9.06 -8.51 -2.56
C THR A 44 10.40 -8.91 -1.95
N GLU A 45 11.16 -9.71 -2.69
CA GLU A 45 12.47 -10.17 -2.23
C GLU A 45 13.43 -9.00 -2.06
N GLU A 46 13.43 -8.10 -3.04
CA GLU A 46 14.30 -6.94 -3.01
C GLU A 46 13.68 -5.81 -2.20
N VAL A 47 14.42 -4.71 -2.05
CA VAL A 47 13.93 -3.56 -1.30
C VAL A 47 13.66 -2.38 -2.22
N GLY A 48 12.55 -1.69 -1.96
CA GLY A 48 12.19 -0.54 -2.77
C GLY A 48 10.89 -0.75 -3.53
N ASP A 49 10.75 -1.91 -4.16
CA ASP A 49 9.55 -2.23 -4.93
C ASP A 49 8.48 -2.80 -4.01
N PHE A 50 7.21 -2.60 -4.39
CA PHE A 50 6.09 -3.09 -3.60
C PHE A 50 4.96 -3.55 -4.51
N GLU A 51 4.38 -4.72 -4.20
CA GLU A 51 3.29 -5.26 -4.98
C GLU A 51 1.95 -5.04 -4.29
N VAL A 52 1.16 -4.12 -4.83
CA VAL A 52 -0.15 -3.81 -4.26
C VAL A 52 -1.27 -4.45 -5.07
N LYS A 53 -2.34 -4.84 -4.38
CA LYS A 53 -3.48 -5.46 -5.03
C LYS A 53 -4.78 -5.15 -4.30
N ALA A 54 -5.85 -4.93 -5.05
CA ALA A 54 -7.15 -4.63 -4.47
C ALA A 54 -8.06 -5.85 -4.48
N LYS A 55 -8.29 -6.41 -3.30
CA LYS A 55 -9.15 -7.59 -3.16
C LYS A 55 -10.62 -7.20 -3.20
N PHE A 56 -11.27 -7.42 -4.34
CA PHE A 56 -12.68 -7.08 -4.51
C PHE A 56 -13.19 -7.53 -5.87
N MET A 57 -12.47 -7.13 -6.92
CA MET A 57 -12.85 -7.48 -8.28
C MET A 57 -11.62 -7.68 -9.16
N GLY A 58 -11.09 -8.89 -9.16
CA GLY A 58 -9.90 -9.19 -9.95
C GLY A 58 -10.26 -9.55 -11.38
N VAL A 59 -9.75 -8.76 -12.33
CA VAL A 59 -10.01 -9.00 -13.75
C VAL A 59 -8.76 -9.49 -14.45
N GLN A 60 -7.63 -8.88 -14.15
CA GLN A 60 -6.36 -9.26 -14.75
C GLN A 60 -5.69 -10.39 -13.98
N MET A 61 -4.50 -10.79 -14.42
CA MET A 61 -3.77 -11.86 -13.75
C MET A 61 -2.57 -11.31 -12.98
N GLU A 62 -1.79 -10.46 -13.64
CA GLU A 62 -0.63 -9.86 -13.01
C GLU A 62 -1.03 -8.80 -11.98
N THR A 63 -0.24 -8.67 -10.92
CA THR A 63 -0.53 -7.71 -9.87
C THR A 63 0.04 -6.33 -10.23
N PHE A 64 -0.40 -5.31 -9.50
CA PHE A 64 0.07 -3.95 -9.74
C PHE A 64 1.40 -3.70 -9.06
N MET A 65 2.30 -3.01 -9.76
CA MET A 65 3.61 -2.70 -9.23
C MET A 65 3.67 -1.28 -8.69
N LEU A 66 4.36 -1.10 -7.57
CA LEU A 66 4.49 0.21 -6.96
C LEU A 66 5.95 0.57 -6.73
N HIS A 67 6.47 1.47 -7.56
CA HIS A 67 7.86 1.89 -7.45
C HIS A 67 8.03 2.94 -6.35
N TYR A 68 9.24 3.03 -5.79
CA TYR A 68 9.52 3.99 -4.74
C TYR A 68 9.78 5.38 -5.32
N GLN A 69 10.32 5.42 -6.53
CA GLN A 69 10.61 6.68 -7.19
C GLN A 69 9.32 7.44 -7.50
N ASP A 70 8.32 6.73 -8.00
CA ASP A 70 7.03 7.33 -8.33
C ASP A 70 6.40 7.98 -7.09
N LEU A 71 6.63 7.37 -5.94
CA LEU A 71 6.07 7.88 -4.69
C LEU A 71 6.73 9.20 -4.31
N LEU A 72 8.06 9.22 -4.31
CA LEU A 72 8.81 10.42 -3.96
C LEU A 72 8.61 11.51 -5.00
N GLN A 73 8.34 11.10 -6.23
CA GLN A 73 8.13 12.05 -7.32
C GLN A 73 6.99 13.00 -7.00
N LEU A 74 5.99 12.51 -6.27
CA LEU A 74 4.84 13.32 -5.90
C LEU A 74 5.21 14.31 -4.79
N GLN A 75 6.06 13.86 -3.88
CA GLN A 75 6.50 14.70 -2.76
C GLN A 75 7.31 15.89 -3.26
N TYR A 76 8.11 15.66 -4.29
CA TYR A 76 8.94 16.71 -4.87
C TYR A 76 8.11 17.66 -5.72
N GLU A 77 7.19 17.09 -6.48
CA GLU A 77 6.32 17.89 -7.35
C GLU A 77 5.31 18.69 -6.53
N GLY A 78 4.91 18.13 -5.38
CA GLY A 78 3.95 18.80 -4.53
C GLY A 78 2.68 18.01 -4.35
N VAL A 79 2.37 17.15 -5.32
CA VAL A 79 1.16 16.34 -5.27
C VAL A 79 1.15 15.46 -4.03
N ALA A 80 0.28 15.80 -3.08
CA ALA A 80 0.16 15.05 -1.83
C ALA A 80 -0.82 13.89 -1.99
N VAL A 81 -1.83 14.08 -2.84
CA VAL A 81 -2.83 13.04 -3.07
C VAL A 81 -2.41 12.14 -4.23
N MET A 82 -2.66 10.84 -4.07
CA MET A 82 -2.32 9.87 -5.10
C MET A 82 -3.57 9.21 -5.67
N LYS A 83 -3.51 8.87 -6.95
CA LYS A 83 -4.65 8.22 -7.62
C LYS A 83 -4.35 6.75 -7.89
N LEU A 84 -4.84 5.88 -7.00
CA LEU A 84 -4.62 4.44 -7.15
C LEU A 84 -5.81 3.79 -7.85
N PHE A 85 -5.53 3.03 -8.91
CA PHE A 85 -6.57 2.35 -9.67
C PHE A 85 -7.59 3.35 -10.22
N ASP A 86 -7.18 4.60 -10.35
CA ASP A 86 -8.06 5.64 -10.88
C ASP A 86 -9.36 5.71 -10.07
N ARG A 87 -9.28 5.37 -8.79
CA ARG A 87 -10.45 5.40 -7.91
C ARG A 87 -10.06 5.81 -6.50
N ALA A 88 -9.45 4.89 -5.76
CA ALA A 88 -9.04 5.15 -4.39
C ALA A 88 -8.04 6.31 -4.32
N LYS A 89 -8.02 7.00 -3.19
CA LYS A 89 -7.11 8.12 -3.00
C LYS A 89 -6.36 7.98 -1.68
N VAL A 90 -5.03 7.90 -1.77
CA VAL A 90 -4.19 7.76 -0.59
C VAL A 90 -3.21 8.93 -0.47
N ASN A 91 -2.80 9.23 0.76
CA ASN A 91 -1.87 10.32 1.01
C ASN A 91 -0.42 9.85 0.84
N VAL A 92 0.31 10.50 -0.06
CA VAL A 92 1.69 10.14 -0.32
C VAL A 92 2.58 10.55 0.85
N ASN A 93 2.21 11.64 1.53
CA ASN A 93 2.97 12.13 2.66
C ASN A 93 3.08 11.07 3.76
N LEU A 94 2.08 10.21 3.84
CA LEU A 94 2.07 9.15 4.84
C LEU A 94 2.34 7.79 4.20
N LEU A 95 1.94 7.64 2.94
CA LEU A 95 2.15 6.38 2.23
C LEU A 95 3.62 5.98 2.22
N ILE A 96 4.50 6.99 2.15
CA ILE A 96 5.94 6.74 2.14
C ILE A 96 6.47 6.54 3.56
N PHE A 97 5.82 7.17 4.53
CA PHE A 97 6.23 7.07 5.92
C PHE A 97 5.89 5.70 6.49
N LEU A 98 4.72 5.19 6.15
CA LEU A 98 4.27 3.89 6.63
C LEU A 98 5.24 2.79 6.21
N LEU A 99 5.49 2.69 4.91
CA LEU A 99 6.40 1.69 4.37
C LEU A 99 7.82 1.89 4.92
N ASN A 100 8.15 3.13 5.24
CA ASN A 100 9.47 3.46 5.77
C ASN A 100 9.77 2.66 7.04
N LYS A 101 8.71 2.33 7.78
CA LYS A 101 8.86 1.57 9.02
C LYS A 101 8.28 0.17 8.88
N LYS A 102 7.25 0.05 8.05
CA LYS A 102 6.59 -1.23 7.83
C LYS A 102 7.48 -2.16 7.01
N PHE A 103 7.55 -1.91 5.71
CA PHE A 103 8.37 -2.71 4.81
C PHE A 103 9.85 -2.48 5.06
N TYR A 104 10.25 -1.21 5.08
CA TYR A 104 11.63 -0.85 5.31
C TYR A 104 12.13 -1.37 6.66
N GLY A 105 12.81 -2.51 6.65
CA GLY A 105 13.31 -3.09 7.87
C GLY A 105 14.69 -3.71 7.70
N LYS A 106 15.52 -3.07 6.89
CA LYS A 106 16.88 -3.57 6.64
C LYS A 106 17.77 -3.33 7.84
N SER A 107 17.59 -2.18 8.50
CA SER A 107 18.39 -1.83 9.67
C SER A 107 17.76 -2.40 10.94
N GLY A 108 18.47 -3.34 11.57
CA GLY A 108 17.98 -3.95 12.79
C GLY A 108 18.06 -5.46 12.75
N PRO A 109 17.02 -6.14 12.23
CA PRO A 109 17.00 -7.61 12.14
C PRO A 109 17.99 -8.15 11.12
N SER A 110 18.91 -8.98 11.57
CA SER A 110 19.91 -9.57 10.69
C SER A 110 19.29 -10.62 9.77
N SER A 111 18.25 -11.28 10.26
CA SER A 111 17.57 -12.31 9.49
C SER A 111 16.07 -12.03 9.43
N GLY A 112 15.58 -11.71 8.24
CA GLY A 112 14.17 -11.42 8.07
C GLY A 112 13.89 -10.48 6.91
N GLY A 1 -4.35 -31.42 -3.01
CA GLY A 1 -2.97 -31.84 -3.36
C GLY A 1 -2.12 -30.68 -3.85
N SER A 2 -2.76 -29.70 -4.46
CA SER A 2 -2.07 -28.52 -4.97
C SER A 2 -1.52 -27.67 -3.84
N SER A 3 -0.92 -26.54 -4.19
CA SER A 3 -0.36 -25.64 -3.19
C SER A 3 -1.44 -24.79 -2.55
N GLY A 4 -1.30 -24.54 -1.24
CA GLY A 4 -2.27 -23.74 -0.53
C GLY A 4 -1.97 -22.26 -0.60
N SER A 5 -1.00 -21.81 0.18
CA SER A 5 -0.61 -20.40 0.20
C SER A 5 0.89 -20.24 -0.02
N SER A 6 1.68 -20.61 0.99
CA SER A 6 3.13 -20.51 0.91
C SER A 6 3.55 -19.06 0.68
N GLY A 7 3.64 -18.30 1.77
CA GLY A 7 4.04 -16.91 1.67
C GLY A 7 3.36 -16.03 2.70
N ILE A 8 3.81 -14.78 2.81
CA ILE A 8 3.23 -13.84 3.76
C ILE A 8 2.83 -12.55 3.07
N SER A 9 1.87 -11.85 3.66
CA SER A 9 1.38 -10.59 3.11
C SER A 9 0.80 -9.70 4.20
N LEU A 10 0.65 -8.42 3.89
CA LEU A 10 0.10 -7.46 4.85
C LEU A 10 -1.42 -7.42 4.77
N LYS A 11 -2.06 -7.03 5.87
CA LYS A 11 -3.52 -6.95 5.93
C LYS A 11 -3.96 -5.62 6.52
N TYR A 12 -4.65 -4.82 5.72
CA TYR A 12 -5.14 -3.52 6.18
C TYR A 12 -6.45 -3.17 5.49
N THR A 13 -7.40 -2.63 6.26
CA THR A 13 -8.70 -2.25 5.73
C THR A 13 -8.72 -0.77 5.35
N ALA A 14 -9.66 -0.40 4.48
CA ALA A 14 -9.78 0.98 4.04
C ALA A 14 -10.04 1.92 5.22
N ALA A 15 -10.92 1.49 6.12
CA ALA A 15 -11.26 2.28 7.30
C ALA A 15 -10.06 2.42 8.23
N ARG A 16 -9.21 1.40 8.25
CA ARG A 16 -8.02 1.41 9.10
C ARG A 16 -7.03 2.47 8.63
N LEU A 17 -6.78 2.51 7.32
CA LEU A 17 -5.85 3.48 6.75
C LEU A 17 -6.41 4.90 6.85
N HIS A 18 -7.74 5.01 6.73
CA HIS A 18 -8.40 6.31 6.80
C HIS A 18 -8.18 6.96 8.17
N GLU A 19 -8.35 6.17 9.23
CA GLU A 19 -8.16 6.66 10.59
C GLU A 19 -6.72 7.04 10.84
N LYS A 20 -5.80 6.21 10.36
CA LYS A 20 -4.37 6.45 10.53
C LYS A 20 -3.95 7.74 9.82
N GLY A 21 -4.63 8.04 8.73
CA GLY A 21 -4.31 9.25 7.98
C GLY A 21 -3.78 8.95 6.58
N VAL A 22 -3.28 7.73 6.40
CA VAL A 22 -2.74 7.32 5.11
C VAL A 22 -3.77 7.50 3.99
N LEU A 23 -4.84 6.71 4.04
CA LEU A 23 -5.89 6.79 3.04
C LEU A 23 -6.70 8.08 3.19
N LEU A 24 -7.19 8.60 2.07
CA LEU A 24 -7.98 9.82 2.08
C LEU A 24 -9.46 9.53 1.85
N GLU A 25 -9.78 9.06 0.65
CA GLU A 25 -11.16 8.73 0.30
C GLU A 25 -11.21 7.78 -0.89
N ILE A 26 -12.42 7.37 -1.26
CA ILE A 26 -12.61 6.46 -2.39
C ILE A 26 -13.75 6.93 -3.29
N GLU A 27 -13.41 7.29 -4.52
CA GLU A 27 -14.40 7.76 -5.48
C GLU A 27 -15.24 6.59 -6.00
N ASP A 28 -16.06 6.02 -5.14
CA ASP A 28 -16.91 4.89 -5.51
C ASP A 28 -17.80 4.48 -4.35
N LEU A 29 -17.19 4.16 -3.21
CA LEU A 29 -17.92 3.75 -2.02
C LEU A 29 -17.91 4.85 -0.97
N GLN A 30 -18.53 4.55 0.18
CA GLN A 30 -18.59 5.51 1.28
C GLN A 30 -17.74 5.04 2.45
N VAL A 31 -17.62 5.90 3.47
CA VAL A 31 -16.84 5.57 4.66
C VAL A 31 -17.37 4.31 5.34
N ASN A 32 -18.66 4.06 5.19
CA ASN A 32 -19.28 2.89 5.79
C ASN A 32 -18.87 1.61 5.05
N GLN A 33 -18.56 1.75 3.77
CA GLN A 33 -18.16 0.62 2.95
C GLN A 33 -16.68 0.29 3.16
N PHE A 34 -15.92 1.25 3.69
CA PHE A 34 -14.49 1.06 3.94
C PHE A 34 -14.23 -0.24 4.70
N LYS A 35 -15.20 -0.66 5.50
CA LYS A 35 -15.08 -1.88 6.28
C LYS A 35 -15.01 -3.11 5.37
N ASN A 36 -15.66 -3.02 4.21
CA ASN A 36 -15.67 -4.12 3.25
C ASN A 36 -14.63 -3.89 2.15
N VAL A 37 -13.51 -3.28 2.52
CA VAL A 37 -12.44 -3.00 1.57
C VAL A 37 -11.08 -3.22 2.21
N ILE A 38 -10.47 -4.37 1.91
CA ILE A 38 -9.15 -4.70 2.46
C ILE A 38 -8.08 -4.66 1.37
N PHE A 39 -6.90 -4.18 1.75
CA PHE A 39 -5.78 -4.06 0.81
C PHE A 39 -4.73 -5.13 1.11
N GLU A 40 -4.47 -6.00 0.15
CA GLU A 40 -3.49 -7.07 0.31
C GLU A 40 -2.19 -6.70 -0.38
N ILE A 41 -1.15 -6.44 0.41
CA ILE A 41 0.15 -6.08 -0.13
C ILE A 41 1.13 -7.24 -0.01
N SER A 42 1.53 -7.79 -1.16
CA SER A 42 2.47 -8.90 -1.18
C SER A 42 3.91 -8.40 -1.19
N PRO A 43 4.77 -8.91 -0.28
CA PRO A 43 6.16 -8.50 -0.21
C PRO A 43 7.01 -9.10 -1.33
N THR A 44 8.07 -8.40 -1.71
CA THR A 44 8.95 -8.86 -2.77
C THR A 44 10.35 -9.12 -2.24
N GLU A 45 11.05 -10.09 -2.84
CA GLU A 45 12.40 -10.43 -2.43
C GLU A 45 13.33 -9.22 -2.57
N GLU A 46 13.20 -8.51 -3.68
CA GLU A 46 14.03 -7.34 -3.93
C GLU A 46 13.60 -6.16 -3.06
N VAL A 47 14.43 -5.12 -3.02
CA VAL A 47 14.14 -3.95 -2.22
C VAL A 47 13.86 -2.74 -3.11
N GLY A 48 12.86 -1.95 -2.73
CA GLY A 48 12.50 -0.78 -3.51
C GLY A 48 11.18 -0.93 -4.24
N ASP A 49 10.85 -2.17 -4.59
CA ASP A 49 9.61 -2.45 -5.31
C ASP A 49 8.59 -3.10 -4.38
N PHE A 50 7.32 -2.72 -4.52
CA PHE A 50 6.26 -3.26 -3.70
C PHE A 50 5.11 -3.78 -4.56
N GLU A 51 4.39 -4.77 -4.06
CA GLU A 51 3.26 -5.35 -4.78
C GLU A 51 1.94 -4.94 -4.14
N VAL A 52 1.24 -4.01 -4.76
CA VAL A 52 -0.04 -3.53 -4.26
C VAL A 52 -1.20 -4.17 -5.01
N LYS A 53 -2.13 -4.76 -4.27
CA LYS A 53 -3.28 -5.41 -4.87
C LYS A 53 -4.57 -5.06 -4.10
N ALA A 54 -5.70 -5.17 -4.78
CA ALA A 54 -6.98 -4.86 -4.17
C ALA A 54 -7.77 -6.14 -3.89
N LYS A 55 -7.77 -6.57 -2.64
CA LYS A 55 -8.48 -7.79 -2.25
C LYS A 55 -9.97 -7.66 -2.53
N PHE A 56 -10.48 -8.51 -3.42
CA PHE A 56 -11.89 -8.49 -3.78
C PHE A 56 -12.35 -9.85 -4.27
N MET A 57 -11.67 -10.38 -5.28
CA MET A 57 -12.01 -11.68 -5.85
C MET A 57 -10.74 -12.48 -6.16
N GLY A 58 -9.81 -11.85 -6.86
CA GLY A 58 -8.57 -12.51 -7.21
C GLY A 58 -8.75 -13.54 -8.31
N VAL A 59 -9.24 -13.09 -9.46
CA VAL A 59 -9.45 -13.97 -10.60
C VAL A 59 -8.29 -13.91 -11.58
N GLN A 60 -7.69 -12.73 -11.72
CA GLN A 60 -6.57 -12.54 -12.62
C GLN A 60 -5.29 -12.25 -11.85
N MET A 61 -4.16 -12.32 -12.54
CA MET A 61 -2.87 -12.06 -11.91
C MET A 61 -2.41 -10.63 -12.19
N GLU A 62 -3.37 -9.72 -12.31
CA GLU A 62 -3.05 -8.32 -12.58
C GLU A 62 -2.89 -7.55 -11.27
N THR A 63 -1.67 -7.54 -10.73
CA THR A 63 -1.39 -6.83 -9.49
C THR A 63 -0.78 -5.46 -9.77
N PHE A 64 -1.23 -4.45 -9.03
CA PHE A 64 -0.72 -3.10 -9.20
C PHE A 64 0.66 -2.95 -8.57
N MET A 65 1.63 -2.52 -9.37
CA MET A 65 3.00 -2.34 -8.89
C MET A 65 3.25 -0.90 -8.49
N LEU A 66 4.18 -0.70 -7.56
CA LEU A 66 4.51 0.64 -7.09
C LEU A 66 6.01 0.79 -6.90
N HIS A 67 6.56 1.89 -7.39
CA HIS A 67 8.00 2.16 -7.27
C HIS A 67 8.27 3.22 -6.21
N TYR A 68 9.44 3.14 -5.59
CA TYR A 68 9.83 4.10 -4.55
C TYR A 68 10.06 5.49 -5.16
N GLN A 69 10.60 5.51 -6.38
CA GLN A 69 10.88 6.76 -7.06
C GLN A 69 9.59 7.49 -7.42
N ASP A 70 8.58 6.73 -7.83
CA ASP A 70 7.29 7.30 -8.21
C ASP A 70 6.66 8.04 -7.03
N LEU A 71 6.86 7.50 -5.83
CA LEU A 71 6.31 8.11 -4.63
C LEU A 71 7.01 9.42 -4.30
N LEU A 72 8.34 9.40 -4.40
CA LEU A 72 9.15 10.59 -4.11
C LEU A 72 8.90 11.67 -5.16
N GLN A 73 8.57 11.25 -6.38
CA GLN A 73 8.30 12.18 -7.46
C GLN A 73 7.13 13.10 -7.13
N LEU A 74 6.17 12.56 -6.37
CA LEU A 74 5.01 13.34 -5.98
C LEU A 74 5.30 14.21 -4.76
N GLN A 75 6.19 13.72 -3.90
CA GLN A 75 6.56 14.46 -2.69
C GLN A 75 7.51 15.60 -3.04
N TYR A 76 8.31 15.42 -4.08
CA TYR A 76 9.25 16.45 -4.50
C TYR A 76 8.57 17.49 -5.38
N GLU A 77 7.67 17.03 -6.25
CA GLU A 77 6.94 17.92 -7.14
C GLU A 77 5.98 18.81 -6.36
N GLY A 78 5.02 18.18 -5.68
CA GLY A 78 4.06 18.93 -4.91
C GLY A 78 2.67 18.30 -4.94
N VAL A 79 2.63 16.98 -4.76
CA VAL A 79 1.37 16.25 -4.77
C VAL A 79 1.25 15.33 -3.55
N ALA A 80 0.23 15.57 -2.73
CA ALA A 80 0.02 14.77 -1.53
C ALA A 80 -1.01 13.67 -1.79
N VAL A 81 -1.97 13.95 -2.67
CA VAL A 81 -3.00 12.97 -3.01
C VAL A 81 -2.60 12.14 -4.22
N MET A 82 -2.81 10.83 -4.13
CA MET A 82 -2.48 9.92 -5.21
C MET A 82 -3.71 9.17 -5.69
N LYS A 83 -3.81 9.00 -7.01
CA LYS A 83 -4.95 8.30 -7.60
C LYS A 83 -4.64 6.81 -7.77
N LEU A 84 -5.25 5.99 -6.93
CA LEU A 84 -5.04 4.54 -6.99
C LEU A 84 -6.30 3.83 -7.43
N PHE A 85 -6.16 2.89 -8.36
CA PHE A 85 -7.29 2.14 -8.88
C PHE A 85 -8.32 3.06 -9.51
N ASP A 86 -7.88 4.24 -9.93
CA ASP A 86 -8.77 5.22 -10.56
C ASP A 86 -9.98 5.50 -9.68
N ARG A 87 -9.84 5.30 -8.38
CA ARG A 87 -10.93 5.52 -7.44
C ARG A 87 -10.39 5.85 -6.05
N ALA A 88 -9.82 4.85 -5.39
CA ALA A 88 -9.27 5.03 -4.06
C ALA A 88 -8.14 6.05 -4.06
N LYS A 89 -8.06 6.85 -3.00
CA LYS A 89 -7.03 7.86 -2.88
C LYS A 89 -6.21 7.66 -1.61
N VAL A 90 -4.94 8.02 -1.68
CA VAL A 90 -4.05 7.87 -0.52
C VAL A 90 -3.06 9.04 -0.44
N ASN A 91 -2.61 9.34 0.76
CA ASN A 91 -1.66 10.42 0.98
C ASN A 91 -0.23 9.95 0.72
N VAL A 92 0.41 10.52 -0.28
CA VAL A 92 1.78 10.15 -0.64
C VAL A 92 2.74 10.49 0.50
N ASN A 93 2.42 11.54 1.26
CA ASN A 93 3.26 11.97 2.37
C ASN A 93 3.28 10.91 3.47
N LEU A 94 2.11 10.35 3.78
CA LEU A 94 2.00 9.33 4.81
C LEU A 94 2.21 7.94 4.23
N LEU A 95 1.92 7.77 2.95
CA LEU A 95 2.08 6.49 2.29
C LEU A 95 3.52 6.00 2.41
N ILE A 96 4.47 6.89 2.14
CA ILE A 96 5.89 6.53 2.22
C ILE A 96 6.32 6.31 3.65
N PHE A 97 5.72 7.06 4.57
CA PHE A 97 6.05 6.95 5.99
C PHE A 97 5.70 5.56 6.52
N LEU A 98 4.61 4.99 6.01
CA LEU A 98 4.19 3.67 6.43
C LEU A 98 5.16 2.59 5.92
N LEU A 99 5.55 2.71 4.66
CA LEU A 99 6.47 1.74 4.06
C LEU A 99 7.86 1.89 4.65
N ASN A 100 8.24 3.12 4.99
CA ASN A 100 9.55 3.39 5.56
C ASN A 100 9.76 2.60 6.85
N LYS A 101 8.67 2.23 7.50
CA LYS A 101 8.74 1.48 8.75
C LYS A 101 8.24 0.05 8.57
N LYS A 102 7.35 -0.14 7.59
CA LYS A 102 6.79 -1.45 7.32
C LYS A 102 7.77 -2.34 6.56
N PHE A 103 7.87 -2.11 5.25
CA PHE A 103 8.76 -2.89 4.39
C PHE A 103 10.22 -2.50 4.64
N TYR A 104 10.47 -1.20 4.75
CA TYR A 104 11.83 -0.70 4.97
C TYR A 104 12.44 -1.31 6.22
N GLY A 105 13.54 -2.03 6.05
CA GLY A 105 14.21 -2.66 7.17
C GLY A 105 15.57 -3.21 6.81
N LYS A 106 15.58 -4.33 6.08
CA LYS A 106 16.83 -4.95 5.67
C LYS A 106 17.69 -5.32 6.88
N SER A 107 17.02 -5.65 7.98
CA SER A 107 17.71 -6.03 9.21
C SER A 107 17.46 -7.49 9.55
N GLY A 108 16.22 -7.81 9.91
CA GLY A 108 15.87 -9.17 10.26
C GLY A 108 15.09 -9.27 11.56
N PRO A 109 13.75 -9.33 11.47
CA PRO A 109 12.89 -9.41 12.67
C PRO A 109 13.34 -10.51 13.62
N SER A 110 13.66 -11.68 13.07
CA SER A 110 14.10 -12.81 13.88
C SER A 110 13.03 -13.21 14.90
N SER A 111 13.14 -14.42 15.42
CA SER A 111 12.19 -14.92 16.40
C SER A 111 12.74 -16.14 17.13
N GLY A 112 13.28 -15.92 18.32
CA GLY A 112 13.84 -17.01 19.11
C GLY A 112 15.36 -16.99 19.11
N GLY A 1 -4.93 -22.54 -7.25
CA GLY A 1 -5.98 -21.98 -8.15
C GLY A 1 -5.88 -20.47 -8.28
N SER A 2 -5.97 -19.78 -7.17
CA SER A 2 -5.90 -18.32 -7.16
C SER A 2 -5.56 -17.79 -5.77
N SER A 3 -4.73 -18.53 -5.05
CA SER A 3 -4.33 -18.13 -3.70
C SER A 3 -2.84 -18.37 -3.48
N GLY A 4 -2.02 -17.44 -3.96
CA GLY A 4 -0.58 -17.56 -3.80
C GLY A 4 -0.14 -17.44 -2.36
N SER A 5 0.63 -18.42 -1.90
CA SER A 5 1.12 -18.41 -0.52
C SER A 5 2.64 -18.31 -0.49
N SER A 6 3.21 -17.61 -1.46
CA SER A 6 4.65 -17.45 -1.54
C SER A 6 5.14 -16.44 -0.50
N GLY A 7 5.26 -16.89 0.74
CA GLY A 7 5.72 -16.02 1.81
C GLY A 7 4.57 -15.45 2.62
N ILE A 8 4.64 -14.14 2.90
CA ILE A 8 3.60 -13.47 3.67
C ILE A 8 3.29 -12.10 3.08
N SER A 9 2.11 -11.58 3.41
CA SER A 9 1.68 -10.28 2.91
C SER A 9 0.99 -9.49 4.01
N LEU A 10 0.73 -8.21 3.73
CA LEU A 10 0.07 -7.33 4.70
C LEU A 10 -1.44 -7.37 4.52
N LYS A 11 -2.17 -7.01 5.57
CA LYS A 11 -3.63 -6.99 5.52
C LYS A 11 -4.19 -5.84 6.35
N TYR A 12 -4.71 -4.83 5.66
CA TYR A 12 -5.28 -3.66 6.33
C TYR A 12 -6.50 -3.15 5.60
N THR A 13 -7.62 -3.05 6.30
CA THR A 13 -8.87 -2.58 5.71
C THR A 13 -8.78 -1.10 5.38
N ALA A 14 -9.70 -0.62 4.55
CA ALA A 14 -9.73 0.78 4.14
C ALA A 14 -9.86 1.69 5.36
N ALA A 15 -10.60 1.23 6.36
CA ALA A 15 -10.80 2.01 7.58
C ALA A 15 -9.51 2.12 8.39
N ARG A 16 -8.78 1.01 8.48
CA ARG A 16 -7.52 0.98 9.22
C ARG A 16 -6.53 1.97 8.63
N LEU A 17 -6.57 2.15 7.32
CA LEU A 17 -5.67 3.06 6.64
C LEU A 17 -6.15 4.51 6.77
N HIS A 18 -7.46 4.68 6.85
CA HIS A 18 -8.06 6.00 6.99
C HIS A 18 -7.80 6.58 8.37
N GLU A 19 -7.77 5.70 9.37
CA GLU A 19 -7.53 6.13 10.75
C GLU A 19 -6.10 6.61 10.92
N LYS A 20 -5.18 6.01 10.19
CA LYS A 20 -3.76 6.38 10.27
C LYS A 20 -3.49 7.63 9.43
N GLY A 21 -4.27 7.81 8.36
CA GLY A 21 -4.08 8.97 7.51
C GLY A 21 -3.67 8.59 6.10
N VAL A 22 -3.21 7.35 5.92
CA VAL A 22 -2.78 6.88 4.61
C VAL A 22 -3.88 7.05 3.57
N LEU A 23 -4.97 6.31 3.73
CA LEU A 23 -6.09 6.37 2.81
C LEU A 23 -6.86 7.69 2.98
N LEU A 24 -7.03 8.42 1.90
CA LEU A 24 -7.74 9.69 1.93
C LEU A 24 -9.24 9.48 1.77
N GLU A 25 -9.65 9.09 0.55
CA GLU A 25 -11.06 8.86 0.26
C GLU A 25 -11.21 7.90 -0.91
N ILE A 26 -12.45 7.61 -1.27
CA ILE A 26 -12.74 6.71 -2.38
C ILE A 26 -13.86 7.26 -3.27
N GLU A 27 -13.55 7.45 -4.55
CA GLU A 27 -14.54 7.97 -5.50
C GLU A 27 -15.52 6.88 -5.91
N ASP A 28 -16.29 6.39 -4.94
CA ASP A 28 -17.28 5.35 -5.20
C ASP A 28 -18.05 5.00 -3.92
N LEU A 29 -17.32 4.57 -2.91
CA LEU A 29 -17.93 4.21 -1.63
C LEU A 29 -17.76 5.31 -0.60
N GLN A 30 -18.28 5.09 0.60
CA GLN A 30 -18.18 6.06 1.68
C GLN A 30 -17.25 5.57 2.78
N VAL A 31 -17.11 6.38 3.83
CA VAL A 31 -16.25 6.03 4.95
C VAL A 31 -16.76 4.79 5.68
N ASN A 32 -18.08 4.61 5.67
CA ASN A 32 -18.70 3.48 6.33
C ASN A 32 -18.43 2.18 5.57
N GLN A 33 -18.23 2.30 4.25
CA GLN A 33 -17.97 1.14 3.42
C GLN A 33 -16.52 0.67 3.55
N PHE A 34 -15.65 1.56 4.04
CA PHE A 34 -14.24 1.24 4.21
C PHE A 34 -14.07 -0.09 4.95
N LYS A 35 -15.04 -0.43 5.78
CA LYS A 35 -15.00 -1.67 6.55
C LYS A 35 -15.10 -2.88 5.62
N ASN A 36 -15.80 -2.71 4.51
CA ASN A 36 -15.97 -3.80 3.54
C ASN A 36 -14.96 -3.67 2.40
N VAL A 37 -13.73 -3.28 2.73
CA VAL A 37 -12.68 -3.12 1.75
C VAL A 37 -11.32 -3.45 2.34
N ILE A 38 -10.73 -4.56 1.91
CA ILE A 38 -9.43 -4.99 2.41
C ILE A 38 -8.36 -4.84 1.33
N PHE A 39 -7.15 -4.50 1.74
CA PHE A 39 -6.03 -4.33 0.81
C PHE A 39 -4.98 -5.41 1.02
N GLU A 40 -4.53 -6.01 -0.08
CA GLU A 40 -3.52 -7.07 -0.02
C GLU A 40 -2.22 -6.61 -0.67
N ILE A 41 -1.25 -6.22 0.16
CA ILE A 41 0.04 -5.77 -0.33
C ILE A 41 1.13 -6.79 -0.05
N SER A 42 1.52 -7.54 -1.08
CA SER A 42 2.54 -8.57 -0.93
C SER A 42 3.94 -7.97 -1.16
N PRO A 43 4.90 -8.27 -0.28
CA PRO A 43 6.27 -7.77 -0.39
C PRO A 43 7.07 -8.48 -1.48
N THR A 44 8.38 -8.25 -1.50
CA THR A 44 9.24 -8.88 -2.49
C THR A 44 10.68 -8.94 -1.99
N GLU A 45 11.52 -9.67 -2.70
CA GLU A 45 12.93 -9.80 -2.33
C GLU A 45 13.68 -8.49 -2.56
N GLU A 46 13.66 -8.01 -3.80
CA GLU A 46 14.33 -6.78 -4.15
C GLU A 46 13.65 -5.58 -3.48
N VAL A 47 14.45 -4.77 -2.79
CA VAL A 47 13.93 -3.59 -2.10
C VAL A 47 13.57 -2.49 -3.09
N GLY A 48 12.64 -1.64 -2.71
CA GLY A 48 12.22 -0.55 -3.58
C GLY A 48 10.98 -0.89 -4.38
N ASP A 49 10.79 -2.17 -4.67
CA ASP A 49 9.64 -2.62 -5.43
C ASP A 49 8.63 -3.33 -4.53
N PHE A 50 7.37 -2.94 -4.65
CA PHE A 50 6.31 -3.54 -3.85
C PHE A 50 5.14 -3.98 -4.72
N GLU A 51 4.37 -4.96 -4.23
CA GLU A 51 3.23 -5.47 -4.97
C GLU A 51 1.93 -5.01 -4.33
N VAL A 52 1.16 -4.21 -5.08
CA VAL A 52 -0.12 -3.71 -4.58
C VAL A 52 -1.29 -4.41 -5.26
N LYS A 53 -2.24 -4.87 -4.45
CA LYS A 53 -3.41 -5.57 -4.98
C LYS A 53 -4.66 -5.20 -4.18
N ALA A 54 -5.82 -5.45 -4.76
CA ALA A 54 -7.09 -5.15 -4.11
C ALA A 54 -8.00 -6.38 -4.07
N LYS A 55 -8.05 -7.03 -2.92
CA LYS A 55 -8.88 -8.22 -2.75
C LYS A 55 -10.36 -7.85 -2.75
N PHE A 56 -11.06 -8.24 -3.80
CA PHE A 56 -12.48 -7.95 -3.92
C PHE A 56 -13.16 -8.96 -4.85
N MET A 57 -12.55 -9.22 -6.00
CA MET A 57 -13.09 -10.15 -6.97
C MET A 57 -11.99 -10.74 -7.84
N GLY A 58 -11.24 -9.88 -8.52
CA GLY A 58 -10.16 -10.34 -9.37
C GLY A 58 -10.53 -10.30 -10.84
N VAL A 59 -10.43 -9.12 -11.44
CA VAL A 59 -10.75 -8.95 -12.85
C VAL A 59 -9.71 -8.08 -13.56
N GLN A 60 -8.46 -8.16 -13.08
CA GLN A 60 -7.38 -7.38 -13.67
C GLN A 60 -6.31 -8.30 -14.24
N MET A 61 -5.23 -7.70 -14.75
CA MET A 61 -4.13 -8.47 -15.32
C MET A 61 -2.83 -8.20 -14.57
N GLU A 62 -2.19 -9.27 -14.11
CA GLU A 62 -0.94 -9.15 -13.38
C GLU A 62 -1.13 -8.32 -12.11
N THR A 63 -0.09 -8.28 -11.27
CA THR A 63 -0.14 -7.52 -10.03
C THR A 63 0.50 -6.14 -10.21
N PHE A 64 -0.25 -5.10 -9.85
CA PHE A 64 0.24 -3.73 -9.96
C PHE A 64 1.30 -3.45 -8.89
N MET A 65 2.56 -3.33 -9.33
CA MET A 65 3.66 -3.06 -8.40
C MET A 65 3.88 -1.56 -8.27
N LEU A 66 4.17 -1.12 -7.04
CA LEU A 66 4.41 0.30 -6.79
C LEU A 66 5.90 0.60 -6.76
N HIS A 67 6.27 1.77 -7.28
CA HIS A 67 7.67 2.17 -7.32
C HIS A 67 7.95 3.28 -6.30
N TYR A 68 9.17 3.31 -5.79
CA TYR A 68 9.56 4.32 -4.81
C TYR A 68 9.89 5.64 -5.48
N GLN A 69 10.39 5.57 -6.71
CA GLN A 69 10.75 6.77 -7.46
C GLN A 69 9.53 7.67 -7.65
N ASP A 70 8.41 7.07 -8.07
CA ASP A 70 7.18 7.82 -8.28
C ASP A 70 6.70 8.46 -6.99
N LEU A 71 6.86 7.75 -5.89
CA LEU A 71 6.44 8.25 -4.58
C LEU A 71 7.24 9.49 -4.20
N LEU A 72 8.55 9.43 -4.40
CA LEU A 72 9.42 10.56 -4.06
C LEU A 72 9.25 11.69 -5.07
N GLN A 73 9.04 11.34 -6.33
CA GLN A 73 8.86 12.33 -7.38
C GLN A 73 7.64 13.21 -7.11
N LEU A 74 6.63 12.62 -6.46
CA LEU A 74 5.42 13.36 -6.13
C LEU A 74 5.66 14.34 -4.99
N GLN A 75 6.39 13.88 -3.97
CA GLN A 75 6.70 14.72 -2.82
C GLN A 75 7.61 15.89 -3.22
N TYR A 76 8.47 15.64 -4.21
CA TYR A 76 9.38 16.67 -4.70
C TYR A 76 8.65 17.73 -5.52
N GLU A 77 7.65 17.28 -6.27
CA GLU A 77 6.86 18.19 -7.11
C GLU A 77 5.84 18.95 -6.27
N GLY A 78 4.87 18.22 -5.71
CA GLY A 78 3.85 18.86 -4.89
C GLY A 78 2.51 18.14 -4.99
N VAL A 79 2.55 16.82 -4.91
CA VAL A 79 1.34 16.01 -4.98
C VAL A 79 1.12 15.22 -3.70
N ALA A 80 0.03 15.50 -3.00
CA ALA A 80 -0.28 14.82 -1.75
C ALA A 80 -1.25 13.66 -2.00
N VAL A 81 -2.12 13.83 -3.00
CA VAL A 81 -3.10 12.80 -3.33
C VAL A 81 -2.57 11.87 -4.40
N MET A 82 -2.80 10.57 -4.23
CA MET A 82 -2.35 9.57 -5.19
C MET A 82 -3.52 8.81 -5.77
N LYS A 83 -3.76 9.00 -7.06
CA LYS A 83 -4.86 8.33 -7.75
C LYS A 83 -4.55 6.86 -7.98
N LEU A 84 -5.14 5.99 -7.17
CA LEU A 84 -4.91 4.55 -7.29
C LEU A 84 -6.18 3.85 -7.77
N PHE A 85 -6.03 3.00 -8.78
CA PHE A 85 -7.16 2.26 -9.34
C PHE A 85 -8.24 3.20 -9.84
N ASP A 86 -7.85 4.44 -10.14
CA ASP A 86 -8.79 5.45 -10.65
C ASP A 86 -10.00 5.58 -9.73
N ARG A 87 -9.79 5.32 -8.44
CA ARG A 87 -10.86 5.41 -7.45
C ARG A 87 -10.30 5.65 -6.06
N ALA A 88 -9.40 4.76 -5.63
CA ALA A 88 -8.79 4.87 -4.31
C ALA A 88 -7.78 6.01 -4.26
N LYS A 89 -7.97 6.93 -3.32
CA LYS A 89 -7.07 8.07 -3.18
C LYS A 89 -6.26 7.96 -1.89
N VAL A 90 -4.95 7.77 -2.03
CA VAL A 90 -4.07 7.64 -0.88
C VAL A 90 -3.16 8.85 -0.75
N ASN A 91 -2.69 9.12 0.47
CA ASN A 91 -1.80 10.24 0.72
C ASN A 91 -0.35 9.84 0.53
N VAL A 92 0.33 10.51 -0.39
CA VAL A 92 1.73 10.23 -0.68
C VAL A 92 2.63 10.64 0.48
N ASN A 93 2.14 11.57 1.31
CA ASN A 93 2.90 12.05 2.46
C ASN A 93 2.82 11.07 3.62
N LEU A 94 1.67 10.42 3.77
CA LEU A 94 1.47 9.46 4.84
C LEU A 94 1.73 8.03 4.36
N LEU A 95 1.49 7.79 3.09
CA LEU A 95 1.69 6.46 2.50
C LEU A 95 3.15 6.02 2.67
N ILE A 96 4.06 6.91 2.36
CA ILE A 96 5.49 6.61 2.47
C ILE A 96 5.90 6.46 3.92
N PHE A 97 5.31 7.27 4.80
CA PHE A 97 5.61 7.21 6.23
C PHE A 97 5.35 5.82 6.79
N LEU A 98 4.18 5.28 6.49
CA LEU A 98 3.80 3.95 6.98
C LEU A 98 4.71 2.88 6.39
N LEU A 99 4.91 2.93 5.08
CA LEU A 99 5.76 1.96 4.39
C LEU A 99 7.20 2.05 4.89
N ASN A 100 7.61 3.24 5.30
CA ASN A 100 8.97 3.45 5.80
C ASN A 100 9.28 2.56 7.00
N LYS A 101 8.23 2.16 7.72
CA LYS A 101 8.39 1.30 8.88
C LYS A 101 7.79 -0.09 8.64
N LYS A 102 6.80 -0.15 7.76
CA LYS A 102 6.15 -1.42 7.45
C LYS A 102 7.05 -2.31 6.59
N PHE A 103 7.14 -1.97 5.31
CA PHE A 103 7.96 -2.75 4.38
C PHE A 103 9.44 -2.40 4.52
N TYR A 104 9.74 -1.11 4.56
CA TYR A 104 11.12 -0.64 4.69
C TYR A 104 11.79 -1.25 5.92
N GLY A 105 12.93 -1.89 5.70
CA GLY A 105 13.67 -2.51 6.79
C GLY A 105 15.05 -2.96 6.39
N LYS A 106 15.15 -4.21 5.91
CA LYS A 106 16.43 -4.77 5.49
C LYS A 106 17.40 -4.88 6.67
N SER A 107 17.98 -3.76 7.05
CA SER A 107 18.93 -3.72 8.16
C SER A 107 20.14 -4.61 7.86
N GLY A 108 20.56 -4.63 6.60
CA GLY A 108 21.71 -5.43 6.21
C GLY A 108 21.43 -6.92 6.33
N PRO A 109 22.48 -7.76 6.24
CA PRO A 109 22.33 -9.21 6.34
C PRO A 109 21.97 -9.66 7.75
N SER A 110 22.03 -10.97 7.98
CA SER A 110 21.70 -11.53 9.29
C SER A 110 22.90 -11.44 10.23
N SER A 111 24.07 -11.82 9.72
CA SER A 111 25.29 -11.79 10.52
C SER A 111 26.52 -11.82 9.63
N GLY A 112 27.67 -11.46 10.19
CA GLY A 112 28.91 -11.45 9.43
C GLY A 112 29.55 -12.82 9.37
N GLY A 1 10.49 -30.55 2.52
CA GLY A 1 10.34 -30.30 1.07
C GLY A 1 9.97 -28.86 0.76
N SER A 2 8.92 -28.37 1.41
CA SER A 2 8.46 -27.00 1.20
C SER A 2 8.44 -26.23 2.52
N SER A 3 9.16 -25.12 2.55
CA SER A 3 9.23 -24.28 3.75
C SER A 3 8.17 -23.18 3.71
N GLY A 4 7.00 -23.49 4.26
CA GLY A 4 5.92 -22.52 4.27
C GLY A 4 6.10 -21.46 5.34
N SER A 5 6.44 -20.24 4.93
CA SER A 5 6.64 -19.14 5.86
C SER A 5 5.32 -18.52 6.27
N SER A 6 5.10 -18.41 7.58
CA SER A 6 3.87 -17.83 8.10
C SER A 6 4.05 -16.35 8.42
N GLY A 7 3.01 -15.56 8.18
CA GLY A 7 3.08 -14.14 8.44
C GLY A 7 3.55 -13.35 7.24
N ILE A 8 3.20 -13.83 6.04
CA ILE A 8 3.61 -13.16 4.82
C ILE A 8 2.53 -12.18 4.35
N SER A 9 2.93 -11.22 3.53
CA SER A 9 1.99 -10.23 3.00
C SER A 9 1.37 -9.43 4.14
N LEU A 10 0.89 -8.23 3.82
CA LEU A 10 0.27 -7.36 4.81
C LEU A 10 -1.24 -7.27 4.60
N LYS A 11 -1.98 -7.14 5.69
CA LYS A 11 -3.44 -7.07 5.62
C LYS A 11 -3.95 -5.86 6.42
N TYR A 12 -4.60 -4.94 5.73
CA TYR A 12 -5.15 -3.75 6.38
C TYR A 12 -6.38 -3.24 5.63
N THR A 13 -7.46 -3.04 6.38
CA THR A 13 -8.71 -2.56 5.80
C THR A 13 -8.64 -1.06 5.50
N ALA A 14 -9.56 -0.59 4.67
CA ALA A 14 -9.59 0.82 4.30
C ALA A 14 -9.81 1.70 5.53
N ALA A 15 -10.60 1.20 6.47
CA ALA A 15 -10.90 1.94 7.69
C ALA A 15 -9.63 2.21 8.49
N ARG A 16 -8.69 1.27 8.44
CA ARG A 16 -7.43 1.40 9.16
C ARG A 16 -6.58 2.51 8.56
N LEU A 17 -6.23 2.36 7.29
CA LEU A 17 -5.41 3.36 6.60
C LEU A 17 -6.10 4.72 6.58
N HIS A 18 -7.43 4.70 6.56
CA HIS A 18 -8.21 5.93 6.54
C HIS A 18 -8.14 6.64 7.89
N GLU A 19 -8.31 5.88 8.96
CA GLU A 19 -8.26 6.43 10.31
C GLU A 19 -6.88 6.99 10.63
N LYS A 20 -5.84 6.22 10.29
CA LYS A 20 -4.46 6.64 10.54
C LYS A 20 -4.15 7.92 9.78
N GLY A 21 -4.76 8.10 8.62
CA GLY A 21 -4.53 9.29 7.83
C GLY A 21 -4.00 8.98 6.45
N VAL A 22 -3.44 7.78 6.28
CA VAL A 22 -2.89 7.36 4.99
C VAL A 22 -3.94 7.47 3.88
N LEU A 23 -4.97 6.64 3.97
CA LEU A 23 -6.04 6.64 2.97
C LEU A 23 -6.87 7.92 3.08
N LEU A 24 -7.21 8.48 1.93
CA LEU A 24 -8.01 9.71 1.89
C LEU A 24 -9.48 9.40 1.62
N GLU A 25 -9.78 9.01 0.39
CA GLU A 25 -11.16 8.68 0.02
C GLU A 25 -11.18 7.78 -1.20
N ILE A 26 -12.39 7.42 -1.64
CA ILE A 26 -12.55 6.55 -2.80
C ILE A 26 -13.72 7.02 -3.66
N GLU A 27 -13.50 7.07 -4.97
CA GLU A 27 -14.54 7.50 -5.91
C GLU A 27 -15.42 6.31 -6.32
N ASP A 28 -15.98 5.63 -5.33
CA ASP A 28 -16.84 4.48 -5.59
C ASP A 28 -17.38 3.89 -4.29
N LEU A 29 -16.50 3.82 -3.28
CA LEU A 29 -16.88 3.28 -1.99
C LEU A 29 -16.97 4.38 -0.94
N GLN A 30 -17.89 4.23 0.00
CA GLN A 30 -18.07 5.22 1.06
C GLN A 30 -17.26 4.84 2.29
N VAL A 31 -17.11 5.79 3.21
CA VAL A 31 -16.36 5.57 4.44
C VAL A 31 -16.90 4.38 5.22
N ASN A 32 -18.20 4.13 5.06
CA ASN A 32 -18.84 3.02 5.76
C ASN A 32 -18.46 1.67 5.12
N GLN A 33 -18.15 1.71 3.83
CA GLN A 33 -17.77 0.50 3.11
C GLN A 33 -16.29 0.16 3.34
N PHE A 34 -15.53 1.14 3.83
CA PHE A 34 -14.11 0.94 4.09
C PHE A 34 -13.86 -0.31 4.93
N LYS A 35 -14.84 -0.64 5.78
CA LYS A 35 -14.73 -1.82 6.63
C LYS A 35 -14.70 -3.09 5.80
N ASN A 36 -15.38 -3.07 4.66
CA ASN A 36 -15.43 -4.22 3.76
C ASN A 36 -14.45 -4.06 2.62
N VAL A 37 -13.35 -3.35 2.87
CA VAL A 37 -12.33 -3.12 1.85
C VAL A 37 -10.94 -3.44 2.39
N ILE A 38 -10.44 -4.62 2.04
CA ILE A 38 -9.12 -5.06 2.50
C ILE A 38 -8.07 -4.84 1.41
N PHE A 39 -6.94 -4.24 1.79
CA PHE A 39 -5.87 -3.98 0.85
C PHE A 39 -4.69 -4.91 1.09
N GLU A 40 -4.57 -5.93 0.25
CA GLU A 40 -3.48 -6.90 0.37
C GLU A 40 -2.23 -6.41 -0.33
N ILE A 41 -1.15 -6.25 0.43
CA ILE A 41 0.11 -5.78 -0.12
C ILE A 41 1.20 -6.85 -0.01
N SER A 42 1.55 -7.44 -1.15
CA SER A 42 2.57 -8.49 -1.16
C SER A 42 3.96 -7.88 -1.37
N PRO A 43 4.88 -8.06 -0.40
CA PRO A 43 6.24 -7.53 -0.49
C PRO A 43 7.07 -8.26 -1.53
N THR A 44 8.31 -7.79 -1.73
CA THR A 44 9.22 -8.41 -2.70
C THR A 44 10.57 -8.67 -2.06
N GLU A 45 11.43 -9.39 -2.79
CA GLU A 45 12.76 -9.72 -2.31
C GLU A 45 13.67 -8.50 -2.38
N GLU A 46 13.43 -7.63 -3.36
CA GLU A 46 14.23 -6.44 -3.55
C GLU A 46 13.55 -5.24 -2.90
N VAL A 47 14.30 -4.14 -2.77
CA VAL A 47 13.78 -2.92 -2.17
C VAL A 47 13.40 -1.90 -3.23
N GLY A 48 12.21 -1.32 -3.10
CA GLY A 48 11.76 -0.34 -4.07
C GLY A 48 10.51 -0.78 -4.80
N ASP A 49 10.47 -2.05 -5.18
CA ASP A 49 9.33 -2.61 -5.90
C ASP A 49 8.34 -3.26 -4.93
N PHE A 50 7.08 -2.85 -5.02
CA PHE A 50 6.03 -3.40 -4.16
C PHE A 50 4.88 -3.95 -4.98
N GLU A 51 4.15 -4.89 -4.41
CA GLU A 51 3.02 -5.50 -5.09
C GLU A 51 1.71 -5.22 -4.35
N VAL A 52 0.94 -4.28 -4.88
CA VAL A 52 -0.33 -3.91 -4.27
C VAL A 52 -1.47 -4.75 -4.83
N LYS A 53 -2.55 -4.87 -4.05
CA LYS A 53 -3.71 -5.65 -4.48
C LYS A 53 -4.99 -5.10 -3.85
N ALA A 54 -6.08 -5.12 -4.62
CA ALA A 54 -7.36 -4.61 -4.15
C ALA A 54 -8.50 -5.53 -4.56
N LYS A 55 -8.95 -6.37 -3.63
CA LYS A 55 -10.03 -7.30 -3.90
C LYS A 55 -10.93 -7.47 -2.68
N PHE A 56 -12.00 -8.24 -2.84
CA PHE A 56 -12.94 -8.48 -1.75
C PHE A 56 -12.79 -9.90 -1.21
N MET A 57 -12.94 -10.88 -2.09
CA MET A 57 -12.83 -12.28 -1.70
C MET A 57 -11.36 -12.72 -1.64
N GLY A 58 -10.73 -12.76 -2.81
CA GLY A 58 -9.34 -13.17 -2.88
C GLY A 58 -8.94 -13.64 -4.27
N VAL A 59 -9.16 -12.79 -5.26
CA VAL A 59 -8.81 -13.13 -6.64
C VAL A 59 -7.36 -12.78 -6.95
N GLN A 60 -6.46 -13.74 -6.70
CA GLN A 60 -5.04 -13.54 -6.95
C GLN A 60 -4.69 -13.88 -8.39
N MET A 61 -4.90 -12.93 -9.30
CA MET A 61 -4.61 -13.13 -10.71
C MET A 61 -3.55 -12.15 -11.20
N GLU A 62 -3.73 -10.88 -10.85
CA GLU A 62 -2.79 -9.84 -11.25
C GLU A 62 -2.62 -8.80 -10.14
N THR A 63 -1.39 -8.61 -9.70
CA THR A 63 -1.09 -7.65 -8.65
C THR A 63 -0.48 -6.37 -9.22
N PHE A 64 -0.83 -5.23 -8.63
CA PHE A 64 -0.32 -3.94 -9.10
C PHE A 64 1.10 -3.71 -8.59
N MET A 65 1.86 -2.92 -9.34
CA MET A 65 3.24 -2.63 -8.97
C MET A 65 3.40 -1.15 -8.63
N LEU A 66 3.68 -0.87 -7.36
CA LEU A 66 3.87 0.51 -6.91
C LEU A 66 5.35 0.86 -6.82
N HIS A 67 5.81 1.70 -7.75
CA HIS A 67 7.20 2.11 -7.78
C HIS A 67 7.49 3.13 -6.68
N TYR A 68 8.49 2.83 -5.85
CA TYR A 68 8.86 3.73 -4.76
C TYR A 68 9.31 5.08 -5.29
N GLN A 69 9.88 5.08 -6.49
CA GLN A 69 10.35 6.30 -7.11
C GLN A 69 9.22 7.31 -7.28
N ASP A 70 8.06 6.83 -7.73
CA ASP A 70 6.91 7.68 -7.93
C ASP A 70 6.47 8.33 -6.62
N LEU A 71 6.55 7.56 -5.54
CA LEU A 71 6.17 8.06 -4.22
C LEU A 71 7.06 9.23 -3.80
N LEU A 72 8.34 9.13 -4.12
CA LEU A 72 9.30 10.17 -3.78
C LEU A 72 9.24 11.31 -4.78
N GLN A 73 8.98 10.98 -6.04
CA GLN A 73 8.90 11.98 -7.10
C GLN A 73 7.76 12.95 -6.84
N LEU A 74 6.69 12.46 -6.21
CA LEU A 74 5.53 13.28 -5.91
C LEU A 74 5.86 14.32 -4.85
N GLN A 75 6.69 13.93 -3.88
CA GLN A 75 7.09 14.84 -2.81
C GLN A 75 8.02 15.92 -3.33
N TYR A 76 8.82 15.57 -4.33
CA TYR A 76 9.76 16.52 -4.92
C TYR A 76 9.03 17.58 -5.72
N GLU A 77 7.95 17.17 -6.39
CA GLU A 77 7.16 18.09 -7.20
C GLU A 77 6.22 18.92 -6.32
N GLY A 78 5.43 18.23 -5.50
CA GLY A 78 4.50 18.91 -4.62
C GLY A 78 3.10 18.34 -4.69
N VAL A 79 2.99 17.03 -4.48
CA VAL A 79 1.70 16.35 -4.53
C VAL A 79 1.42 15.62 -3.22
N ALA A 80 0.25 15.89 -2.64
CA ALA A 80 -0.14 15.24 -1.39
C ALA A 80 -1.14 14.12 -1.64
N VAL A 81 -1.97 14.29 -2.66
CA VAL A 81 -2.98 13.29 -2.99
C VAL A 81 -2.54 12.45 -4.19
N MET A 82 -2.85 11.15 -4.15
CA MET A 82 -2.48 10.24 -5.23
C MET A 82 -3.72 9.59 -5.83
N LYS A 83 -3.64 9.26 -7.12
CA LYS A 83 -4.75 8.64 -7.82
C LYS A 83 -4.46 7.17 -8.11
N LEU A 84 -4.99 6.28 -7.26
CA LEU A 84 -4.79 4.85 -7.42
C LEU A 84 -6.04 4.17 -7.97
N PHE A 85 -5.88 3.41 -9.04
CA PHE A 85 -7.01 2.72 -9.67
C PHE A 85 -8.07 3.71 -10.14
N ASP A 86 -7.67 4.96 -10.36
CA ASP A 86 -8.58 5.99 -10.82
C ASP A 86 -9.80 6.09 -9.89
N ARG A 87 -9.60 5.78 -8.62
CA ARG A 87 -10.67 5.84 -7.64
C ARG A 87 -10.11 6.04 -6.23
N ALA A 88 -9.37 5.03 -5.75
CA ALA A 88 -8.78 5.09 -4.42
C ALA A 88 -7.74 6.21 -4.32
N LYS A 89 -7.96 7.14 -3.41
CA LYS A 89 -7.05 8.25 -3.21
C LYS A 89 -6.24 8.08 -1.91
N VAL A 90 -4.94 7.97 -2.05
CA VAL A 90 -4.06 7.80 -0.89
C VAL A 90 -3.15 9.02 -0.70
N ASN A 91 -2.72 9.23 0.54
CA ASN A 91 -1.85 10.36 0.85
C ASN A 91 -0.38 9.96 0.74
N VAL A 92 0.31 10.53 -0.23
CA VAL A 92 1.72 10.23 -0.46
C VAL A 92 2.57 10.68 0.74
N ASN A 93 2.09 11.68 1.46
CA ASN A 93 2.81 12.20 2.61
C ASN A 93 2.86 11.18 3.74
N LEU A 94 1.83 10.33 3.81
CA LEU A 94 1.77 9.30 4.85
C LEU A 94 2.02 7.91 4.27
N LEU A 95 1.71 7.74 2.99
CA LEU A 95 1.90 6.47 2.31
C LEU A 95 3.34 5.99 2.43
N ILE A 96 4.27 6.94 2.39
CA ILE A 96 5.69 6.62 2.47
C ILE A 96 6.11 6.41 3.93
N PHE A 97 5.43 7.09 4.84
CA PHE A 97 5.74 6.98 6.27
C PHE A 97 5.46 5.57 6.77
N LEU A 98 4.27 5.06 6.48
CA LEU A 98 3.88 3.72 6.90
C LEU A 98 4.84 2.67 6.35
N LEU A 99 5.25 2.86 5.11
CA LEU A 99 6.17 1.93 4.46
C LEU A 99 7.60 2.12 4.97
N ASN A 100 7.89 3.33 5.44
CA ASN A 100 9.22 3.64 5.96
C ASN A 100 9.62 2.69 7.08
N LYS A 101 8.62 2.15 7.79
CA LYS A 101 8.88 1.22 8.89
C LYS A 101 8.34 -0.17 8.58
N LYS A 102 7.23 -0.22 7.84
CA LYS A 102 6.61 -1.48 7.48
C LYS A 102 7.54 -2.31 6.59
N PHE A 103 7.69 -1.88 5.34
CA PHE A 103 8.54 -2.59 4.38
C PHE A 103 10.00 -2.21 4.58
N TYR A 104 10.26 -0.91 4.70
CA TYR A 104 11.63 -0.42 4.89
C TYR A 104 12.29 -1.07 6.10
N GLY A 105 13.41 -1.76 5.86
CA GLY A 105 14.11 -2.42 6.93
C GLY A 105 14.90 -3.63 6.45
N LYS A 106 14.26 -4.45 5.62
CA LYS A 106 14.91 -5.64 5.08
C LYS A 106 15.26 -6.63 6.19
N SER A 107 16.33 -6.35 6.92
CA SER A 107 16.77 -7.20 8.01
C SER A 107 17.23 -8.56 7.50
N GLY A 108 17.79 -8.56 6.29
CA GLY A 108 18.26 -9.80 5.70
C GLY A 108 19.60 -9.64 5.00
N PRO A 109 19.60 -9.50 3.66
CA PRO A 109 20.83 -9.33 2.88
C PRO A 109 21.67 -8.17 3.39
N SER A 110 22.97 -8.23 3.11
CA SER A 110 23.90 -7.19 3.55
C SER A 110 24.78 -6.73 2.39
N SER A 111 24.99 -5.43 2.29
CA SER A 111 25.82 -4.86 1.24
C SER A 111 26.56 -3.62 1.73
N GLY A 112 27.89 -3.67 1.68
CA GLY A 112 28.70 -2.55 2.12
C GLY A 112 30.17 -2.90 2.24
N GLY A 1 -1.65 -22.49 12.01
CA GLY A 1 -2.79 -23.19 12.67
C GLY A 1 -3.98 -23.34 11.74
N SER A 2 -4.79 -22.29 11.63
CA SER A 2 -5.96 -22.32 10.76
C SER A 2 -6.09 -21.02 9.98
N SER A 3 -6.04 -19.91 10.70
CA SER A 3 -6.16 -18.59 10.06
C SER A 3 -5.49 -17.51 10.92
N GLY A 4 -4.31 -17.08 10.51
CA GLY A 4 -3.59 -16.06 11.25
C GLY A 4 -3.91 -14.66 10.76
N SER A 5 -3.21 -13.67 11.31
CA SER A 5 -3.43 -12.28 10.94
C SER A 5 -2.10 -11.58 10.65
N SER A 6 -1.13 -11.77 11.56
CA SER A 6 0.18 -11.17 11.40
C SER A 6 1.19 -12.17 10.87
N GLY A 7 1.33 -12.23 9.55
CA GLY A 7 2.26 -13.15 8.93
C GLY A 7 2.50 -12.85 7.47
N ILE A 8 2.15 -13.79 6.60
CA ILE A 8 2.32 -13.62 5.17
C ILE A 8 1.53 -12.41 4.65
N SER A 9 2.24 -11.46 4.06
CA SER A 9 1.61 -10.26 3.52
C SER A 9 0.91 -9.48 4.63
N LEU A 10 0.63 -8.20 4.36
CA LEU A 10 -0.04 -7.35 5.33
C LEU A 10 -1.52 -7.21 4.99
N LYS A 11 -2.37 -7.48 5.98
CA LYS A 11 -3.82 -7.39 5.78
C LYS A 11 -4.37 -6.15 6.47
N TYR A 12 -4.73 -5.14 5.69
CA TYR A 12 -5.28 -3.90 6.23
C TYR A 12 -6.45 -3.41 5.39
N THR A 13 -7.51 -2.96 6.06
CA THR A 13 -8.69 -2.46 5.38
C THR A 13 -8.61 -0.96 5.17
N ALA A 14 -9.47 -0.44 4.29
CA ALA A 14 -9.49 1.00 4.00
C ALA A 14 -9.78 1.80 5.25
N ALA A 15 -10.56 1.22 6.16
CA ALA A 15 -10.91 1.88 7.41
C ALA A 15 -9.67 2.20 8.23
N ARG A 16 -8.78 1.22 8.37
CA ARG A 16 -7.56 1.39 9.13
C ARG A 16 -6.67 2.47 8.51
N LEU A 17 -6.38 2.31 7.22
CA LEU A 17 -5.54 3.26 6.51
C LEU A 17 -6.16 4.66 6.53
N HIS A 18 -7.49 4.71 6.56
CA HIS A 18 -8.20 5.98 6.58
C HIS A 18 -8.10 6.64 7.96
N GLU A 19 -8.17 5.82 9.00
CA GLU A 19 -8.08 6.31 10.37
C GLU A 19 -6.65 6.69 10.72
N LYS A 20 -5.70 5.98 10.13
CA LYS A 20 -4.28 6.25 10.38
C LYS A 20 -3.84 7.54 9.69
N GLY A 21 -4.46 7.85 8.56
CA GLY A 21 -4.11 9.06 7.84
C GLY A 21 -3.65 8.77 6.42
N VAL A 22 -3.18 7.55 6.19
CA VAL A 22 -2.70 7.15 4.86
C VAL A 22 -3.79 7.34 3.81
N LEU A 23 -4.86 6.56 3.91
CA LEU A 23 -5.96 6.65 2.96
C LEU A 23 -6.72 7.96 3.14
N LEU A 24 -7.11 8.57 2.01
CA LEU A 24 -7.85 9.83 2.05
C LEU A 24 -9.33 9.59 1.79
N GLU A 25 -9.66 9.16 0.57
CA GLU A 25 -11.04 8.89 0.20
C GLU A 25 -11.11 7.96 -1.01
N ILE A 26 -12.31 7.49 -1.32
CA ILE A 26 -12.52 6.61 -2.46
C ILE A 26 -13.63 7.12 -3.36
N GLU A 27 -13.32 7.24 -4.65
CA GLU A 27 -14.30 7.72 -5.63
C GLU A 27 -15.22 6.59 -6.07
N ASP A 28 -15.98 6.03 -5.13
CA ASP A 28 -16.91 4.95 -5.42
C ASP A 28 -17.75 4.60 -4.20
N LEU A 29 -17.08 4.24 -3.12
CA LEU A 29 -17.77 3.88 -1.88
C LEU A 29 -17.66 5.00 -0.85
N GLN A 30 -18.28 4.80 0.30
CA GLN A 30 -18.26 5.79 1.38
C GLN A 30 -17.32 5.34 2.50
N VAL A 31 -17.05 6.26 3.43
CA VAL A 31 -16.17 5.97 4.56
C VAL A 31 -16.68 4.78 5.37
N ASN A 32 -18.00 4.59 5.37
CA ASN A 32 -18.60 3.49 6.12
C ASN A 32 -18.31 2.16 5.43
N GLN A 33 -18.14 2.19 4.11
CA GLN A 33 -17.86 0.99 3.34
C GLN A 33 -16.38 0.62 3.40
N PHE A 34 -15.55 1.53 3.91
CA PHE A 34 -14.12 1.29 4.02
C PHE A 34 -13.82 -0.03 4.73
N LYS A 35 -14.71 -0.42 5.63
CA LYS A 35 -14.55 -1.66 6.38
C LYS A 35 -14.72 -2.87 5.46
N ASN A 36 -15.55 -2.72 4.44
CA ASN A 36 -15.78 -3.80 3.49
C ASN A 36 -14.58 -4.01 2.58
N VAL A 37 -13.98 -2.91 2.14
CA VAL A 37 -12.81 -2.98 1.27
C VAL A 37 -11.58 -3.41 2.04
N ILE A 38 -10.75 -4.24 1.40
CA ILE A 38 -9.52 -4.73 2.03
C ILE A 38 -8.33 -4.60 1.09
N PHE A 39 -7.21 -4.14 1.63
CA PHE A 39 -5.99 -3.96 0.84
C PHE A 39 -4.95 -5.00 1.22
N GLU A 40 -4.46 -5.74 0.23
CA GLU A 40 -3.45 -6.78 0.45
C GLU A 40 -2.14 -6.42 -0.24
N ILE A 41 -1.14 -6.03 0.54
CA ILE A 41 0.16 -5.67 0.00
C ILE A 41 1.17 -6.80 0.20
N SER A 42 1.64 -7.37 -0.91
CA SER A 42 2.61 -8.46 -0.84
C SER A 42 4.03 -7.93 -1.06
N PRO A 43 4.93 -8.17 -0.11
CA PRO A 43 6.32 -7.71 -0.21
C PRO A 43 7.13 -8.53 -1.21
N THR A 44 7.90 -7.84 -2.04
CA THR A 44 8.72 -8.50 -3.05
C THR A 44 10.06 -8.93 -2.46
N GLU A 45 10.87 -9.62 -3.27
CA GLU A 45 12.17 -10.09 -2.84
C GLU A 45 13.20 -8.97 -2.89
N GLU A 46 13.02 -8.06 -3.84
CA GLU A 46 13.94 -6.94 -4.00
C GLU A 46 13.48 -5.74 -3.17
N VAL A 47 14.23 -4.64 -3.26
CA VAL A 47 13.90 -3.43 -2.51
C VAL A 47 13.47 -2.32 -3.47
N GLY A 48 12.67 -1.39 -2.96
CA GLY A 48 12.20 -0.28 -3.77
C GLY A 48 10.85 -0.55 -4.39
N ASP A 49 10.70 -1.71 -5.03
CA ASP A 49 9.46 -2.08 -5.67
C ASP A 49 8.54 -2.82 -4.69
N PHE A 50 7.25 -2.51 -4.74
CA PHE A 50 6.28 -3.15 -3.87
C PHE A 50 5.13 -3.74 -4.68
N GLU A 51 4.53 -4.81 -4.15
CA GLU A 51 3.41 -5.46 -4.83
C GLU A 51 2.11 -5.21 -4.07
N VAL A 52 1.24 -4.41 -4.68
CA VAL A 52 -0.05 -4.09 -4.06
C VAL A 52 -1.21 -4.71 -4.85
N LYS A 53 -2.10 -5.37 -4.14
CA LYS A 53 -3.25 -6.02 -4.77
C LYS A 53 -4.56 -5.52 -4.15
N ALA A 54 -5.62 -5.49 -4.96
CA ALA A 54 -6.92 -5.04 -4.50
C ALA A 54 -7.95 -6.16 -4.57
N LYS A 55 -8.49 -6.53 -3.42
CA LYS A 55 -9.49 -7.59 -3.36
C LYS A 55 -10.83 -7.12 -3.91
N PHE A 56 -11.13 -7.53 -5.14
CA PHE A 56 -12.39 -7.16 -5.78
C PHE A 56 -12.53 -7.84 -7.14
N MET A 57 -11.64 -7.50 -8.06
CA MET A 57 -11.67 -8.09 -9.41
C MET A 57 -10.25 -8.42 -9.88
N GLY A 58 -9.64 -9.41 -9.23
CA GLY A 58 -8.29 -9.81 -9.60
C GLY A 58 -8.23 -11.22 -10.13
N VAL A 59 -9.33 -11.66 -10.75
CA VAL A 59 -9.39 -13.01 -11.32
C VAL A 59 -8.68 -13.09 -12.66
N GLN A 60 -8.70 -11.98 -13.40
CA GLN A 60 -8.05 -11.93 -14.71
C GLN A 60 -7.22 -10.65 -14.85
N MET A 61 -6.66 -10.19 -13.74
CA MET A 61 -5.84 -8.98 -13.74
C MET A 61 -4.53 -9.22 -13.00
N GLU A 62 -3.52 -8.41 -13.33
CA GLU A 62 -2.21 -8.54 -12.70
C GLU A 62 -2.13 -7.67 -11.44
N THR A 63 -1.08 -7.87 -10.67
CA THR A 63 -0.88 -7.10 -9.43
C THR A 63 -0.18 -5.78 -9.72
N PHE A 64 -0.77 -4.69 -9.26
CA PHE A 64 -0.19 -3.36 -9.47
C PHE A 64 1.15 -3.24 -8.78
N MET A 65 2.16 -2.79 -9.52
CA MET A 65 3.50 -2.63 -8.98
C MET A 65 3.77 -1.17 -8.62
N LEU A 66 3.76 -0.87 -7.33
CA LEU A 66 4.00 0.48 -6.86
C LEU A 66 5.50 0.76 -6.76
N HIS A 67 5.96 1.75 -7.50
CA HIS A 67 7.37 2.12 -7.51
C HIS A 67 7.68 3.11 -6.39
N TYR A 68 8.94 3.16 -5.97
CA TYR A 68 9.35 4.07 -4.91
C TYR A 68 9.65 5.46 -5.46
N GLN A 69 10.33 5.51 -6.60
CA GLN A 69 10.68 6.78 -7.22
C GLN A 69 9.43 7.57 -7.58
N ASP A 70 8.41 6.87 -8.08
CA ASP A 70 7.16 7.51 -8.45
C ASP A 70 6.50 8.19 -7.25
N LEU A 71 6.63 7.55 -6.09
CA LEU A 71 6.05 8.10 -4.86
C LEU A 71 6.76 9.38 -4.45
N LEU A 72 8.09 9.32 -4.37
CA LEU A 72 8.89 10.47 -4.00
C LEU A 72 8.75 11.60 -5.01
N GLN A 73 8.53 11.23 -6.27
CA GLN A 73 8.37 12.21 -7.34
C GLN A 73 7.19 13.14 -7.05
N LEU A 74 6.18 12.61 -6.39
CA LEU A 74 4.99 13.38 -6.05
C LEU A 74 5.30 14.41 -4.96
N GLN A 75 5.99 13.96 -3.92
CA GLN A 75 6.35 14.83 -2.82
C GLN A 75 7.21 16.00 -3.30
N TYR A 76 8.05 15.73 -4.28
CA TYR A 76 8.94 16.75 -4.84
C TYR A 76 8.13 17.81 -5.58
N GLU A 77 7.22 17.36 -6.45
CA GLU A 77 6.39 18.28 -7.22
C GLU A 77 5.38 18.98 -6.33
N GLY A 78 4.80 18.24 -5.39
CA GLY A 78 3.81 18.80 -4.49
C GLY A 78 2.46 18.14 -4.61
N VAL A 79 2.46 16.82 -4.79
CA VAL A 79 1.22 16.07 -4.92
C VAL A 79 1.08 15.04 -3.81
N ALA A 80 0.53 15.46 -2.68
CA ALA A 80 0.34 14.59 -1.53
C ALA A 80 -0.71 13.51 -1.82
N VAL A 81 -1.68 13.86 -2.67
CA VAL A 81 -2.75 12.93 -3.03
C VAL A 81 -2.35 12.10 -4.24
N MET A 82 -2.60 10.79 -4.16
CA MET A 82 -2.27 9.89 -5.25
C MET A 82 -3.53 9.21 -5.79
N LYS A 83 -3.49 8.84 -7.07
CA LYS A 83 -4.63 8.19 -7.70
C LYS A 83 -4.34 6.72 -7.96
N LEU A 84 -5.03 5.85 -7.22
CA LEU A 84 -4.84 4.41 -7.35
C LEU A 84 -6.03 3.77 -8.04
N PHE A 85 -5.79 3.16 -9.20
CA PHE A 85 -6.86 2.51 -9.97
C PHE A 85 -7.93 3.52 -10.38
N ASP A 86 -7.54 4.79 -10.47
CA ASP A 86 -8.46 5.85 -10.86
C ASP A 86 -9.69 5.87 -9.94
N ARG A 87 -9.47 5.55 -8.68
CA ARG A 87 -10.55 5.54 -7.70
C ARG A 87 -10.02 5.81 -6.29
N ALA A 88 -9.40 4.81 -5.70
CA ALA A 88 -8.85 4.94 -4.35
C ALA A 88 -7.70 5.95 -4.32
N LYS A 89 -7.76 6.87 -3.37
CA LYS A 89 -6.72 7.89 -3.23
C LYS A 89 -6.03 7.79 -1.87
N VAL A 90 -4.70 7.75 -1.89
CA VAL A 90 -3.93 7.65 -0.67
C VAL A 90 -2.95 8.82 -0.55
N ASN A 91 -2.56 9.13 0.69
CA ASN A 91 -1.63 10.23 0.95
C ASN A 91 -0.18 9.75 0.81
N VAL A 92 0.55 10.35 -0.12
CA VAL A 92 1.94 9.98 -0.34
C VAL A 92 2.81 10.40 0.84
N ASN A 93 2.43 11.48 1.51
CA ASN A 93 3.18 11.98 2.65
C ASN A 93 3.18 10.97 3.79
N LEU A 94 2.11 10.19 3.89
CA LEU A 94 1.98 9.18 4.94
C LEU A 94 2.20 7.78 4.38
N LEU A 95 1.89 7.59 3.11
CA LEU A 95 2.06 6.30 2.45
C LEU A 95 3.51 5.84 2.54
N ILE A 96 4.45 6.77 2.37
CA ILE A 96 5.86 6.45 2.42
C ILE A 96 6.33 6.28 3.86
N PHE A 97 5.69 7.00 4.77
CA PHE A 97 6.05 6.92 6.19
C PHE A 97 5.74 5.55 6.76
N LEU A 98 4.54 5.05 6.46
CA LEU A 98 4.12 3.74 6.95
C LEU A 98 5.05 2.65 6.45
N LEU A 99 5.26 2.60 5.13
CA LEU A 99 6.12 1.60 4.52
C LEU A 99 7.56 1.74 5.04
N ASN A 100 7.95 2.97 5.34
CA ASN A 100 9.30 3.24 5.85
C ASN A 100 9.57 2.48 7.14
N LYS A 101 8.50 2.14 7.86
CA LYS A 101 8.62 1.41 9.12
C LYS A 101 8.06 -0.01 8.98
N LYS A 102 7.14 -0.20 8.05
CA LYS A 102 6.53 -1.51 7.84
C LYS A 102 7.39 -2.39 6.94
N PHE A 103 7.36 -2.11 5.65
CA PHE A 103 8.14 -2.89 4.68
C PHE A 103 9.62 -2.62 4.82
N TYR A 104 9.98 -1.34 5.00
CA TYR A 104 11.38 -0.95 5.14
C TYR A 104 12.04 -1.71 6.30
N GLY A 105 12.78 -2.76 5.95
CA GLY A 105 13.46 -3.54 6.96
C GLY A 105 14.52 -4.45 6.38
N LYS A 106 15.13 -4.03 5.27
CA LYS A 106 16.16 -4.81 4.61
C LYS A 106 17.48 -4.71 5.37
N SER A 107 17.87 -3.49 5.72
CA SER A 107 19.11 -3.26 6.45
C SER A 107 18.86 -2.45 7.71
N GLY A 108 18.34 -1.24 7.55
CA GLY A 108 18.05 -0.39 8.69
C GLY A 108 18.51 1.05 8.47
N PRO A 109 19.51 1.52 9.23
CA PRO A 109 20.03 2.89 9.10
C PRO A 109 20.43 3.21 7.67
N SER A 110 20.10 4.42 7.22
CA SER A 110 20.44 4.85 5.87
C SER A 110 20.26 6.36 5.72
N SER A 111 20.51 7.09 6.81
CA SER A 111 20.39 8.54 6.80
C SER A 111 20.94 9.13 8.09
N GLY A 112 21.76 10.17 7.95
CA GLY A 112 22.34 10.82 9.11
C GLY A 112 21.52 12.01 9.59
N GLY A 1 3.83 -20.31 11.92
CA GLY A 1 2.79 -21.37 11.92
C GLY A 1 2.91 -22.31 10.73
N SER A 2 3.96 -23.13 10.74
CA SER A 2 4.19 -24.09 9.66
C SER A 2 4.39 -23.36 8.33
N SER A 3 4.99 -22.17 8.39
CA SER A 3 5.24 -21.38 7.19
C SER A 3 6.42 -21.94 6.41
N GLY A 4 6.47 -21.62 5.12
CA GLY A 4 7.54 -22.09 4.28
C GLY A 4 7.48 -21.53 2.87
N SER A 5 6.70 -22.18 2.01
CA SER A 5 6.54 -21.74 0.63
C SER A 5 5.62 -20.53 0.54
N SER A 6 4.55 -20.55 1.33
CA SER A 6 3.60 -19.45 1.34
C SER A 6 3.96 -18.42 2.41
N GLY A 7 4.58 -17.33 1.98
CA GLY A 7 4.97 -16.29 2.92
C GLY A 7 3.78 -15.65 3.60
N ILE A 8 3.96 -14.41 4.05
CA ILE A 8 2.89 -13.68 4.72
C ILE A 8 2.74 -12.28 4.15
N SER A 9 1.49 -11.87 3.92
CA SER A 9 1.21 -10.54 3.37
C SER A 9 0.59 -9.65 4.43
N LEU A 10 0.28 -8.41 4.05
CA LEU A 10 -0.31 -7.45 4.96
C LEU A 10 -1.80 -7.25 4.64
N LYS A 11 -2.66 -7.60 5.59
CA LYS A 11 -4.10 -7.46 5.41
C LYS A 11 -4.63 -6.27 6.19
N TYR A 12 -4.89 -5.17 5.49
CA TYR A 12 -5.40 -3.96 6.13
C TYR A 12 -6.58 -3.40 5.34
N THR A 13 -7.66 -3.07 6.06
CA THR A 13 -8.85 -2.53 5.44
C THR A 13 -8.77 -1.01 5.34
N ALA A 14 -9.60 -0.43 4.47
CA ALA A 14 -9.62 1.02 4.28
C ALA A 14 -9.96 1.74 5.58
N ALA A 15 -10.77 1.10 6.41
CA ALA A 15 -11.17 1.67 7.68
C ALA A 15 -9.97 1.93 8.59
N ARG A 16 -8.98 1.03 8.50
CA ARG A 16 -7.77 1.17 9.30
C ARG A 16 -6.87 2.25 8.75
N LEU A 17 -6.68 2.27 7.45
CA LEU A 17 -5.84 3.26 6.79
C LEU A 17 -6.39 4.67 7.00
N HIS A 18 -7.72 4.79 6.97
CA HIS A 18 -8.37 6.07 7.16
C HIS A 18 -8.15 6.60 8.57
N GLU A 19 -8.19 5.71 9.54
CA GLU A 19 -7.98 6.08 10.94
C GLU A 19 -6.54 6.52 11.18
N LYS A 20 -5.62 5.93 10.43
CA LYS A 20 -4.20 6.27 10.56
C LYS A 20 -3.88 7.54 9.80
N GLY A 21 -4.61 7.79 8.71
CA GLY A 21 -4.37 8.98 7.91
C GLY A 21 -3.91 8.65 6.50
N VAL A 22 -3.46 7.42 6.29
CA VAL A 22 -2.98 6.99 4.99
C VAL A 22 -4.05 7.23 3.91
N LEU A 23 -5.14 6.49 4.00
CA LEU A 23 -6.23 6.61 3.04
C LEU A 23 -7.04 7.88 3.29
N LEU A 24 -7.16 8.71 2.25
CA LEU A 24 -7.90 9.96 2.37
C LEU A 24 -9.37 9.75 2.04
N GLU A 25 -9.66 9.53 0.75
CA GLU A 25 -11.03 9.32 0.31
C GLU A 25 -11.08 8.36 -0.87
N ILE A 26 -12.29 8.10 -1.37
CA ILE A 26 -12.48 7.20 -2.51
C ILE A 26 -13.64 7.65 -3.37
N GLU A 27 -13.37 7.96 -4.63
CA GLU A 27 -14.40 8.40 -5.56
C GLU A 27 -15.24 7.22 -6.04
N ASP A 28 -15.94 6.58 -5.10
CA ASP A 28 -16.79 5.44 -5.43
C ASP A 28 -17.54 4.95 -4.21
N LEU A 29 -16.80 4.61 -3.15
CA LEU A 29 -17.41 4.13 -1.92
C LEU A 29 -17.38 5.20 -0.84
N GLN A 30 -18.06 4.93 0.28
CA GLN A 30 -18.11 5.88 1.38
C GLN A 30 -17.25 5.41 2.55
N VAL A 31 -17.16 6.24 3.58
CA VAL A 31 -16.37 5.91 4.77
C VAL A 31 -16.87 4.63 5.42
N ASN A 32 -18.17 4.38 5.30
CA ASN A 32 -18.77 3.19 5.89
C ASN A 32 -18.39 1.93 5.10
N GLN A 33 -18.14 2.10 3.81
CA GLN A 33 -17.75 0.98 2.95
C GLN A 33 -16.30 0.58 3.19
N PHE A 34 -15.50 1.51 3.69
CA PHE A 34 -14.09 1.26 3.96
C PHE A 34 -13.91 -0.06 4.71
N LYS A 35 -14.91 -0.44 5.50
CA LYS A 35 -14.85 -1.69 6.27
C LYS A 35 -14.68 -2.88 5.35
N ASN A 36 -15.52 -2.96 4.32
CA ASN A 36 -15.45 -4.07 3.37
C ASN A 36 -14.21 -3.99 2.50
N VAL A 37 -13.81 -2.76 2.16
CA VAL A 37 -12.63 -2.54 1.33
C VAL A 37 -11.38 -3.10 2.01
N ILE A 38 -10.53 -3.75 1.23
CA ILE A 38 -9.30 -4.34 1.75
C ILE A 38 -8.16 -4.22 0.74
N PHE A 39 -6.97 -3.90 1.23
CA PHE A 39 -5.80 -3.77 0.37
C PHE A 39 -4.70 -4.75 0.77
N GLU A 40 -4.48 -5.75 -0.08
CA GLU A 40 -3.45 -6.75 0.19
C GLU A 40 -2.12 -6.34 -0.42
N ILE A 41 -1.09 -6.27 0.42
CA ILE A 41 0.24 -5.89 -0.04
C ILE A 41 1.26 -6.99 0.25
N SER A 42 1.79 -7.59 -0.81
CA SER A 42 2.77 -8.66 -0.68
C SER A 42 4.19 -8.11 -0.77
N PRO A 43 4.96 -8.18 0.34
CA PRO A 43 6.34 -7.68 0.36
C PRO A 43 7.21 -8.32 -0.71
N THR A 44 8.40 -7.78 -0.91
CA THR A 44 9.34 -8.30 -1.90
C THR A 44 10.75 -8.37 -1.34
N GLU A 45 11.57 -9.25 -1.91
CA GLU A 45 12.95 -9.41 -1.48
C GLU A 45 13.77 -8.16 -1.79
N GLU A 46 13.41 -7.48 -2.87
CA GLU A 46 14.12 -6.26 -3.27
C GLU A 46 13.52 -5.05 -2.59
N VAL A 47 14.37 -4.07 -2.30
CA VAL A 47 13.93 -2.84 -1.65
C VAL A 47 13.54 -1.78 -2.67
N GLY A 48 12.51 -0.99 -2.35
CA GLY A 48 12.07 0.05 -3.24
C GLY A 48 10.79 -0.32 -3.97
N ASP A 49 10.70 -1.58 -4.39
CA ASP A 49 9.52 -2.07 -5.10
C ASP A 49 8.58 -2.81 -4.16
N PHE A 50 7.28 -2.57 -4.32
CA PHE A 50 6.28 -3.21 -3.47
C PHE A 50 5.18 -3.84 -4.32
N GLU A 51 4.49 -4.82 -3.75
CA GLU A 51 3.40 -5.50 -4.46
C GLU A 51 2.06 -5.17 -3.82
N VAL A 52 1.27 -4.35 -4.51
CA VAL A 52 -0.04 -3.96 -4.01
C VAL A 52 -1.16 -4.62 -4.83
N LYS A 53 -2.22 -5.02 -4.15
CA LYS A 53 -3.36 -5.65 -4.81
C LYS A 53 -4.65 -5.38 -4.06
N ALA A 54 -5.57 -4.68 -4.71
CA ALA A 54 -6.86 -4.35 -4.11
C ALA A 54 -7.89 -5.43 -4.40
N LYS A 55 -8.34 -6.11 -3.36
CA LYS A 55 -9.34 -7.17 -3.50
C LYS A 55 -10.71 -6.58 -3.80
N PHE A 56 -11.09 -6.60 -5.08
CA PHE A 56 -12.39 -6.08 -5.51
C PHE A 56 -12.58 -6.29 -7.01
N MET A 57 -11.79 -5.58 -7.80
CA MET A 57 -11.89 -5.68 -9.25
C MET A 57 -10.59 -6.23 -9.84
N GLY A 58 -9.46 -5.77 -9.32
CA GLY A 58 -8.17 -6.23 -9.80
C GLY A 58 -7.69 -7.47 -9.08
N VAL A 59 -8.46 -8.54 -9.16
CA VAL A 59 -8.11 -9.79 -8.49
C VAL A 59 -7.45 -10.77 -9.48
N GLN A 60 -6.74 -10.22 -10.46
CA GLN A 60 -6.07 -11.04 -11.46
C GLN A 60 -4.68 -11.46 -10.98
N MET A 61 -3.91 -12.04 -11.89
CA MET A 61 -2.55 -12.49 -11.56
C MET A 61 -1.59 -11.31 -11.47
N GLU A 62 -1.75 -10.36 -12.39
CA GLU A 62 -0.89 -9.18 -12.41
C GLU A 62 -1.10 -8.32 -11.17
N THR A 63 -0.03 -8.09 -10.42
CA THR A 63 -0.09 -7.29 -9.21
C THR A 63 0.28 -5.84 -9.50
N PHE A 64 -0.35 -4.92 -8.78
CA PHE A 64 -0.07 -3.50 -8.95
C PHE A 64 1.34 -3.14 -8.49
N MET A 65 2.23 -2.92 -9.46
CA MET A 65 3.62 -2.59 -9.16
C MET A 65 3.74 -1.12 -8.76
N LEU A 66 4.16 -0.88 -7.53
CA LEU A 66 4.32 0.48 -7.02
C LEU A 66 5.79 0.79 -6.76
N HIS A 67 6.40 1.53 -7.68
CA HIS A 67 7.81 1.90 -7.55
C HIS A 67 8.00 2.94 -6.44
N TYR A 68 9.26 3.23 -6.12
CA TYR A 68 9.57 4.21 -5.09
C TYR A 68 9.94 5.55 -5.71
N GLN A 69 10.54 5.51 -6.89
CA GLN A 69 10.94 6.73 -7.59
C GLN A 69 9.73 7.58 -7.94
N ASP A 70 8.61 6.92 -8.19
CA ASP A 70 7.37 7.62 -8.55
C ASP A 70 6.74 8.28 -7.32
N LEU A 71 6.78 7.58 -6.19
CA LEU A 71 6.22 8.09 -4.96
C LEU A 71 6.92 9.39 -4.53
N LEU A 72 8.25 9.35 -4.48
CA LEU A 72 9.02 10.52 -4.10
C LEU A 72 8.85 11.65 -5.11
N GLN A 73 8.62 11.29 -6.36
CA GLN A 73 8.43 12.28 -7.42
C GLN A 73 7.20 13.14 -7.14
N LEU A 74 6.19 12.54 -6.53
CA LEU A 74 4.96 13.26 -6.20
C LEU A 74 5.22 14.36 -5.18
N GLN A 75 5.99 14.04 -4.15
CA GLN A 75 6.31 15.00 -3.10
C GLN A 75 7.23 16.09 -3.64
N TYR A 76 8.07 15.73 -4.61
CA TYR A 76 8.99 16.68 -5.21
C TYR A 76 8.25 17.66 -6.12
N GLU A 77 7.23 17.17 -6.80
CA GLU A 77 6.43 18.00 -7.70
C GLU A 77 5.40 18.81 -6.93
N GLY A 78 4.46 18.12 -6.29
CA GLY A 78 3.44 18.78 -5.52
C GLY A 78 2.12 18.03 -5.53
N VAL A 79 2.20 16.72 -5.32
CA VAL A 79 1.01 15.87 -5.30
C VAL A 79 0.90 15.10 -3.99
N ALA A 80 0.16 15.65 -3.04
CA ALA A 80 -0.03 15.00 -1.75
C ALA A 80 -0.99 13.82 -1.85
N VAL A 81 -1.95 13.93 -2.76
CA VAL A 81 -2.93 12.86 -2.95
C VAL A 81 -2.62 12.05 -4.20
N MET A 82 -2.69 10.73 -4.08
CA MET A 82 -2.41 9.84 -5.20
C MET A 82 -3.69 9.17 -5.69
N LYS A 83 -3.93 9.25 -6.99
CA LYS A 83 -5.12 8.65 -7.59
C LYS A 83 -4.86 7.19 -7.98
N LEU A 84 -5.32 6.28 -7.12
CA LEU A 84 -5.15 4.85 -7.37
C LEU A 84 -6.43 4.23 -7.93
N PHE A 85 -6.29 3.43 -8.97
CA PHE A 85 -7.44 2.77 -9.60
C PHE A 85 -8.44 3.80 -10.11
N ASP A 86 -7.97 5.02 -10.35
CA ASP A 86 -8.83 6.09 -10.84
C ASP A 86 -10.03 6.30 -9.92
N ARG A 87 -9.86 5.97 -8.64
CA ARG A 87 -10.93 6.11 -7.67
C ARG A 87 -10.36 6.36 -6.27
N ALA A 88 -9.81 5.30 -5.67
CA ALA A 88 -9.24 5.39 -4.34
C ALA A 88 -8.13 6.44 -4.28
N LYS A 89 -8.05 7.16 -3.16
CA LYS A 89 -7.04 8.19 -2.98
C LYS A 89 -6.25 7.96 -1.70
N VAL A 90 -4.92 7.99 -1.81
CA VAL A 90 -4.05 7.77 -0.66
C VAL A 90 -3.08 8.93 -0.49
N ASN A 91 -2.65 9.17 0.74
CA ASN A 91 -1.71 10.24 1.03
C ASN A 91 -0.28 9.78 0.76
N VAL A 92 0.42 10.54 -0.09
CA VAL A 92 1.80 10.20 -0.43
C VAL A 92 2.73 10.48 0.74
N ASN A 93 2.38 11.46 1.57
CA ASN A 93 3.19 11.82 2.72
C ASN A 93 3.09 10.75 3.81
N LEU A 94 1.96 10.05 3.86
CA LEU A 94 1.75 9.00 4.85
C LEU A 94 1.96 7.61 4.24
N LEU A 95 1.72 7.49 2.95
CA LEU A 95 1.87 6.21 2.26
C LEU A 95 3.29 5.68 2.42
N ILE A 96 4.27 6.55 2.29
CA ILE A 96 5.67 6.16 2.42
C ILE A 96 6.05 5.96 3.89
N PHE A 97 5.41 6.71 4.77
CA PHE A 97 5.68 6.62 6.20
C PHE A 97 5.38 5.22 6.72
N LEU A 98 4.27 4.65 6.27
CA LEU A 98 3.87 3.31 6.69
C LEU A 98 4.84 2.26 6.17
N LEU A 99 5.32 2.46 4.96
CA LEU A 99 6.27 1.52 4.34
C LEU A 99 7.69 1.77 4.84
N ASN A 100 7.96 2.99 5.28
CA ASN A 100 9.28 3.35 5.78
C ASN A 100 9.72 2.42 6.91
N LYS A 101 8.75 1.87 7.63
CA LYS A 101 9.04 0.96 8.74
C LYS A 101 8.52 -0.44 8.46
N LYS A 102 7.39 -0.53 7.77
CA LYS A 102 6.80 -1.82 7.44
C LYS A 102 7.74 -2.66 6.57
N PHE A 103 8.00 -2.17 5.35
CA PHE A 103 8.87 -2.87 4.42
C PHE A 103 10.31 -2.39 4.56
N TYR A 104 10.50 -1.07 4.57
CA TYR A 104 11.83 -0.49 4.68
C TYR A 104 12.52 -0.95 5.97
N GLY A 105 13.65 -1.62 5.82
CA GLY A 105 14.38 -2.12 6.96
C GLY A 105 14.75 -3.58 6.84
N LYS A 106 15.84 -3.85 6.12
CA LYS A 106 16.30 -5.22 5.93
C LYS A 106 17.04 -5.73 7.16
N SER A 107 17.72 -4.82 7.85
CA SER A 107 18.47 -5.17 9.05
C SER A 107 17.54 -5.63 10.17
N GLY A 108 17.53 -6.93 10.42
CA GLY A 108 16.67 -7.47 11.47
C GLY A 108 17.34 -7.45 12.84
N PRO A 109 17.08 -8.46 13.68
CA PRO A 109 17.68 -8.53 15.02
C PRO A 109 19.18 -8.77 14.97
N SER A 110 19.94 -7.69 15.10
CA SER A 110 21.41 -7.77 15.07
C SER A 110 22.00 -7.38 16.42
N SER A 111 23.32 -7.37 16.49
CA SER A 111 24.02 -7.02 17.73
C SER A 111 24.93 -5.81 17.51
N GLY A 112 24.44 -4.63 17.89
CA GLY A 112 25.23 -3.42 17.73
C GLY A 112 24.49 -2.18 18.19
N GLY A 1 13.70 -22.58 15.57
CA GLY A 1 13.76 -21.40 16.47
C GLY A 1 13.39 -20.11 15.79
N SER A 2 12.08 -19.85 15.71
CA SER A 2 11.59 -18.64 15.07
C SER A 2 10.27 -18.18 15.69
N SER A 3 9.91 -16.93 15.46
CA SER A 3 8.67 -16.38 16.00
C SER A 3 7.61 -16.23 14.91
N GLY A 4 6.45 -15.71 15.29
CA GLY A 4 5.38 -15.53 14.32
C GLY A 4 5.11 -14.06 14.03
N SER A 5 4.00 -13.55 14.55
CA SER A 5 3.62 -12.16 14.33
C SER A 5 3.44 -11.86 12.85
N SER A 6 2.19 -11.81 12.41
CA SER A 6 1.88 -11.53 11.02
C SER A 6 2.42 -12.63 10.11
N GLY A 7 1.54 -13.26 9.34
CA GLY A 7 1.95 -14.31 8.44
C GLY A 7 2.53 -13.79 7.15
N ILE A 8 1.87 -14.09 6.03
CA ILE A 8 2.35 -13.64 4.72
C ILE A 8 1.51 -12.46 4.22
N SER A 9 2.17 -11.51 3.57
CA SER A 9 1.49 -10.33 3.04
C SER A 9 0.83 -9.54 4.15
N LEU A 10 0.55 -8.26 3.87
CA LEU A 10 -0.09 -7.39 4.85
C LEU A 10 -1.60 -7.36 4.66
N LYS A 11 -2.32 -7.02 5.72
CA LYS A 11 -3.78 -6.95 5.66
C LYS A 11 -4.29 -5.70 6.38
N TYR A 12 -4.77 -4.74 5.60
CA TYR A 12 -5.30 -3.50 6.17
C TYR A 12 -6.47 -2.98 5.34
N THR A 13 -7.62 -2.82 6.00
CA THR A 13 -8.83 -2.34 5.33
C THR A 13 -8.74 -0.83 5.09
N ALA A 14 -9.64 -0.33 4.24
CA ALA A 14 -9.67 1.09 3.93
C ALA A 14 -9.91 1.92 5.18
N ALA A 15 -10.71 1.38 6.10
CA ALA A 15 -11.02 2.08 7.34
C ALA A 15 -9.79 2.22 8.22
N ARG A 16 -8.95 1.18 8.23
CA ARG A 16 -7.73 1.19 9.03
C ARG A 16 -6.75 2.24 8.52
N LEU A 17 -6.65 2.37 7.20
CA LEU A 17 -5.74 3.33 6.59
C LEU A 17 -6.27 4.76 6.77
N HIS A 18 -7.60 4.90 6.69
CA HIS A 18 -8.22 6.21 6.85
C HIS A 18 -7.91 6.80 8.22
N GLU A 19 -8.06 5.98 9.26
CA GLU A 19 -7.80 6.42 10.62
C GLU A 19 -6.33 6.82 10.79
N LYS A 20 -5.44 6.09 10.13
CA LYS A 20 -4.01 6.36 10.21
C LYS A 20 -3.67 7.65 9.45
N GLY A 21 -4.42 7.93 8.40
CA GLY A 21 -4.19 9.12 7.61
C GLY A 21 -3.75 8.82 6.19
N VAL A 22 -3.30 7.59 5.96
CA VAL A 22 -2.85 7.16 4.64
C VAL A 22 -3.96 7.34 3.60
N LEU A 23 -5.02 6.55 3.74
CA LEU A 23 -6.15 6.62 2.81
C LEU A 23 -6.95 7.90 3.03
N LEU A 24 -7.24 8.62 1.94
CA LEU A 24 -8.00 9.85 2.01
C LEU A 24 -9.49 9.60 1.79
N GLU A 25 -9.84 9.22 0.55
CA GLU A 25 -11.22 8.95 0.20
C GLU A 25 -11.31 8.07 -1.04
N ILE A 26 -12.53 7.76 -1.45
CA ILE A 26 -12.75 6.92 -2.62
C ILE A 26 -13.86 7.48 -3.50
N GLU A 27 -13.63 7.50 -4.81
CA GLU A 27 -14.62 8.01 -5.75
C GLU A 27 -15.59 6.92 -6.17
N ASP A 28 -16.24 6.30 -5.19
CA ASP A 28 -17.20 5.23 -5.45
C ASP A 28 -17.82 4.73 -4.15
N LEU A 29 -16.99 4.62 -3.11
CA LEU A 29 -17.47 4.15 -1.82
C LEU A 29 -17.36 5.25 -0.76
N GLN A 30 -18.01 5.04 0.38
CA GLN A 30 -17.99 6.00 1.47
C GLN A 30 -17.21 5.46 2.66
N VAL A 31 -16.98 6.33 3.65
CA VAL A 31 -16.25 5.94 4.85
C VAL A 31 -16.89 4.74 5.53
N ASN A 32 -18.21 4.61 5.36
CA ASN A 32 -18.95 3.51 5.96
C ASN A 32 -18.65 2.19 5.24
N GLN A 33 -18.32 2.29 3.96
CA GLN A 33 -18.01 1.11 3.15
C GLN A 33 -16.53 0.74 3.25
N PHE A 34 -15.73 1.63 3.84
CA PHE A 34 -14.30 1.37 3.99
C PHE A 34 -14.04 0.03 4.67
N LYS A 35 -14.99 -0.41 5.48
CA LYS A 35 -14.87 -1.69 6.18
C LYS A 35 -14.87 -2.86 5.20
N ASN A 36 -15.63 -2.70 4.11
CA ASN A 36 -15.73 -3.75 3.10
C ASN A 36 -14.73 -3.52 1.98
N VAL A 37 -13.49 -3.19 2.34
CA VAL A 37 -12.43 -2.94 1.37
C VAL A 37 -11.06 -3.26 1.95
N ILE A 38 -10.54 -4.44 1.60
CA ILE A 38 -9.23 -4.86 2.10
C ILE A 38 -8.16 -4.68 1.03
N PHE A 39 -6.96 -4.31 1.46
CA PHE A 39 -5.85 -4.11 0.54
C PHE A 39 -4.71 -5.07 0.85
N GLU A 40 -4.59 -6.12 0.02
CA GLU A 40 -3.55 -7.12 0.21
C GLU A 40 -2.24 -6.67 -0.44
N ILE A 41 -1.16 -6.68 0.34
CA ILE A 41 0.14 -6.27 -0.15
C ILE A 41 1.16 -7.39 0.00
N SER A 42 1.84 -7.73 -1.10
CA SER A 42 2.84 -8.79 -1.09
C SER A 42 4.25 -8.21 -1.08
N PRO A 43 4.99 -8.37 0.03
CA PRO A 43 6.36 -7.85 0.15
C PRO A 43 7.35 -8.65 -0.68
N THR A 44 7.95 -8.00 -1.68
CA THR A 44 8.92 -8.65 -2.54
C THR A 44 10.28 -8.77 -1.85
N GLU A 45 11.22 -9.42 -2.53
CA GLU A 45 12.56 -9.61 -1.98
C GLU A 45 13.45 -8.41 -2.32
N GLU A 46 13.32 -7.92 -3.54
CA GLU A 46 14.11 -6.78 -3.99
C GLU A 46 13.66 -5.49 -3.30
N VAL A 47 14.62 -4.66 -2.91
CA VAL A 47 14.31 -3.40 -2.24
C VAL A 47 13.80 -2.36 -3.24
N GLY A 48 12.72 -1.68 -2.87
CA GLY A 48 12.15 -0.66 -3.73
C GLY A 48 10.88 -1.13 -4.42
N ASP A 49 10.79 -2.44 -4.64
CA ASP A 49 9.61 -3.01 -5.29
C ASP A 49 8.50 -3.27 -4.28
N PHE A 50 7.27 -2.92 -4.65
CA PHE A 50 6.12 -3.11 -3.78
C PHE A 50 4.93 -3.67 -4.56
N GLU A 51 4.62 -4.94 -4.32
CA GLU A 51 3.50 -5.58 -4.99
C GLU A 51 2.20 -5.40 -4.21
N VAL A 52 1.33 -4.54 -4.71
CA VAL A 52 0.05 -4.27 -4.06
C VAL A 52 -1.10 -4.88 -4.85
N LYS A 53 -2.11 -5.36 -4.14
CA LYS A 53 -3.28 -5.97 -4.77
C LYS A 53 -4.57 -5.56 -4.04
N ALA A 54 -5.64 -5.44 -4.80
CA ALA A 54 -6.94 -5.06 -4.23
C ALA A 54 -8.09 -5.53 -5.12
N LYS A 55 -8.74 -6.62 -4.70
CA LYS A 55 -9.86 -7.18 -5.44
C LYS A 55 -10.89 -7.78 -4.50
N PHE A 56 -11.98 -8.30 -5.07
CA PHE A 56 -13.04 -8.90 -4.28
C PHE A 56 -13.20 -10.38 -4.62
N MET A 57 -12.09 -11.03 -4.98
CA MET A 57 -12.10 -12.44 -5.33
C MET A 57 -10.81 -13.12 -4.90
N GLY A 58 -9.69 -12.59 -5.38
CA GLY A 58 -8.39 -13.15 -5.04
C GLY A 58 -7.86 -14.07 -6.12
N VAL A 59 -7.87 -13.58 -7.36
CA VAL A 59 -7.38 -14.37 -8.49
C VAL A 59 -6.04 -13.82 -9.01
N GLN A 60 -5.04 -14.69 -9.06
CA GLN A 60 -3.71 -14.30 -9.53
C GLN A 60 -3.72 -14.05 -11.04
N MET A 61 -3.66 -12.79 -11.42
CA MET A 61 -3.66 -12.41 -12.84
C MET A 61 -2.60 -11.36 -13.13
N GLU A 62 -2.63 -10.28 -12.35
CA GLU A 62 -1.67 -9.19 -12.53
C GLU A 62 -1.76 -8.20 -11.37
N THR A 63 -0.81 -8.29 -10.44
CA THR A 63 -0.78 -7.39 -9.28
C THR A 63 -0.34 -6.00 -9.69
N PHE A 64 -0.53 -5.04 -8.79
CA PHE A 64 -0.14 -3.65 -9.05
C PHE A 64 1.27 -3.38 -8.57
N MET A 65 2.16 -3.06 -9.51
CA MET A 65 3.56 -2.78 -9.18
C MET A 65 3.73 -1.33 -8.74
N LEU A 66 3.93 -1.13 -7.44
CA LEU A 66 4.11 0.21 -6.89
C LEU A 66 5.59 0.50 -6.64
N HIS A 67 6.13 1.46 -7.40
CA HIS A 67 7.53 1.84 -7.26
C HIS A 67 7.72 2.86 -6.15
N TYR A 68 8.96 3.10 -5.77
CA TYR A 68 9.28 4.06 -4.72
C TYR A 68 9.60 5.43 -5.30
N GLN A 69 10.19 5.43 -6.49
CA GLN A 69 10.55 6.67 -7.17
C GLN A 69 9.32 7.53 -7.43
N ASP A 70 8.24 6.88 -7.87
CA ASP A 70 6.99 7.58 -8.17
C ASP A 70 6.46 8.28 -6.92
N LEU A 71 6.62 7.64 -5.77
CA LEU A 71 6.15 8.20 -4.52
C LEU A 71 6.91 9.48 -4.17
N LEU A 72 8.22 9.44 -4.35
CA LEU A 72 9.06 10.60 -4.05
C LEU A 72 8.81 11.72 -5.06
N GLN A 73 8.48 11.34 -6.29
CA GLN A 73 8.22 12.31 -7.35
C GLN A 73 7.03 13.21 -6.97
N LEU A 74 6.09 12.65 -6.23
CA LEU A 74 4.91 13.39 -5.81
C LEU A 74 5.25 14.40 -4.71
N GLN A 75 6.22 14.05 -3.88
CA GLN A 75 6.65 14.92 -2.80
C GLN A 75 7.39 16.14 -3.34
N TYR A 76 8.22 15.91 -4.36
CA TYR A 76 8.99 17.00 -4.96
C TYR A 76 8.09 17.92 -5.77
N GLU A 77 7.11 17.33 -6.46
CA GLU A 77 6.18 18.11 -7.27
C GLU A 77 5.18 18.86 -6.39
N GLY A 78 4.76 18.21 -5.31
CA GLY A 78 3.81 18.83 -4.40
C GLY A 78 2.46 18.15 -4.44
N VAL A 79 2.44 16.87 -4.76
CA VAL A 79 1.21 16.11 -4.82
C VAL A 79 1.05 15.19 -3.61
N ALA A 80 0.30 15.66 -2.61
CA ALA A 80 0.09 14.88 -1.40
C ALA A 80 -0.90 13.75 -1.64
N VAL A 81 -1.83 13.97 -2.58
CA VAL A 81 -2.84 12.97 -2.90
C VAL A 81 -2.38 12.09 -4.05
N MET A 82 -2.62 10.78 -3.92
CA MET A 82 -2.24 9.83 -4.96
C MET A 82 -3.46 9.09 -5.50
N LYS A 83 -3.61 9.11 -6.83
CA LYS A 83 -4.74 8.45 -7.47
C LYS A 83 -4.43 6.97 -7.72
N LEU A 84 -5.04 6.10 -6.93
CA LEU A 84 -4.83 4.66 -7.08
C LEU A 84 -6.07 3.99 -7.67
N PHE A 85 -5.84 3.09 -8.63
CA PHE A 85 -6.94 2.38 -9.27
C PHE A 85 -7.90 3.35 -9.97
N ASP A 86 -7.40 4.55 -10.27
CA ASP A 86 -8.23 5.56 -10.93
C ASP A 86 -9.53 5.81 -10.17
N ARG A 87 -9.47 5.62 -8.85
CA ARG A 87 -10.65 5.83 -8.01
C ARG A 87 -10.24 6.23 -6.59
N ALA A 88 -9.78 5.24 -5.83
CA ALA A 88 -9.36 5.48 -4.45
C ALA A 88 -8.14 6.40 -4.40
N LYS A 89 -8.12 7.28 -3.40
CA LYS A 89 -7.00 8.21 -3.24
C LYS A 89 -6.25 7.94 -1.94
N VAL A 90 -4.94 8.20 -1.96
CA VAL A 90 -4.11 7.98 -0.78
C VAL A 90 -3.16 9.15 -0.56
N ASN A 91 -2.68 9.28 0.68
CA ASN A 91 -1.75 10.36 1.02
C ASN A 91 -0.31 9.91 0.85
N VAL A 92 0.42 10.59 -0.02
CA VAL A 92 1.82 10.25 -0.27
C VAL A 92 2.69 10.59 0.94
N ASN A 93 2.27 11.58 1.72
CA ASN A 93 3.02 11.99 2.90
C ASN A 93 3.00 10.89 3.97
N LEU A 94 1.94 10.10 3.99
CA LEU A 94 1.81 9.02 4.96
C LEU A 94 2.01 7.65 4.30
N LEU A 95 1.68 7.57 3.01
CA LEU A 95 1.83 6.32 2.27
C LEU A 95 3.27 5.82 2.33
N ILE A 96 4.22 6.74 2.21
CA ILE A 96 5.63 6.39 2.25
C ILE A 96 6.10 6.15 3.69
N PHE A 97 5.47 6.83 4.64
CA PHE A 97 5.82 6.70 6.04
C PHE A 97 5.58 5.27 6.52
N LEU A 98 4.41 4.72 6.17
CA LEU A 98 4.06 3.37 6.57
C LEU A 98 5.09 2.36 6.06
N LEU A 99 5.47 2.49 4.80
CA LEU A 99 6.45 1.59 4.19
C LEU A 99 7.84 1.84 4.75
N ASN A 100 8.10 3.09 5.12
CA ASN A 100 9.40 3.47 5.68
C ASN A 100 9.69 2.72 6.98
N LYS A 101 8.64 2.29 7.66
CA LYS A 101 8.79 1.58 8.92
C LYS A 101 8.37 0.11 8.78
N LYS A 102 7.58 -0.19 7.75
CA LYS A 102 7.11 -1.55 7.52
C LYS A 102 8.07 -2.30 6.60
N PHE A 103 7.98 -2.03 5.31
CA PHE A 103 8.83 -2.70 4.33
C PHE A 103 10.29 -2.29 4.48
N TYR A 104 10.52 -1.00 4.75
CA TYR A 104 11.87 -0.48 4.92
C TYR A 104 12.61 -1.25 6.01
N GLY A 105 13.66 -1.97 5.62
CA GLY A 105 14.44 -2.73 6.57
C GLY A 105 15.63 -3.42 5.93
N LYS A 106 16.24 -2.75 4.95
CA LYS A 106 17.40 -3.30 4.26
C LYS A 106 18.57 -2.32 4.27
N SER A 107 18.30 -1.09 3.84
CA SER A 107 19.32 -0.06 3.80
C SER A 107 19.11 0.96 4.91
N GLY A 108 19.32 0.52 6.15
CA GLY A 108 19.15 1.41 7.29
C GLY A 108 20.28 2.40 7.44
N PRO A 109 21.51 1.92 7.66
CA PRO A 109 22.69 2.80 7.82
C PRO A 109 23.01 3.57 6.55
N SER A 110 22.66 2.98 5.40
CA SER A 110 22.92 3.62 4.12
C SER A 110 22.20 4.97 4.02
N SER A 111 22.93 5.99 3.57
CA SER A 111 22.37 7.32 3.44
C SER A 111 21.62 7.46 2.11
N GLY A 112 20.48 8.14 2.16
CA GLY A 112 19.69 8.33 0.95
C GLY A 112 18.99 9.67 0.93
N GLY A 1 8.96 -26.67 4.39
CA GLY A 1 8.80 -25.20 4.58
C GLY A 1 9.07 -24.76 6.01
N SER A 2 10.28 -24.30 6.27
CA SER A 2 10.67 -23.86 7.61
C SER A 2 11.66 -22.71 7.53
N SER A 3 11.54 -21.90 6.49
CA SER A 3 12.43 -20.75 6.31
C SER A 3 11.71 -19.44 6.61
N GLY A 4 10.46 -19.34 6.16
CA GLY A 4 9.69 -18.14 6.40
C GLY A 4 10.24 -16.93 5.65
N SER A 5 10.51 -17.10 4.36
CA SER A 5 11.04 -16.03 3.54
C SER A 5 9.94 -15.05 3.15
N SER A 6 8.96 -15.54 2.40
CA SER A 6 7.85 -14.72 1.95
C SER A 6 6.60 -15.56 1.72
N GLY A 7 5.82 -15.77 2.79
CA GLY A 7 4.60 -16.55 2.68
C GLY A 7 3.40 -15.84 3.25
N ILE A 8 3.48 -14.52 3.34
CA ILE A 8 2.38 -13.72 3.87
C ILE A 8 2.48 -12.27 3.41
N SER A 9 1.49 -11.47 3.80
CA SER A 9 1.47 -10.06 3.42
C SER A 9 0.78 -9.22 4.49
N LEU A 10 0.82 -7.90 4.32
CA LEU A 10 0.19 -6.99 5.27
C LEU A 10 -1.29 -6.78 4.94
N LYS A 11 -2.16 -7.29 5.81
CA LYS A 11 -3.59 -7.17 5.61
C LYS A 11 -4.15 -5.97 6.37
N TYR A 12 -4.66 -4.99 5.63
CA TYR A 12 -5.23 -3.79 6.24
C TYR A 12 -6.42 -3.27 5.44
N THR A 13 -7.54 -3.08 6.12
CA THR A 13 -8.75 -2.59 5.46
C THR A 13 -8.66 -1.09 5.21
N ALA A 14 -9.53 -0.59 4.33
CA ALA A 14 -9.55 0.83 4.00
C ALA A 14 -9.82 1.68 5.25
N ALA A 15 -10.61 1.13 6.17
CA ALA A 15 -10.93 1.84 7.40
C ALA A 15 -9.70 2.03 8.27
N ARG A 16 -8.81 1.06 8.25
CA ARG A 16 -7.59 1.11 9.05
C ARG A 16 -6.62 2.14 8.45
N LEU A 17 -6.54 2.19 7.13
CA LEU A 17 -5.66 3.13 6.45
C LEU A 17 -6.21 4.55 6.53
N HIS A 18 -7.53 4.68 6.49
CA HIS A 18 -8.17 5.99 6.56
C HIS A 18 -7.97 6.62 7.93
N GLU A 19 -8.09 5.80 8.98
CA GLU A 19 -7.91 6.28 10.35
C GLU A 19 -6.51 6.83 10.56
N LYS A 20 -5.52 6.12 10.03
CA LYS A 20 -4.12 6.54 10.16
C LYS A 20 -3.87 7.83 9.40
N GLY A 21 -4.60 8.02 8.30
CA GLY A 21 -4.43 9.21 7.50
C GLY A 21 -3.96 8.90 6.09
N VAL A 22 -3.43 7.70 5.88
CA VAL A 22 -2.95 7.30 4.57
C VAL A 22 -4.04 7.42 3.51
N LEU A 23 -5.08 6.59 3.63
CA LEU A 23 -6.19 6.62 2.69
C LEU A 23 -7.09 7.82 2.94
N LEU A 24 -7.21 8.69 1.94
CA LEU A 24 -8.04 9.87 2.04
C LEU A 24 -9.51 9.53 1.83
N GLU A 25 -9.85 9.13 0.62
CA GLU A 25 -11.23 8.77 0.29
C GLU A 25 -11.27 7.82 -0.91
N ILE A 26 -12.44 7.24 -1.16
CA ILE A 26 -12.62 6.32 -2.27
C ILE A 26 -13.85 6.68 -3.10
N GLU A 27 -13.65 6.97 -4.38
CA GLU A 27 -14.74 7.33 -5.27
C GLU A 27 -15.54 6.09 -5.67
N ASP A 28 -16.17 5.45 -4.68
CA ASP A 28 -16.96 4.26 -4.94
C ASP A 28 -17.61 3.76 -3.66
N LEU A 29 -16.81 3.64 -2.60
CA LEU A 29 -17.32 3.17 -1.31
C LEU A 29 -17.35 4.30 -0.30
N GLN A 30 -18.26 4.19 0.67
CA GLN A 30 -18.40 5.21 1.71
C GLN A 30 -17.49 4.90 2.89
N VAL A 31 -17.29 5.89 3.75
CA VAL A 31 -16.45 5.73 4.93
C VAL A 31 -16.86 4.50 5.75
N ASN A 32 -18.14 4.18 5.71
CA ASN A 32 -18.65 3.02 6.44
C ASN A 32 -18.32 1.73 5.72
N GLN A 33 -18.22 1.81 4.39
CA GLN A 33 -17.90 0.64 3.59
C GLN A 33 -16.39 0.36 3.58
N PHE A 34 -15.60 1.31 4.09
CA PHE A 34 -14.16 1.15 4.15
C PHE A 34 -13.76 -0.15 4.84
N LYS A 35 -14.60 -0.59 5.77
CA LYS A 35 -14.34 -1.83 6.50
C LYS A 35 -14.46 -3.04 5.58
N ASN A 36 -15.35 -2.94 4.59
CA ASN A 36 -15.56 -4.03 3.65
C ASN A 36 -14.33 -4.22 2.76
N VAL A 37 -13.89 -3.15 2.13
CA VAL A 37 -12.72 -3.21 1.26
C VAL A 37 -11.46 -3.58 2.03
N ILE A 38 -10.64 -4.43 1.43
CA ILE A 38 -9.40 -4.87 2.07
C ILE A 38 -8.21 -4.66 1.15
N PHE A 39 -7.15 -4.05 1.68
CA PHE A 39 -5.95 -3.77 0.90
C PHE A 39 -4.88 -4.82 1.21
N GLU A 40 -4.51 -5.59 0.19
CA GLU A 40 -3.49 -6.63 0.34
C GLU A 40 -2.20 -6.23 -0.39
N ILE A 41 -1.19 -5.87 0.39
CA ILE A 41 0.10 -5.48 -0.17
C ILE A 41 1.14 -6.59 0.00
N SER A 42 1.52 -7.21 -1.11
CA SER A 42 2.50 -8.28 -1.08
C SER A 42 3.91 -7.73 -1.29
N PRO A 43 4.88 -8.16 -0.46
CA PRO A 43 6.26 -7.71 -0.55
C PRO A 43 7.00 -8.34 -1.72
N THR A 44 8.09 -7.71 -2.15
CA THR A 44 8.88 -8.21 -3.26
C THR A 44 10.24 -8.72 -2.78
N GLU A 45 10.99 -9.34 -3.67
CA GLU A 45 12.31 -9.87 -3.34
C GLU A 45 13.33 -8.75 -3.22
N GLU A 46 13.14 -7.70 -4.01
CA GLU A 46 14.05 -6.56 -3.98
C GLU A 46 13.46 -5.40 -3.19
N VAL A 47 14.32 -4.52 -2.69
CA VAL A 47 13.89 -3.37 -1.91
C VAL A 47 13.44 -2.22 -2.82
N GLY A 48 12.45 -1.47 -2.37
CA GLY A 48 11.95 -0.36 -3.16
C GLY A 48 10.72 -0.73 -3.96
N ASP A 49 10.64 -1.99 -4.37
CA ASP A 49 9.50 -2.47 -5.15
C ASP A 49 8.44 -3.09 -4.25
N PHE A 50 7.18 -2.77 -4.53
CA PHE A 50 6.07 -3.30 -3.74
C PHE A 50 5.00 -3.92 -4.65
N GLU A 51 4.01 -4.55 -4.04
CA GLU A 51 2.93 -5.18 -4.78
C GLU A 51 1.58 -4.88 -4.15
N VAL A 52 0.83 -3.98 -4.77
CA VAL A 52 -0.49 -3.61 -4.27
C VAL A 52 -1.58 -4.44 -4.92
N LYS A 53 -2.51 -4.91 -4.10
CA LYS A 53 -3.62 -5.73 -4.60
C LYS A 53 -4.94 -5.30 -3.97
N ALA A 54 -5.77 -4.60 -4.75
CA ALA A 54 -7.05 -4.13 -4.27
C ALA A 54 -8.19 -4.65 -5.15
N LYS A 55 -8.85 -5.71 -4.68
CA LYS A 55 -9.96 -6.30 -5.43
C LYS A 55 -10.95 -6.98 -4.48
N PHE A 56 -12.21 -7.06 -4.90
CA PHE A 56 -13.25 -7.67 -4.09
C PHE A 56 -13.13 -9.19 -4.12
N MET A 57 -13.14 -9.76 -5.32
CA MET A 57 -13.04 -11.20 -5.49
C MET A 57 -11.74 -11.58 -6.20
N GLY A 58 -11.31 -10.72 -7.12
CA GLY A 58 -10.09 -10.98 -7.86
C GLY A 58 -10.31 -11.90 -9.04
N VAL A 59 -10.44 -11.31 -10.22
CA VAL A 59 -10.66 -12.08 -11.44
C VAL A 59 -9.47 -11.97 -12.40
N GLN A 60 -8.95 -10.76 -12.53
CA GLN A 60 -7.82 -10.51 -13.41
C GLN A 60 -6.52 -11.01 -12.78
N MET A 61 -5.52 -11.30 -13.61
CA MET A 61 -4.24 -11.78 -13.14
C MET A 61 -3.20 -10.66 -13.13
N GLU A 62 -1.96 -11.01 -12.81
CA GLU A 62 -0.88 -10.04 -12.77
C GLU A 62 -1.12 -8.99 -11.68
N THR A 63 -0.37 -9.10 -10.59
CA THR A 63 -0.50 -8.16 -9.47
C THR A 63 0.11 -6.82 -9.82
N PHE A 64 -0.39 -5.76 -9.18
CA PHE A 64 0.11 -4.41 -9.41
C PHE A 64 1.33 -4.13 -8.56
N MET A 65 2.32 -3.47 -9.14
CA MET A 65 3.55 -3.13 -8.44
C MET A 65 3.71 -1.62 -8.29
N LEU A 66 4.08 -1.18 -7.11
CA LEU A 66 4.28 0.24 -6.84
C LEU A 66 5.76 0.59 -6.75
N HIS A 67 6.19 1.56 -7.56
CA HIS A 67 7.59 1.98 -7.57
C HIS A 67 7.86 2.94 -6.42
N TYR A 68 9.12 3.01 -6.02
CA TYR A 68 9.53 3.90 -4.93
C TYR A 68 9.89 5.28 -5.47
N GLN A 69 10.53 5.31 -6.63
CA GLN A 69 10.93 6.57 -7.25
C GLN A 69 9.71 7.42 -7.59
N ASP A 70 8.64 6.77 -8.02
CA ASP A 70 7.41 7.47 -8.38
C ASP A 70 6.83 8.21 -7.18
N LEU A 71 6.90 7.57 -6.01
CA LEU A 71 6.38 8.16 -4.79
C LEU A 71 7.16 9.41 -4.41
N LEU A 72 8.49 9.27 -4.34
CA LEU A 72 9.35 10.39 -3.98
C LEU A 72 9.22 11.52 -5.00
N GLN A 73 8.98 11.16 -6.26
CA GLN A 73 8.82 12.15 -7.31
C GLN A 73 7.66 13.08 -7.02
N LEU A 74 6.64 12.56 -6.35
CA LEU A 74 5.46 13.34 -6.00
C LEU A 74 5.79 14.39 -4.95
N GLN A 75 6.55 13.98 -3.93
CA GLN A 75 6.93 14.88 -2.86
C GLN A 75 7.74 16.06 -3.40
N TYR A 76 8.49 15.82 -4.47
CA TYR A 76 9.30 16.87 -5.08
C TYR A 76 8.42 17.91 -5.76
N GLU A 77 7.41 17.44 -6.49
CA GLU A 77 6.50 18.33 -7.19
C GLU A 77 5.55 19.02 -6.21
N GLY A 78 4.86 18.22 -5.40
CA GLY A 78 3.93 18.77 -4.44
C GLY A 78 2.56 18.13 -4.52
N VAL A 79 2.53 16.81 -4.68
CA VAL A 79 1.28 16.08 -4.78
C VAL A 79 0.99 15.30 -3.49
N ALA A 80 0.04 15.81 -2.71
CA ALA A 80 -0.33 15.16 -1.46
C ALA A 80 -1.25 13.96 -1.71
N VAL A 81 -2.18 14.13 -2.64
CA VAL A 81 -3.12 13.06 -2.96
C VAL A 81 -2.62 12.23 -4.14
N MET A 82 -2.69 10.91 -4.00
CA MET A 82 -2.25 10.00 -5.05
C MET A 82 -3.43 9.28 -5.68
N LYS A 83 -3.35 9.07 -7.00
CA LYS A 83 -4.42 8.40 -7.72
C LYS A 83 -4.10 6.92 -7.92
N LEU A 84 -4.85 6.06 -7.23
CA LEU A 84 -4.64 4.62 -7.32
C LEU A 84 -5.91 3.91 -7.78
N PHE A 85 -5.78 3.06 -8.79
CA PHE A 85 -6.91 2.31 -9.32
C PHE A 85 -7.97 3.26 -9.89
N ASP A 86 -7.57 4.49 -10.18
CA ASP A 86 -8.49 5.49 -10.72
C ASP A 86 -9.74 5.63 -9.85
N ARG A 87 -9.54 5.61 -8.54
CA ARG A 87 -10.65 5.73 -7.60
C ARG A 87 -10.15 6.08 -6.20
N ALA A 88 -9.63 5.08 -5.50
CA ALA A 88 -9.12 5.28 -4.15
C ALA A 88 -7.99 6.31 -4.14
N LYS A 89 -8.06 7.25 -3.19
CA LYS A 89 -7.05 8.29 -3.07
C LYS A 89 -6.24 8.11 -1.79
N VAL A 90 -4.92 8.07 -1.93
CA VAL A 90 -4.04 7.90 -0.78
C VAL A 90 -3.10 9.09 -0.63
N ASN A 91 -2.67 9.35 0.60
CA ASN A 91 -1.77 10.46 0.88
C ASN A 91 -0.31 10.01 0.78
N VAL A 92 0.41 10.60 -0.16
CA VAL A 92 1.82 10.26 -0.36
C VAL A 92 2.66 10.64 0.85
N ASN A 93 2.23 11.68 1.56
CA ASN A 93 2.94 12.15 2.75
C ASN A 93 2.91 11.10 3.85
N LEU A 94 1.83 10.34 3.92
CA LEU A 94 1.68 9.30 4.93
C LEU A 94 1.94 7.91 4.34
N LEU A 95 1.69 7.78 3.04
CA LEU A 95 1.89 6.50 2.36
C LEU A 95 3.32 6.00 2.55
N ILE A 96 4.29 6.85 2.23
CA ILE A 96 5.69 6.49 2.37
C ILE A 96 6.10 6.38 3.83
N PHE A 97 5.45 7.17 4.68
CA PHE A 97 5.74 7.16 6.11
C PHE A 97 5.41 5.81 6.73
N LEU A 98 4.40 5.14 6.19
CA LEU A 98 3.99 3.84 6.68
C LEU A 98 4.93 2.75 6.20
N LEU A 99 5.17 2.71 4.89
CA LEU A 99 6.06 1.71 4.29
C LEU A 99 7.45 1.80 4.88
N ASN A 100 7.86 3.02 5.23
CA ASN A 100 9.18 3.24 5.81
C ASN A 100 9.40 2.39 7.06
N LYS A 101 8.31 2.05 7.74
CA LYS A 101 8.39 1.25 8.95
C LYS A 101 7.80 -0.15 8.72
N LYS A 102 6.84 -0.23 7.81
CA LYS A 102 6.18 -1.50 7.50
C LYS A 102 7.11 -2.41 6.72
N PHE A 103 7.29 -2.12 5.44
CA PHE A 103 8.15 -2.92 4.57
C PHE A 103 9.61 -2.49 4.71
N TYR A 104 9.86 -1.20 4.58
CA TYR A 104 11.21 -0.66 4.69
C TYR A 104 11.85 -1.04 6.02
N GLY A 105 12.56 -2.16 6.03
CA GLY A 105 13.21 -2.62 7.25
C GLY A 105 14.02 -3.89 7.03
N LYS A 106 14.92 -3.85 6.06
CA LYS A 106 15.76 -5.01 5.76
C LYS A 106 16.67 -5.35 6.93
N SER A 107 17.41 -4.35 7.41
CA SER A 107 18.31 -4.55 8.55
C SER A 107 17.63 -4.17 9.86
N GLY A 108 16.94 -3.04 9.84
CA GLY A 108 16.25 -2.57 11.03
C GLY A 108 17.22 -2.10 12.11
N PRO A 109 16.97 -0.93 12.71
CA PRO A 109 17.84 -0.38 13.75
C PRO A 109 17.68 -1.12 15.08
N SER A 110 18.54 -0.79 16.04
CA SER A 110 18.50 -1.41 17.36
C SER A 110 19.20 -0.54 18.40
N SER A 111 18.93 -0.82 19.67
CA SER A 111 19.55 -0.07 20.75
C SER A 111 19.16 1.41 20.67
N GLY A 112 19.54 2.16 21.70
CA GLY A 112 19.23 3.58 21.73
C GLY A 112 19.72 4.27 22.98
N GLY A 1 0.04 -27.10 -6.87
CA GLY A 1 1.11 -28.13 -6.93
C GLY A 1 1.89 -28.22 -5.63
N SER A 2 2.69 -27.19 -5.34
CA SER A 2 3.49 -27.16 -4.13
C SER A 2 4.07 -25.77 -3.91
N SER A 3 4.62 -25.18 -4.97
CA SER A 3 5.22 -23.85 -4.89
C SER A 3 4.22 -22.78 -5.32
N GLY A 4 4.47 -21.54 -4.91
CA GLY A 4 3.59 -20.44 -5.26
C GLY A 4 3.32 -19.52 -4.10
N SER A 5 3.31 -18.21 -4.38
CA SER A 5 3.07 -17.21 -3.33
C SER A 5 4.14 -17.29 -2.25
N SER A 6 4.96 -16.23 -2.18
CA SER A 6 6.02 -16.18 -1.18
C SER A 6 5.46 -16.01 0.22
N GLY A 7 6.28 -16.28 1.22
CA GLY A 7 5.84 -16.16 2.60
C GLY A 7 5.59 -14.72 3.00
N ILE A 8 5.05 -14.53 4.20
CA ILE A 8 4.76 -13.19 4.70
C ILE A 8 3.71 -12.50 3.84
N SER A 9 2.81 -11.76 4.48
CA SER A 9 1.76 -11.04 3.78
C SER A 9 1.05 -10.05 4.70
N LEU A 10 0.82 -8.84 4.20
CA LEU A 10 0.16 -7.81 4.97
C LEU A 10 -1.34 -7.76 4.66
N LYS A 11 -2.13 -7.32 5.64
CA LYS A 11 -3.57 -7.23 5.46
C LYS A 11 -4.15 -6.08 6.30
N TYR A 12 -4.50 -4.99 5.64
CA TYR A 12 -5.06 -3.83 6.33
C TYR A 12 -6.29 -3.30 5.58
N THR A 13 -7.39 -3.14 6.31
CA THR A 13 -8.63 -2.65 5.71
C THR A 13 -8.53 -1.15 5.43
N ALA A 14 -9.38 -0.67 4.52
CA ALA A 14 -9.39 0.73 4.17
C ALA A 14 -9.77 1.61 5.35
N ALA A 15 -10.68 1.10 6.18
CA ALA A 15 -11.12 1.84 7.36
C ALA A 15 -9.97 2.09 8.32
N ARG A 16 -9.01 1.17 8.35
CA ARG A 16 -7.86 1.29 9.23
C ARG A 16 -6.94 2.44 8.78
N LEU A 17 -6.49 2.38 7.54
CA LEU A 17 -5.63 3.42 6.99
C LEU A 17 -6.31 4.78 7.03
N HIS A 18 -7.63 4.78 6.89
CA HIS A 18 -8.40 6.01 6.91
C HIS A 18 -8.34 6.68 8.28
N GLU A 19 -8.49 5.87 9.33
CA GLU A 19 -8.44 6.38 10.70
C GLU A 19 -7.03 6.85 11.05
N LYS A 20 -6.03 6.20 10.47
CA LYS A 20 -4.64 6.56 10.73
C LYS A 20 -4.28 7.88 10.05
N GLY A 21 -4.87 8.12 8.89
CA GLY A 21 -4.59 9.34 8.16
C GLY A 21 -3.97 9.09 6.80
N VAL A 22 -3.40 7.90 6.62
CA VAL A 22 -2.75 7.54 5.37
C VAL A 22 -3.74 7.64 4.21
N LEU A 23 -4.81 6.87 4.27
CA LEU A 23 -5.82 6.87 3.22
C LEU A 23 -6.73 8.10 3.34
N LEU A 24 -6.98 8.75 2.22
CA LEU A 24 -7.83 9.95 2.20
C LEU A 24 -9.26 9.58 1.83
N GLU A 25 -9.48 9.20 0.58
CA GLU A 25 -10.81 8.83 0.10
C GLU A 25 -10.71 7.99 -1.17
N ILE A 26 -11.86 7.59 -1.70
CA ILE A 26 -11.91 6.79 -2.91
C ILE A 26 -13.01 7.28 -3.85
N GLU A 27 -12.77 7.15 -5.15
CA GLU A 27 -13.74 7.57 -6.15
C GLU A 27 -14.66 6.42 -6.55
N ASP A 28 -15.21 5.74 -5.54
CA ASP A 28 -16.11 4.61 -5.78
C ASP A 28 -16.71 4.10 -4.47
N LEU A 29 -15.85 3.86 -3.49
CA LEU A 29 -16.28 3.36 -2.20
C LEU A 29 -16.41 4.51 -1.19
N GLN A 30 -17.59 4.61 -0.58
CA GLN A 30 -17.85 5.66 0.41
C GLN A 30 -17.01 5.43 1.66
N VAL A 31 -17.28 6.23 2.69
CA VAL A 31 -16.55 6.11 3.95
C VAL A 31 -16.89 4.81 4.67
N ASN A 32 -18.18 4.58 4.84
CA ASN A 32 -18.66 3.36 5.52
C ASN A 32 -18.31 2.11 4.71
N GLN A 33 -18.07 2.29 3.42
CA GLN A 33 -17.73 1.18 2.54
C GLN A 33 -16.33 0.67 2.82
N PHE A 34 -15.50 1.51 3.44
CA PHE A 34 -14.13 1.14 3.77
C PHE A 34 -14.08 -0.19 4.52
N LYS A 35 -15.15 -0.50 5.22
CA LYS A 35 -15.24 -1.75 5.98
C LYS A 35 -15.30 -2.95 5.05
N ASN A 36 -15.84 -2.75 3.86
CA ASN A 36 -15.95 -3.83 2.87
C ASN A 36 -14.82 -3.76 1.86
N VAL A 37 -13.65 -3.31 2.31
CA VAL A 37 -12.49 -3.20 1.44
C VAL A 37 -11.21 -3.56 2.20
N ILE A 38 -10.34 -4.32 1.55
CA ILE A 38 -9.08 -4.73 2.16
C ILE A 38 -7.92 -4.57 1.18
N PHE A 39 -6.76 -4.14 1.70
CA PHE A 39 -5.58 -3.95 0.88
C PHE A 39 -4.56 -5.07 1.12
N GLU A 40 -4.34 -5.89 0.11
CA GLU A 40 -3.40 -7.00 0.21
C GLU A 40 -2.05 -6.62 -0.39
N ILE A 41 -1.09 -6.29 0.47
CA ILE A 41 0.24 -5.91 0.03
C ILE A 41 1.23 -7.05 0.22
N SER A 42 1.59 -7.71 -0.88
CA SER A 42 2.52 -8.82 -0.84
C SER A 42 3.96 -8.34 -1.05
N PRO A 43 4.87 -8.66 -0.12
CA PRO A 43 6.27 -8.26 -0.23
C PRO A 43 6.90 -8.67 -1.56
N THR A 44 7.72 -7.79 -2.12
CA THR A 44 8.38 -8.07 -3.39
C THR A 44 9.70 -8.79 -3.17
N GLU A 45 10.27 -9.33 -4.25
CA GLU A 45 11.52 -10.06 -4.18
C GLU A 45 12.70 -9.10 -3.94
N GLU A 46 12.66 -7.96 -4.62
CA GLU A 46 13.72 -6.96 -4.50
C GLU A 46 13.28 -5.82 -3.58
N VAL A 47 14.13 -4.82 -3.44
CA VAL A 47 13.84 -3.67 -2.59
C VAL A 47 13.43 -2.47 -3.43
N GLY A 48 12.51 -1.66 -2.89
CA GLY A 48 12.04 -0.48 -3.60
C GLY A 48 10.70 -0.70 -4.26
N ASP A 49 10.43 -1.95 -4.66
CA ASP A 49 9.17 -2.29 -5.31
C ASP A 49 8.12 -2.70 -4.28
N PHE A 50 6.86 -2.63 -4.67
CA PHE A 50 5.76 -3.00 -3.79
C PHE A 50 4.59 -3.56 -4.57
N GLU A 51 4.07 -4.70 -4.13
CA GLU A 51 2.93 -5.34 -4.80
C GLU A 51 1.62 -4.99 -4.11
N VAL A 52 0.78 -4.24 -4.83
CA VAL A 52 -0.51 -3.82 -4.28
C VAL A 52 -1.65 -4.58 -4.96
N LYS A 53 -2.58 -5.07 -4.15
CA LYS A 53 -3.73 -5.81 -4.66
C LYS A 53 -5.03 -5.33 -4.03
N ALA A 54 -6.11 -5.41 -4.78
CA ALA A 54 -7.42 -4.98 -4.28
C ALA A 54 -8.46 -6.08 -4.46
N LYS A 55 -8.84 -6.72 -3.36
CA LYS A 55 -9.84 -7.78 -3.41
C LYS A 55 -11.21 -7.24 -3.80
N PHE A 56 -11.59 -7.47 -5.05
CA PHE A 56 -12.87 -6.99 -5.56
C PHE A 56 -13.26 -7.72 -6.84
N MET A 57 -12.43 -7.57 -7.87
CA MET A 57 -12.67 -8.22 -9.16
C MET A 57 -11.40 -8.82 -9.72
N GLY A 58 -11.09 -10.05 -9.33
CA GLY A 58 -9.90 -10.72 -9.80
C GLY A 58 -9.95 -10.98 -11.30
N VAL A 59 -9.11 -10.27 -12.05
CA VAL A 59 -9.06 -10.43 -13.50
C VAL A 59 -7.65 -10.77 -13.96
N GLN A 60 -7.50 -11.90 -14.63
CA GLN A 60 -6.20 -12.34 -15.12
C GLN A 60 -5.22 -12.53 -13.97
N MET A 61 -4.18 -13.33 -14.22
CA MET A 61 -3.17 -13.59 -13.19
C MET A 61 -2.07 -12.55 -13.24
N GLU A 62 -2.33 -11.40 -12.61
CA GLU A 62 -1.36 -10.31 -12.59
C GLU A 62 -1.71 -9.30 -11.50
N THR A 63 -0.69 -8.80 -10.82
CA THR A 63 -0.89 -7.81 -9.75
C THR A 63 -0.33 -6.45 -10.15
N PHE A 64 -0.69 -5.42 -9.40
CA PHE A 64 -0.21 -4.07 -9.66
C PHE A 64 1.19 -3.87 -9.11
N MET A 65 1.98 -3.06 -9.81
CA MET A 65 3.35 -2.78 -9.39
C MET A 65 3.50 -1.33 -8.93
N LEU A 66 3.87 -1.15 -7.67
CA LEU A 66 4.04 0.19 -7.11
C LEU A 66 5.51 0.50 -6.87
N HIS A 67 6.03 1.50 -7.58
CA HIS A 67 7.42 1.89 -7.45
C HIS A 67 7.59 2.97 -6.38
N TYR A 68 8.77 2.98 -5.76
CA TYR A 68 9.06 3.96 -4.72
C TYR A 68 9.31 5.34 -5.30
N GLN A 69 9.86 5.36 -6.51
CA GLN A 69 10.16 6.63 -7.19
C GLN A 69 8.88 7.44 -7.40
N ASP A 70 7.79 6.74 -7.70
CA ASP A 70 6.50 7.41 -7.93
C ASP A 70 6.07 8.18 -6.69
N LEU A 71 6.30 7.59 -5.52
CA LEU A 71 5.93 8.22 -4.26
C LEU A 71 6.72 9.51 -4.04
N LEU A 72 8.01 9.46 -4.37
CA LEU A 72 8.87 10.62 -4.20
C LEU A 72 8.65 11.64 -5.32
N GLN A 73 8.27 11.14 -6.49
CA GLN A 73 8.03 12.00 -7.65
C GLN A 73 6.93 13.02 -7.34
N LEU A 74 5.99 12.63 -6.49
CA LEU A 74 4.89 13.50 -6.11
C LEU A 74 5.35 14.57 -5.11
N GLN A 75 6.11 14.13 -4.12
CA GLN A 75 6.63 15.05 -3.10
C GLN A 75 7.55 16.10 -3.72
N TYR A 76 8.25 15.70 -4.77
CA TYR A 76 9.17 16.61 -5.46
C TYR A 76 8.40 17.69 -6.21
N GLU A 77 7.37 17.28 -6.94
CA GLU A 77 6.55 18.23 -7.70
C GLU A 77 5.72 19.11 -6.77
N GLY A 78 4.74 18.49 -6.10
CA GLY A 78 3.89 19.23 -5.19
C GLY A 78 2.51 18.61 -5.06
N VAL A 79 2.46 17.29 -4.91
CA VAL A 79 1.20 16.58 -4.77
C VAL A 79 1.16 15.78 -3.48
N ALA A 80 0.18 16.11 -2.63
CA ALA A 80 0.03 15.42 -1.34
C ALA A 80 -0.84 14.18 -1.49
N VAL A 81 -1.78 14.22 -2.43
CA VAL A 81 -2.67 13.08 -2.67
C VAL A 81 -2.17 12.24 -3.84
N MET A 82 -2.55 10.97 -3.83
CA MET A 82 -2.13 10.04 -4.89
C MET A 82 -3.35 9.43 -5.56
N LYS A 83 -3.12 8.74 -6.68
CA LYS A 83 -4.20 8.10 -7.42
C LYS A 83 -3.90 6.63 -7.65
N LEU A 84 -4.61 5.77 -6.92
CA LEU A 84 -4.42 4.33 -7.05
C LEU A 84 -5.66 3.67 -7.66
N PHE A 85 -5.44 2.90 -8.72
CA PHE A 85 -6.53 2.21 -9.41
C PHE A 85 -7.54 3.20 -9.96
N ASP A 86 -7.09 4.43 -10.21
CA ASP A 86 -7.95 5.47 -10.75
C ASP A 86 -9.18 5.68 -9.86
N ARG A 87 -8.98 5.52 -8.56
CA ARG A 87 -10.07 5.70 -7.60
C ARG A 87 -9.53 5.92 -6.19
N ALA A 88 -8.85 4.91 -5.66
CA ALA A 88 -8.27 5.00 -4.32
C ALA A 88 -7.29 6.16 -4.22
N LYS A 89 -7.52 7.03 -3.24
CA LYS A 89 -6.65 8.19 -3.03
C LYS A 89 -5.96 8.11 -1.66
N VAL A 90 -4.66 7.86 -1.67
CA VAL A 90 -3.89 7.76 -0.44
C VAL A 90 -2.95 8.95 -0.29
N ASN A 91 -2.57 9.23 0.95
CA ASN A 91 -1.67 10.34 1.24
C ASN A 91 -0.22 9.95 0.99
N VAL A 92 0.44 10.66 0.09
CA VAL A 92 1.83 10.39 -0.24
C VAL A 92 2.75 10.75 0.92
N ASN A 93 2.34 11.71 1.73
CA ASN A 93 3.13 12.14 2.87
C ASN A 93 3.09 11.11 3.99
N LEU A 94 2.00 10.35 4.07
CA LEU A 94 1.84 9.33 5.09
C LEU A 94 2.12 7.94 4.53
N LEU A 95 1.85 7.77 3.25
CA LEU A 95 2.06 6.48 2.60
C LEU A 95 3.52 6.04 2.70
N ILE A 96 4.43 7.00 2.57
CA ILE A 96 5.86 6.71 2.66
C ILE A 96 6.31 6.58 4.11
N PHE A 97 5.63 7.29 5.00
CA PHE A 97 5.96 7.24 6.42
C PHE A 97 5.74 5.85 6.99
N LEU A 98 4.62 5.24 6.63
CA LEU A 98 4.28 3.91 7.10
C LEU A 98 5.27 2.87 6.56
N LEU A 99 5.38 2.82 5.24
CA LEU A 99 6.29 1.87 4.58
C LEU A 99 7.72 2.07 5.07
N ASN A 100 8.02 3.25 5.58
CA ASN A 100 9.36 3.56 6.06
C ASN A 100 9.79 2.58 7.15
N LYS A 101 8.83 1.98 7.83
CA LYS A 101 9.12 1.03 8.90
C LYS A 101 8.61 -0.37 8.55
N LYS A 102 7.52 -0.43 7.79
CA LYS A 102 6.94 -1.71 7.40
C LYS A 102 7.93 -2.55 6.61
N PHE A 103 8.17 -2.18 5.36
CA PHE A 103 9.10 -2.92 4.51
C PHE A 103 10.54 -2.41 4.70
N TYR A 104 10.69 -1.10 4.79
CA TYR A 104 12.00 -0.48 4.96
C TYR A 104 12.73 -1.08 6.16
N GLY A 105 13.79 -1.84 5.89
CA GLY A 105 14.55 -2.45 6.96
C GLY A 105 15.71 -3.28 6.44
N LYS A 106 15.40 -4.42 5.86
CA LYS A 106 16.43 -5.31 5.31
C LYS A 106 17.35 -5.84 6.42
N SER A 107 18.29 -5.01 6.85
CA SER A 107 19.22 -5.39 7.90
C SER A 107 18.51 -5.52 9.24
N GLY A 108 17.56 -4.63 9.50
CA GLY A 108 16.82 -4.65 10.74
C GLY A 108 17.35 -3.66 11.76
N PRO A 109 16.54 -3.30 12.77
CA PRO A 109 16.95 -2.35 13.81
C PRO A 109 18.27 -2.74 14.45
N SER A 110 19.27 -1.86 14.36
CA SER A 110 20.57 -2.12 14.95
C SER A 110 21.49 -0.91 14.78
N SER A 111 22.17 -0.53 15.85
CA SER A 111 23.08 0.61 15.82
C SER A 111 24.50 0.17 16.17
N GLY A 112 24.69 -0.32 17.39
CA GLY A 112 26.00 -0.76 17.82
C GLY A 112 26.35 -0.27 19.21
N GLY A 1 6.93 -29.00 16.78
CA GLY A 1 6.67 -27.72 16.07
C GLY A 1 6.34 -26.58 17.01
N SER A 2 7.31 -25.72 17.26
CA SER A 2 7.11 -24.59 18.17
C SER A 2 6.33 -23.47 17.47
N SER A 3 6.09 -22.38 18.19
CA SER A 3 5.36 -21.25 17.65
C SER A 3 6.29 -20.07 17.38
N GLY A 4 6.00 -19.32 16.33
CA GLY A 4 6.82 -18.17 15.98
C GLY A 4 6.78 -17.86 14.49
N SER A 5 5.60 -17.45 14.01
CA SER A 5 5.44 -17.11 12.60
C SER A 5 5.90 -15.68 12.33
N SER A 6 6.14 -15.38 11.06
CA SER A 6 6.58 -14.05 10.66
C SER A 6 5.39 -13.17 10.27
N GLY A 7 4.52 -13.71 9.42
CA GLY A 7 3.34 -12.96 9.00
C GLY A 7 3.52 -12.36 7.61
N ILE A 8 3.60 -13.22 6.60
CA ILE A 8 3.77 -12.77 5.23
C ILE A 8 2.48 -12.14 4.70
N SER A 9 2.63 -11.19 3.78
CA SER A 9 1.48 -10.52 3.19
C SER A 9 0.70 -9.75 4.25
N LEU A 10 0.67 -8.43 4.12
CA LEU A 10 -0.04 -7.58 5.07
C LEU A 10 -1.48 -7.38 4.63
N LYS A 11 -2.42 -7.64 5.54
CA LYS A 11 -3.84 -7.49 5.25
C LYS A 11 -4.43 -6.33 6.03
N TYR A 12 -4.81 -5.27 5.32
CA TYR A 12 -5.39 -4.09 5.95
C TYR A 12 -6.62 -3.61 5.18
N THR A 13 -7.65 -3.20 5.90
CA THR A 13 -8.88 -2.72 5.28
C THR A 13 -8.83 -1.21 5.08
N ALA A 14 -9.77 -0.69 4.31
CA ALA A 14 -9.85 0.75 4.04
C ALA A 14 -9.99 1.55 5.33
N ALA A 15 -10.92 1.11 6.18
CA ALA A 15 -11.16 1.78 7.46
C ALA A 15 -9.91 1.78 8.32
N ARG A 16 -9.14 0.70 8.25
CA ARG A 16 -7.92 0.58 9.03
C ARG A 16 -6.90 1.64 8.63
N LEU A 17 -6.57 1.67 7.34
CA LEU A 17 -5.61 2.64 6.82
C LEU A 17 -6.15 4.05 6.94
N HIS A 18 -7.47 4.19 6.85
CA HIS A 18 -8.11 5.50 6.95
C HIS A 18 -7.88 6.11 8.32
N GLU A 19 -8.11 5.33 9.37
CA GLU A 19 -7.92 5.79 10.73
C GLU A 19 -6.49 6.25 10.97
N LYS A 20 -5.55 5.61 10.26
CA LYS A 20 -4.13 5.95 10.40
C LYS A 20 -3.83 7.28 9.71
N GLY A 21 -4.53 7.54 8.60
CA GLY A 21 -4.32 8.78 7.87
C GLY A 21 -3.86 8.53 6.44
N VAL A 22 -3.33 7.35 6.19
CA VAL A 22 -2.85 6.99 4.85
C VAL A 22 -3.96 7.16 3.81
N LEU A 23 -4.99 6.34 3.92
CA LEU A 23 -6.12 6.39 2.99
C LEU A 23 -6.92 7.67 3.18
N LEU A 24 -7.04 8.46 2.12
CA LEU A 24 -7.78 9.72 2.17
C LEU A 24 -9.27 9.47 1.95
N GLU A 25 -9.63 9.08 0.74
CA GLU A 25 -11.02 8.81 0.40
C GLU A 25 -11.13 7.90 -0.81
N ILE A 26 -12.35 7.59 -1.21
CA ILE A 26 -12.59 6.72 -2.35
C ILE A 26 -13.74 7.24 -3.22
N GLU A 27 -13.44 7.47 -4.50
CA GLU A 27 -14.45 7.98 -5.43
C GLU A 27 -15.37 6.86 -5.90
N ASP A 28 -16.09 6.25 -4.95
CA ASP A 28 -17.01 5.16 -5.27
C ASP A 28 -17.72 4.68 -4.01
N LEU A 29 -17.00 4.62 -2.91
CA LEU A 29 -17.58 4.17 -1.64
C LEU A 29 -17.51 5.29 -0.59
N GLN A 30 -18.16 5.05 0.55
CA GLN A 30 -18.17 6.03 1.63
C GLN A 30 -17.41 5.51 2.85
N VAL A 31 -17.24 6.37 3.84
CA VAL A 31 -16.53 6.00 5.06
C VAL A 31 -17.15 4.77 5.71
N ASN A 32 -18.45 4.58 5.49
CA ASN A 32 -19.15 3.43 6.05
C ASN A 32 -18.78 2.15 5.31
N GLN A 33 -18.42 2.29 4.04
CA GLN A 33 -18.04 1.15 3.22
C GLN A 33 -16.57 0.77 3.41
N PHE A 34 -15.83 1.64 4.11
CA PHE A 34 -14.41 1.39 4.35
C PHE A 34 -14.19 0.06 5.07
N LYS A 35 -15.25 -0.43 5.74
CA LYS A 35 -15.17 -1.69 6.46
C LYS A 35 -15.61 -2.86 5.59
N ASN A 36 -15.40 -2.75 4.28
CA ASN A 36 -15.77 -3.80 3.35
C ASN A 36 -14.61 -4.15 2.44
N VAL A 37 -13.94 -3.13 1.90
CA VAL A 37 -12.81 -3.34 1.01
C VAL A 37 -11.59 -3.80 1.79
N ILE A 38 -10.64 -4.42 1.08
CA ILE A 38 -9.42 -4.91 1.71
C ILE A 38 -8.21 -4.65 0.82
N PHE A 39 -7.10 -4.23 1.46
CA PHE A 39 -5.88 -3.95 0.73
C PHE A 39 -4.80 -4.98 1.05
N GLU A 40 -4.42 -5.77 0.06
CA GLU A 40 -3.41 -6.80 0.24
C GLU A 40 -2.07 -6.35 -0.36
N ILE A 41 -1.11 -6.11 0.52
CA ILE A 41 0.21 -5.67 0.09
C ILE A 41 1.23 -6.80 0.21
N SER A 42 1.85 -7.15 -0.91
CA SER A 42 2.85 -8.22 -0.94
C SER A 42 4.26 -7.64 -1.02
N PRO A 43 5.17 -8.05 -0.11
CA PRO A 43 6.54 -7.57 -0.09
C PRO A 43 7.37 -8.16 -1.23
N THR A 44 8.25 -7.34 -1.82
CA THR A 44 9.09 -7.79 -2.91
C THR A 44 10.53 -8.02 -2.43
N GLU A 45 11.23 -8.92 -3.10
CA GLU A 45 12.61 -9.24 -2.75
C GLU A 45 13.50 -8.01 -2.88
N GLU A 46 13.30 -7.25 -3.97
CA GLU A 46 14.09 -6.05 -4.21
C GLU A 46 13.65 -4.92 -3.29
N VAL A 47 14.62 -4.22 -2.70
CA VAL A 47 14.34 -3.12 -1.81
C VAL A 47 13.87 -1.89 -2.58
N GLY A 48 12.76 -1.31 -2.15
CA GLY A 48 12.23 -0.13 -2.80
C GLY A 48 10.94 -0.41 -3.55
N ASP A 49 10.83 -1.63 -4.09
CA ASP A 49 9.64 -2.02 -4.83
C ASP A 49 8.61 -2.65 -3.90
N PHE A 50 7.34 -2.59 -4.30
CA PHE A 50 6.26 -3.14 -3.50
C PHE A 50 5.15 -3.68 -4.40
N GLU A 51 4.14 -4.29 -3.78
CA GLU A 51 3.01 -4.85 -4.52
C GLU A 51 1.70 -4.59 -3.80
N VAL A 52 0.95 -3.61 -4.26
CA VAL A 52 -0.33 -3.26 -3.66
C VAL A 52 -1.47 -3.98 -4.35
N LYS A 53 -2.60 -4.12 -3.63
CA LYS A 53 -3.77 -4.80 -4.18
C LYS A 53 -5.05 -4.20 -3.62
N ALA A 54 -6.10 -4.20 -4.43
CA ALA A 54 -7.39 -3.66 -4.00
C ALA A 54 -8.54 -4.54 -4.48
N LYS A 55 -9.29 -5.08 -3.53
CA LYS A 55 -10.42 -5.95 -3.83
C LYS A 55 -11.54 -5.15 -4.49
N PHE A 56 -12.40 -5.85 -5.23
CA PHE A 56 -13.52 -5.20 -5.91
C PHE A 56 -13.03 -4.18 -6.93
N MET A 57 -11.95 -4.53 -7.64
CA MET A 57 -11.39 -3.65 -8.64
C MET A 57 -10.26 -4.35 -9.40
N GLY A 58 -10.42 -5.64 -9.63
CA GLY A 58 -9.41 -6.41 -10.35
C GLY A 58 -9.80 -6.66 -11.80
N VAL A 59 -8.80 -6.97 -12.62
CA VAL A 59 -9.04 -7.24 -14.04
C VAL A 59 -8.78 -8.71 -14.37
N GLN A 60 -7.84 -9.32 -13.65
CA GLN A 60 -7.50 -10.72 -13.88
C GLN A 60 -6.56 -11.22 -12.79
N MET A 61 -6.80 -10.81 -11.55
CA MET A 61 -5.98 -11.21 -10.43
C MET A 61 -4.54 -10.72 -10.60
N GLU A 62 -4.40 -9.57 -11.24
CA GLU A 62 -3.08 -8.98 -11.47
C GLU A 62 -2.82 -7.83 -10.50
N THR A 63 -1.99 -8.08 -9.50
CA THR A 63 -1.67 -7.05 -8.50
C THR A 63 -1.02 -5.85 -9.17
N PHE A 64 -1.28 -4.67 -8.60
CA PHE A 64 -0.71 -3.43 -9.14
C PHE A 64 0.65 -3.16 -8.54
N MET A 65 1.68 -3.17 -9.38
CA MET A 65 3.04 -2.91 -8.92
C MET A 65 3.23 -1.44 -8.54
N LEU A 66 3.99 -1.20 -7.49
CA LEU A 66 4.25 0.15 -7.02
C LEU A 66 5.75 0.41 -6.88
N HIS A 67 6.22 1.51 -7.46
CA HIS A 67 7.63 1.87 -7.40
C HIS A 67 7.87 2.98 -6.39
N TYR A 68 9.08 3.06 -5.87
CA TYR A 68 9.44 4.07 -4.88
C TYR A 68 9.77 5.39 -5.57
N GLN A 69 10.32 5.31 -6.77
CA GLN A 69 10.69 6.50 -7.53
C GLN A 69 9.47 7.37 -7.81
N ASP A 70 8.35 6.73 -8.14
CA ASP A 70 7.12 7.44 -8.44
C ASP A 70 6.56 8.09 -7.17
N LEU A 71 6.75 7.44 -6.03
CA LEU A 71 6.27 7.95 -4.77
C LEU A 71 7.04 9.21 -4.35
N LEU A 72 8.35 9.18 -4.58
CA LEU A 72 9.20 10.31 -4.24
C LEU A 72 9.05 11.44 -5.25
N GLN A 73 8.77 11.08 -6.49
CA GLN A 73 8.59 12.07 -7.55
C GLN A 73 7.42 13.00 -7.24
N LEU A 74 6.42 12.48 -6.55
CA LEU A 74 5.25 13.26 -6.19
C LEU A 74 5.60 14.30 -5.13
N GLN A 75 6.34 13.88 -4.10
CA GLN A 75 6.74 14.77 -3.02
C GLN A 75 7.57 15.93 -3.56
N TYR A 76 8.32 15.66 -4.62
CA TYR A 76 9.17 16.70 -5.22
C TYR A 76 8.32 17.70 -6.00
N GLU A 77 7.35 17.20 -6.75
CA GLU A 77 6.48 18.06 -7.55
C GLU A 77 5.48 18.78 -6.65
N GLY A 78 5.00 18.08 -5.62
CA GLY A 78 4.04 18.69 -4.71
C GLY A 78 2.68 18.03 -4.80
N VAL A 79 2.66 16.75 -5.14
CA VAL A 79 1.41 16.01 -5.25
C VAL A 79 1.20 15.08 -4.06
N ALA A 80 0.63 15.63 -2.99
CA ALA A 80 0.38 14.86 -1.78
C ALA A 80 -0.59 13.71 -2.04
N VAL A 81 -1.54 13.95 -2.95
CA VAL A 81 -2.54 12.94 -3.29
C VAL A 81 -2.02 12.04 -4.41
N MET A 82 -2.39 10.76 -4.34
CA MET A 82 -1.96 9.79 -5.35
C MET A 82 -3.17 9.09 -5.97
N LYS A 83 -3.28 9.17 -7.29
CA LYS A 83 -4.39 8.54 -8.01
C LYS A 83 -4.17 7.03 -8.14
N LEU A 84 -4.81 6.28 -7.24
CA LEU A 84 -4.68 4.82 -7.25
C LEU A 84 -5.95 4.18 -7.80
N PHE A 85 -5.79 3.26 -8.74
CA PHE A 85 -6.92 2.56 -9.35
C PHE A 85 -7.88 3.55 -10.00
N ASP A 86 -7.38 4.73 -10.35
CA ASP A 86 -8.20 5.75 -10.99
C ASP A 86 -9.45 6.04 -10.16
N ARG A 87 -9.34 5.91 -8.84
CA ARG A 87 -10.46 6.16 -7.95
C ARG A 87 -9.98 6.41 -6.53
N ALA A 88 -9.53 5.36 -5.87
CA ALA A 88 -9.03 5.46 -4.50
C ALA A 88 -7.87 6.44 -4.41
N LYS A 89 -7.95 7.37 -3.46
CA LYS A 89 -6.91 8.36 -3.27
C LYS A 89 -6.16 8.12 -1.95
N VAL A 90 -4.84 8.12 -2.01
CA VAL A 90 -4.02 7.90 -0.83
C VAL A 90 -2.98 9.01 -0.66
N ASN A 91 -2.66 9.34 0.58
CA ASN A 91 -1.69 10.38 0.88
C ASN A 91 -0.27 9.85 0.70
N VAL A 92 0.49 10.47 -0.19
CA VAL A 92 1.86 10.06 -0.45
C VAL A 92 2.77 10.40 0.73
N ASN A 93 2.43 11.47 1.44
CA ASN A 93 3.22 11.90 2.59
C ASN A 93 3.13 10.88 3.72
N LEU A 94 2.00 10.19 3.80
CA LEU A 94 1.80 9.18 4.84
C LEU A 94 1.97 7.77 4.29
N LEU A 95 1.67 7.61 3.00
CA LEU A 95 1.78 6.30 2.35
C LEU A 95 3.21 5.78 2.44
N ILE A 96 4.18 6.65 2.17
CA ILE A 96 5.59 6.27 2.22
C ILE A 96 6.08 6.18 3.66
N PHE A 97 5.53 7.02 4.53
CA PHE A 97 5.92 7.03 5.93
C PHE A 97 5.68 5.68 6.57
N LEU A 98 4.51 5.10 6.33
CA LEU A 98 4.16 3.80 6.89
C LEU A 98 5.14 2.73 6.44
N LEU A 99 5.33 2.61 5.13
CA LEU A 99 6.24 1.63 4.57
C LEU A 99 7.67 1.87 5.06
N ASN A 100 8.00 3.14 5.32
CA ASN A 100 9.33 3.50 5.78
C ASN A 100 9.69 2.77 7.07
N LYS A 101 8.66 2.38 7.84
CA LYS A 101 8.88 1.68 9.09
C LYS A 101 8.37 0.24 9.02
N LYS A 102 7.44 -0.02 8.11
CA LYS A 102 6.88 -1.36 7.93
C LYS A 102 7.81 -2.24 7.12
N PHE A 103 7.82 -2.04 5.80
CA PHE A 103 8.66 -2.83 4.91
C PHE A 103 10.12 -2.41 5.00
N TYR A 104 10.36 -1.10 5.01
CA TYR A 104 11.71 -0.58 5.09
C TYR A 104 12.44 -1.12 6.32
N GLY A 105 13.49 -1.92 6.07
CA GLY A 105 14.25 -2.50 7.17
C GLY A 105 15.48 -3.22 6.68
N LYS A 106 15.31 -4.10 5.70
CA LYS A 106 16.41 -4.87 5.15
C LYS A 106 17.09 -5.71 6.23
N SER A 107 16.78 -7.00 6.24
CA SER A 107 17.35 -7.91 7.23
C SER A 107 17.34 -9.35 6.71
N GLY A 108 16.16 -9.82 6.32
CA GLY A 108 16.03 -11.17 5.82
C GLY A 108 14.69 -11.42 5.15
N PRO A 109 14.51 -10.96 3.90
CA PRO A 109 13.25 -11.14 3.17
C PRO A 109 13.03 -12.59 2.77
N SER A 110 12.00 -12.82 1.93
CA SER A 110 11.69 -14.16 1.47
C SER A 110 11.37 -14.16 -0.03
N SER A 111 11.15 -15.35 -0.58
CA SER A 111 10.85 -15.49 -2.00
C SER A 111 9.38 -15.19 -2.26
N GLY A 112 8.50 -15.87 -1.53
CA GLY A 112 7.07 -15.67 -1.70
C GLY A 112 6.29 -16.97 -1.65
N GLY A 1 4.45 -26.27 -12.96
CA GLY A 1 4.39 -25.30 -11.83
C GLY A 1 4.42 -25.99 -10.48
N SER A 2 4.78 -25.25 -9.44
CA SER A 2 4.85 -25.80 -8.09
C SER A 2 4.65 -24.70 -7.05
N SER A 3 5.41 -23.62 -7.18
CA SER A 3 5.32 -22.50 -6.26
C SER A 3 5.56 -21.17 -6.97
N GLY A 4 4.80 -20.16 -6.59
CA GLY A 4 4.95 -18.85 -7.22
C GLY A 4 4.17 -17.76 -6.49
N SER A 5 4.07 -17.91 -5.17
CA SER A 5 3.34 -16.93 -4.36
C SER A 5 4.05 -16.70 -3.03
N SER A 6 3.43 -15.88 -2.17
CA SER A 6 4.00 -15.57 -0.87
C SER A 6 3.04 -15.98 0.25
N GLY A 7 3.59 -16.44 1.36
CA GLY A 7 2.77 -16.86 2.48
C GLY A 7 2.86 -15.89 3.66
N ILE A 8 3.19 -14.64 3.36
CA ILE A 8 3.30 -13.62 4.40
C ILE A 8 3.23 -12.22 3.80
N SER A 9 2.04 -11.62 3.83
CA SER A 9 1.83 -10.29 3.29
C SER A 9 1.06 -9.41 4.28
N LEU A 10 1.06 -8.11 4.04
CA LEU A 10 0.36 -7.17 4.90
C LEU A 10 -1.09 -7.01 4.49
N LYS A 11 -2.00 -7.10 5.45
CA LYS A 11 -3.42 -6.97 5.19
C LYS A 11 -4.01 -5.80 5.96
N TYR A 12 -4.38 -4.74 5.23
CA TYR A 12 -4.96 -3.56 5.84
C TYR A 12 -6.21 -3.11 5.09
N THR A 13 -7.27 -2.82 5.85
CA THR A 13 -8.53 -2.39 5.25
C THR A 13 -8.58 -0.87 5.11
N ALA A 14 -9.50 -0.39 4.29
CA ALA A 14 -9.65 1.05 4.07
C ALA A 14 -9.94 1.78 5.39
N ALA A 15 -10.76 1.16 6.23
CA ALA A 15 -11.12 1.75 7.51
C ALA A 15 -9.90 1.94 8.39
N ARG A 16 -8.92 1.05 8.23
CA ARG A 16 -7.68 1.13 9.01
C ARG A 16 -6.79 2.25 8.51
N LEU A 17 -6.45 2.21 7.23
CA LEU A 17 -5.60 3.23 6.63
C LEU A 17 -6.24 4.61 6.74
N HIS A 18 -7.57 4.64 6.63
CA HIS A 18 -8.31 5.90 6.72
C HIS A 18 -8.12 6.55 8.08
N GLU A 19 -8.25 5.75 9.14
CA GLU A 19 -8.08 6.25 10.49
C GLU A 19 -6.66 6.74 10.74
N LYS A 20 -5.69 6.02 10.18
CA LYS A 20 -4.29 6.38 10.32
C LYS A 20 -3.98 7.67 9.57
N GLY A 21 -4.69 7.89 8.47
CA GLY A 21 -4.46 9.09 7.67
C GLY A 21 -3.97 8.77 6.27
N VAL A 22 -3.40 7.58 6.09
CA VAL A 22 -2.90 7.17 4.79
C VAL A 22 -3.97 7.30 3.70
N LEU A 23 -5.01 6.47 3.81
CA LEU A 23 -6.09 6.49 2.85
C LEU A 23 -6.95 7.75 3.01
N LEU A 24 -7.05 8.54 1.95
CA LEU A 24 -7.83 9.76 1.97
C LEU A 24 -9.32 9.46 1.81
N GLU A 25 -9.70 8.97 0.63
CA GLU A 25 -11.09 8.64 0.35
C GLU A 25 -11.19 7.62 -0.77
N ILE A 26 -12.41 7.18 -1.06
CA ILE A 26 -12.65 6.20 -2.11
C ILE A 26 -13.82 6.61 -3.00
N GLU A 27 -13.51 6.89 -4.26
CA GLU A 27 -14.55 7.30 -5.22
C GLU A 27 -15.36 6.10 -5.69
N ASP A 28 -16.08 5.48 -4.76
CA ASP A 28 -16.90 4.32 -5.09
C ASP A 28 -17.75 3.90 -3.89
N LEU A 29 -17.12 3.75 -2.74
CA LEU A 29 -17.81 3.35 -1.52
C LEU A 29 -17.87 4.50 -0.52
N GLN A 30 -18.57 4.29 0.58
CA GLN A 30 -18.70 5.30 1.62
C GLN A 30 -17.75 5.03 2.77
N VAL A 31 -17.64 5.99 3.69
CA VAL A 31 -16.76 5.87 4.84
C VAL A 31 -17.11 4.63 5.67
N ASN A 32 -18.40 4.35 5.79
CA ASN A 32 -18.86 3.20 6.56
C ASN A 32 -18.55 1.89 5.82
N GLN A 33 -18.43 1.97 4.50
CA GLN A 33 -18.13 0.80 3.69
C GLN A 33 -16.63 0.48 3.67
N PHE A 34 -15.82 1.41 4.19
CA PHE A 34 -14.37 1.22 4.22
C PHE A 34 -14.01 -0.12 4.85
N LYS A 35 -14.83 -0.58 5.78
CA LYS A 35 -14.59 -1.86 6.46
C LYS A 35 -14.64 -3.01 5.47
N ASN A 36 -15.40 -2.85 4.40
CA ASN A 36 -15.54 -3.89 3.38
C ASN A 36 -14.29 -3.95 2.50
N VAL A 37 -13.73 -2.79 2.18
CA VAL A 37 -12.54 -2.72 1.35
C VAL A 37 -11.32 -3.30 2.08
N ILE A 38 -10.51 -4.06 1.35
CA ILE A 38 -9.31 -4.67 1.92
C ILE A 38 -8.17 -4.66 0.91
N PHE A 39 -7.07 -4.02 1.29
CA PHE A 39 -5.90 -3.93 0.42
C PHE A 39 -4.88 -5.02 0.77
N GLU A 40 -4.52 -5.82 -0.23
CA GLU A 40 -3.55 -6.90 -0.03
C GLU A 40 -2.22 -6.55 -0.67
N ILE A 41 -1.22 -6.27 0.16
CA ILE A 41 0.12 -5.92 -0.33
C ILE A 41 1.07 -7.10 -0.20
N SER A 42 1.53 -7.61 -1.33
CA SER A 42 2.46 -8.74 -1.34
C SER A 42 3.91 -8.26 -1.46
N PRO A 43 4.73 -8.50 -0.42
CA PRO A 43 6.13 -8.08 -0.42
C PRO A 43 6.97 -8.87 -1.41
N THR A 44 8.00 -8.23 -1.96
CA THR A 44 8.88 -8.87 -2.93
C THR A 44 10.20 -9.27 -2.27
N GLU A 45 10.99 -10.06 -2.99
CA GLU A 45 12.28 -10.51 -2.49
C GLU A 45 13.24 -9.34 -2.32
N GLU A 46 13.16 -8.39 -3.25
CA GLU A 46 14.03 -7.21 -3.21
C GLU A 46 13.45 -6.15 -2.29
N VAL A 47 14.22 -5.09 -2.05
CA VAL A 47 13.78 -3.99 -1.19
C VAL A 47 13.50 -2.73 -2.00
N GLY A 48 12.26 -2.24 -1.91
CA GLY A 48 11.89 -1.05 -2.63
C GLY A 48 10.65 -1.25 -3.48
N ASP A 49 10.46 -2.48 -3.96
CA ASP A 49 9.31 -2.81 -4.79
C ASP A 49 8.18 -3.41 -3.95
N PHE A 50 6.95 -2.98 -4.23
CA PHE A 50 5.79 -3.49 -3.50
C PHE A 50 4.67 -3.87 -4.47
N GLU A 51 4.01 -4.99 -4.18
CA GLU A 51 2.93 -5.49 -5.02
C GLU A 51 1.57 -5.12 -4.42
N VAL A 52 0.87 -4.20 -5.07
CA VAL A 52 -0.45 -3.77 -4.60
C VAL A 52 -1.55 -4.59 -5.24
N LYS A 53 -2.45 -5.12 -4.41
CA LYS A 53 -3.56 -5.92 -4.90
C LYS A 53 -4.83 -5.64 -4.10
N ALA A 54 -5.75 -4.90 -4.70
CA ALA A 54 -7.01 -4.55 -4.05
C ALA A 54 -8.16 -4.49 -5.06
N LYS A 55 -8.99 -5.54 -5.06
CA LYS A 55 -10.12 -5.60 -5.97
C LYS A 55 -11.24 -6.46 -5.39
N PHE A 56 -12.46 -6.23 -5.86
CA PHE A 56 -13.62 -6.97 -5.38
C PHE A 56 -13.75 -8.30 -6.12
N MET A 57 -13.39 -8.29 -7.41
CA MET A 57 -13.48 -9.49 -8.23
C MET A 57 -12.10 -9.92 -8.72
N GLY A 58 -11.30 -8.93 -9.12
CA GLY A 58 -9.95 -9.21 -9.61
C GLY A 58 -9.88 -9.22 -11.13
N VAL A 59 -9.12 -8.28 -11.67
CA VAL A 59 -8.96 -8.18 -13.12
C VAL A 59 -7.56 -8.62 -13.55
N GLN A 60 -7.52 -9.48 -14.58
CA GLN A 60 -6.25 -9.98 -15.10
C GLN A 60 -5.49 -10.74 -14.01
N MET A 61 -4.35 -11.30 -14.39
CA MET A 61 -3.52 -12.07 -13.45
C MET A 61 -2.38 -11.21 -12.92
N GLU A 62 -1.76 -10.43 -13.81
CA GLU A 62 -0.65 -9.57 -13.44
C GLU A 62 -1.08 -8.56 -12.37
N THR A 63 -0.40 -8.58 -11.23
CA THR A 63 -0.71 -7.67 -10.13
C THR A 63 -0.14 -6.29 -10.40
N PHE A 64 -0.64 -5.30 -9.66
CA PHE A 64 -0.17 -3.92 -9.82
C PHE A 64 1.16 -3.72 -9.12
N MET A 65 2.18 -3.35 -9.89
CA MET A 65 3.51 -3.12 -9.34
C MET A 65 3.73 -1.64 -9.04
N LEU A 66 3.97 -1.33 -7.77
CA LEU A 66 4.19 0.05 -7.35
C LEU A 66 5.67 0.31 -7.13
N HIS A 67 6.13 1.47 -7.59
CA HIS A 67 7.53 1.86 -7.44
C HIS A 67 7.72 2.85 -6.31
N TYR A 68 8.97 3.06 -5.90
CA TYR A 68 9.27 3.98 -4.81
C TYR A 68 9.70 5.34 -5.37
N GLN A 69 10.40 5.32 -6.49
CA GLN A 69 10.87 6.55 -7.13
C GLN A 69 9.71 7.45 -7.51
N ASP A 70 8.58 6.84 -7.87
CA ASP A 70 7.39 7.60 -8.25
C ASP A 70 6.78 8.29 -7.04
N LEU A 71 6.87 7.64 -5.89
CA LEU A 71 6.32 8.20 -4.66
C LEU A 71 7.08 9.45 -4.24
N LEU A 72 8.40 9.32 -4.15
CA LEU A 72 9.25 10.45 -3.75
C LEU A 72 9.12 11.59 -4.75
N GLN A 73 8.92 11.26 -6.02
CA GLN A 73 8.78 12.26 -7.07
C GLN A 73 7.55 13.14 -6.82
N LEU A 74 6.52 12.55 -6.23
CA LEU A 74 5.29 13.28 -5.93
C LEU A 74 5.50 14.26 -4.77
N GLN A 75 6.28 13.82 -3.78
CA GLN A 75 6.56 14.66 -2.62
C GLN A 75 7.38 15.89 -3.02
N TYR A 76 8.20 15.73 -4.04
CA TYR A 76 9.04 16.83 -4.52
C TYR A 76 8.28 17.69 -5.53
N GLU A 77 7.40 17.06 -6.29
CA GLU A 77 6.61 17.78 -7.29
C GLU A 77 5.51 18.60 -6.63
N GLY A 78 4.96 18.09 -5.53
CA GLY A 78 3.91 18.80 -4.82
C GLY A 78 2.58 18.07 -4.89
N VAL A 79 2.63 16.75 -5.02
CA VAL A 79 1.42 15.94 -5.09
C VAL A 79 1.23 15.11 -3.83
N ALA A 80 0.36 15.59 -2.94
CA ALA A 80 0.09 14.90 -1.69
C ALA A 80 -0.91 13.77 -1.89
N VAL A 81 -1.79 13.93 -2.87
CA VAL A 81 -2.80 12.92 -3.16
C VAL A 81 -2.35 11.99 -4.29
N MET A 82 -2.54 10.70 -4.10
CA MET A 82 -2.15 9.71 -5.11
C MET A 82 -3.36 8.90 -5.56
N LYS A 83 -3.61 8.93 -6.87
CA LYS A 83 -4.75 8.20 -7.43
C LYS A 83 -4.42 6.71 -7.56
N LEU A 84 -4.98 5.91 -6.66
CA LEU A 84 -4.76 4.47 -6.67
C LEU A 84 -5.94 3.74 -7.33
N PHE A 85 -5.63 2.91 -8.31
CA PHE A 85 -6.67 2.15 -9.02
C PHE A 85 -7.65 3.09 -9.71
N ASP A 86 -7.22 4.32 -9.97
CA ASP A 86 -8.06 5.31 -10.63
C ASP A 86 -9.39 5.48 -9.88
N ARG A 87 -9.35 5.24 -8.57
CA ARG A 87 -10.55 5.38 -7.75
C ARG A 87 -10.21 5.94 -6.37
N ALA A 88 -9.64 5.08 -5.53
CA ALA A 88 -9.26 5.49 -4.18
C ALA A 88 -8.00 6.36 -4.19
N LYS A 89 -7.93 7.30 -3.25
CA LYS A 89 -6.80 8.21 -3.16
C LYS A 89 -6.09 8.04 -1.82
N VAL A 90 -4.76 8.05 -1.85
CA VAL A 90 -3.97 7.90 -0.63
C VAL A 90 -2.97 9.05 -0.48
N ASN A 91 -2.68 9.40 0.76
CA ASN A 91 -1.73 10.48 1.05
C ASN A 91 -0.30 10.03 0.81
N VAL A 92 0.39 10.72 -0.10
CA VAL A 92 1.78 10.38 -0.42
C VAL A 92 2.70 10.68 0.76
N ASN A 93 2.42 11.78 1.46
CA ASN A 93 3.22 12.18 2.61
C ASN A 93 3.19 11.12 3.70
N LEU A 94 2.06 10.41 3.79
CA LEU A 94 1.90 9.35 4.79
C LEU A 94 2.16 7.98 4.20
N LEU A 95 1.90 7.84 2.90
CA LEU A 95 2.11 6.56 2.22
C LEU A 95 3.56 6.10 2.35
N ILE A 96 4.50 7.00 2.08
CA ILE A 96 5.91 6.68 2.18
C ILE A 96 6.35 6.60 3.62
N PHE A 97 5.72 7.38 4.49
CA PHE A 97 6.05 7.39 5.91
C PHE A 97 5.73 6.04 6.55
N LEU A 98 4.53 5.54 6.28
CA LEU A 98 4.09 4.25 6.82
C LEU A 98 5.03 3.14 6.38
N LEU A 99 5.31 3.08 5.09
CA LEU A 99 6.19 2.05 4.53
C LEU A 99 7.60 2.21 5.06
N ASN A 100 7.98 3.44 5.39
CA ASN A 100 9.30 3.73 5.92
C ASN A 100 9.59 2.92 7.18
N LYS A 101 8.53 2.60 7.91
CA LYS A 101 8.67 1.82 9.14
C LYS A 101 8.13 0.40 8.97
N LYS A 102 7.13 0.26 8.10
CA LYS A 102 6.53 -1.04 7.84
C LYS A 102 7.47 -1.93 7.03
N PHE A 103 7.54 -1.65 5.73
CA PHE A 103 8.39 -2.43 4.83
C PHE A 103 9.86 -2.10 5.07
N TYR A 104 10.18 -0.81 5.08
CA TYR A 104 11.55 -0.36 5.30
C TYR A 104 12.10 -0.88 6.63
N GLY A 105 13.03 -1.83 6.56
CA GLY A 105 13.61 -2.39 7.76
C GLY A 105 13.73 -3.89 7.71
N LYS A 106 14.90 -4.38 7.34
CA LYS A 106 15.15 -5.81 7.25
C LYS A 106 15.82 -6.33 8.52
N SER A 107 15.41 -5.81 9.66
CA SER A 107 15.97 -6.23 10.94
C SER A 107 15.37 -7.55 11.39
N GLY A 108 16.02 -8.65 11.00
CA GLY A 108 15.54 -9.96 11.38
C GLY A 108 15.97 -10.36 12.78
N PRO A 109 16.50 -11.59 12.97
CA PRO A 109 16.94 -12.06 14.28
C PRO A 109 18.18 -11.31 14.77
N SER A 110 18.40 -11.34 16.08
CA SER A 110 19.55 -10.66 16.67
C SER A 110 20.40 -11.64 17.48
N SER A 111 20.35 -12.91 17.12
CA SER A 111 21.11 -13.94 17.81
C SER A 111 20.85 -13.90 19.32
N GLY A 112 21.68 -14.63 20.07
CA GLY A 112 21.52 -14.66 21.51
C GLY A 112 22.26 -13.53 22.21
N GLY A 1 -0.68 -24.22 12.38
CA GLY A 1 -0.03 -23.36 11.35
C GLY A 1 -0.98 -23.00 10.22
N SER A 2 -0.43 -22.41 9.16
CA SER A 2 -1.23 -22.01 8.01
C SER A 2 -1.25 -23.10 6.96
N SER A 3 -2.40 -23.28 6.32
CA SER A 3 -2.55 -24.30 5.28
C SER A 3 -1.79 -23.90 4.02
N GLY A 4 -0.61 -24.49 3.83
CA GLY A 4 0.19 -24.19 2.66
C GLY A 4 1.34 -23.24 2.97
N SER A 5 2.03 -22.80 1.93
CA SER A 5 3.15 -21.88 2.09
C SER A 5 3.52 -21.24 0.76
N SER A 6 2.86 -20.13 0.44
CA SER A 6 3.13 -19.41 -0.79
C SER A 6 3.37 -17.94 -0.53
N GLY A 7 3.93 -17.63 0.63
CA GLY A 7 4.20 -16.25 0.99
C GLY A 7 3.07 -15.62 1.78
N ILE A 8 3.35 -14.50 2.43
CA ILE A 8 2.35 -13.81 3.23
C ILE A 8 2.30 -12.33 2.87
N SER A 9 1.10 -11.74 2.96
CA SER A 9 0.91 -10.33 2.64
C SER A 9 0.11 -9.62 3.73
N LEU A 10 0.44 -8.35 3.96
CA LEU A 10 -0.25 -7.57 4.98
C LEU A 10 -1.72 -7.36 4.61
N LYS A 11 -2.61 -7.66 5.54
CA LYS A 11 -4.04 -7.50 5.32
C LYS A 11 -4.59 -6.34 6.12
N TYR A 12 -4.83 -5.22 5.44
CA TYR A 12 -5.36 -4.03 6.10
C TYR A 12 -6.50 -3.43 5.29
N THR A 13 -7.66 -3.28 5.93
CA THR A 13 -8.84 -2.71 5.27
C THR A 13 -8.71 -1.20 5.13
N ALA A 14 -9.56 -0.60 4.30
CA ALA A 14 -9.54 0.84 4.08
C ALA A 14 -9.90 1.58 5.35
N ALA A 15 -10.75 0.99 6.17
CA ALA A 15 -11.18 1.59 7.42
C ALA A 15 -10.01 1.80 8.37
N ARG A 16 -9.02 0.91 8.27
CA ARG A 16 -7.83 0.98 9.13
C ARG A 16 -6.86 2.05 8.62
N LEU A 17 -6.55 1.99 7.32
CA LEU A 17 -5.65 2.95 6.71
C LEU A 17 -6.19 4.37 6.84
N HIS A 18 -7.51 4.49 6.84
CA HIS A 18 -8.16 5.80 6.96
C HIS A 18 -7.84 6.44 8.29
N GLU A 19 -8.12 5.72 9.38
CA GLU A 19 -7.86 6.21 10.72
C GLU A 19 -6.38 6.49 10.93
N LYS A 20 -5.54 5.68 10.30
CA LYS A 20 -4.10 5.82 10.42
C LYS A 20 -3.63 7.14 9.81
N GLY A 21 -4.34 7.58 8.78
CA GLY A 21 -4.00 8.82 8.11
C GLY A 21 -3.59 8.62 6.67
N VAL A 22 -3.13 7.42 6.34
CA VAL A 22 -2.71 7.10 4.99
C VAL A 22 -3.83 7.34 3.99
N LEU A 23 -4.89 6.54 4.10
CA LEU A 23 -6.04 6.67 3.21
C LEU A 23 -6.83 7.94 3.51
N LEU A 24 -7.01 8.78 2.51
CA LEU A 24 -7.74 10.03 2.67
C LEU A 24 -9.24 9.81 2.48
N GLU A 25 -9.63 9.54 1.24
CA GLU A 25 -11.04 9.31 0.91
C GLU A 25 -11.18 8.56 -0.42
N ILE A 26 -12.42 8.29 -0.81
CA ILE A 26 -12.69 7.59 -2.05
C ILE A 26 -13.86 8.22 -2.79
N GLU A 27 -13.65 8.52 -4.07
CA GLU A 27 -14.69 9.13 -4.90
C GLU A 27 -15.62 8.07 -5.47
N ASP A 28 -16.25 7.31 -4.59
CA ASP A 28 -17.17 6.25 -5.01
C ASP A 28 -17.85 5.61 -3.81
N LEU A 29 -17.06 5.06 -2.90
CA LEU A 29 -17.59 4.42 -1.70
C LEU A 29 -17.59 5.39 -0.53
N GLN A 30 -18.41 5.07 0.49
CA GLN A 30 -18.50 5.91 1.68
C GLN A 30 -17.52 5.45 2.75
N VAL A 31 -17.36 6.26 3.79
CA VAL A 31 -16.45 5.94 4.88
C VAL A 31 -16.83 4.62 5.54
N ASN A 32 -18.13 4.32 5.54
CA ASN A 32 -18.62 3.08 6.15
C ASN A 32 -18.31 1.88 5.26
N GLN A 33 -18.24 2.12 3.95
CA GLN A 33 -17.95 1.05 2.99
C GLN A 33 -16.45 0.70 2.99
N PHE A 34 -15.65 1.54 3.63
CA PHE A 34 -14.20 1.32 3.69
C PHE A 34 -13.88 -0.08 4.23
N LYS A 35 -14.76 -0.60 5.08
CA LYS A 35 -14.57 -1.92 5.66
C LYS A 35 -14.56 -2.99 4.57
N ASN A 36 -15.31 -2.75 3.51
CA ASN A 36 -15.39 -3.69 2.39
C ASN A 36 -14.09 -3.72 1.61
N VAL A 37 -13.57 -2.54 1.27
CA VAL A 37 -12.32 -2.44 0.52
C VAL A 37 -11.16 -3.03 1.30
N ILE A 38 -10.32 -3.81 0.62
CA ILE A 38 -9.17 -4.44 1.24
C ILE A 38 -7.92 -4.26 0.40
N PHE A 39 -6.81 -3.92 1.04
CA PHE A 39 -5.55 -3.73 0.35
C PHE A 39 -4.48 -4.69 0.86
N GLU A 40 -4.11 -5.66 0.03
CA GLU A 40 -3.10 -6.64 0.39
C GLU A 40 -1.75 -6.28 -0.22
N ILE A 41 -0.79 -5.94 0.64
CA ILE A 41 0.54 -5.58 0.18
C ILE A 41 1.54 -6.72 0.42
N SER A 42 2.10 -7.24 -0.67
CA SER A 42 3.06 -8.33 -0.58
C SER A 42 4.49 -7.80 -0.63
N PRO A 43 5.35 -8.22 0.32
CA PRO A 43 6.74 -7.78 0.37
C PRO A 43 7.59 -8.43 -0.71
N THR A 44 8.19 -7.61 -1.57
CA THR A 44 9.03 -8.09 -2.66
C THR A 44 10.45 -8.34 -2.18
N GLU A 45 11.17 -9.21 -2.88
CA GLU A 45 12.55 -9.53 -2.53
C GLU A 45 13.42 -8.28 -2.56
N GLU A 46 13.08 -7.35 -3.45
CA GLU A 46 13.84 -6.11 -3.58
C GLU A 46 13.26 -5.02 -2.68
N VAL A 47 14.13 -4.19 -2.13
CA VAL A 47 13.71 -3.10 -1.26
C VAL A 47 13.21 -1.91 -2.07
N GLY A 48 12.22 -1.20 -1.52
CA GLY A 48 11.67 -0.05 -2.21
C GLY A 48 10.43 -0.37 -3.00
N ASP A 49 10.41 -1.56 -3.61
CA ASP A 49 9.27 -1.99 -4.41
C ASP A 49 8.24 -2.70 -3.53
N PHE A 50 7.01 -2.78 -4.03
CA PHE A 50 5.93 -3.43 -3.30
C PHE A 50 4.93 -4.06 -4.25
N GLU A 51 3.97 -4.81 -3.71
CA GLU A 51 2.95 -5.46 -4.51
C GLU A 51 1.55 -5.15 -3.98
N VAL A 52 0.88 -4.21 -4.63
CA VAL A 52 -0.46 -3.82 -4.22
C VAL A 52 -1.53 -4.64 -4.95
N LYS A 53 -2.33 -5.37 -4.19
CA LYS A 53 -3.39 -6.20 -4.76
C LYS A 53 -4.69 -6.03 -3.99
N ALA A 54 -5.79 -5.84 -4.72
CA ALA A 54 -7.10 -5.67 -4.10
C ALA A 54 -8.16 -6.43 -4.88
N LYS A 55 -8.87 -7.31 -4.19
CA LYS A 55 -9.92 -8.11 -4.81
C LYS A 55 -11.09 -7.22 -5.25
N PHE A 56 -11.22 -7.04 -6.56
CA PHE A 56 -12.28 -6.20 -7.11
C PHE A 56 -12.64 -6.65 -8.52
N MET A 57 -11.64 -6.72 -9.40
CA MET A 57 -11.85 -7.13 -10.78
C MET A 57 -11.04 -8.39 -11.09
N GLY A 58 -9.80 -8.44 -10.60
CA GLY A 58 -8.96 -9.59 -10.84
C GLY A 58 -7.97 -9.36 -11.97
N VAL A 59 -6.84 -10.06 -11.93
CA VAL A 59 -5.82 -9.93 -12.96
C VAL A 59 -5.34 -11.29 -13.45
N GLN A 60 -4.48 -11.29 -14.44
CA GLN A 60 -3.94 -12.53 -15.00
C GLN A 60 -2.42 -12.60 -14.82
N MET A 61 -1.99 -13.05 -13.64
CA MET A 61 -0.57 -13.16 -13.36
C MET A 61 0.12 -11.79 -13.45
N GLU A 62 -0.63 -10.74 -13.14
CA GLU A 62 -0.09 -9.38 -13.18
C GLU A 62 -0.58 -8.57 -11.99
N THR A 63 0.32 -8.34 -11.03
CA THR A 63 -0.02 -7.57 -9.84
C THR A 63 0.55 -6.16 -9.92
N PHE A 64 -0.17 -5.20 -9.36
CA PHE A 64 0.26 -3.80 -9.37
C PHE A 64 1.43 -3.59 -8.41
N MET A 65 2.57 -3.16 -8.97
CA MET A 65 3.76 -2.92 -8.17
C MET A 65 3.97 -1.43 -7.94
N LEU A 66 4.01 -1.04 -6.67
CA LEU A 66 4.21 0.37 -6.32
C LEU A 66 5.69 0.72 -6.28
N HIS A 67 6.12 1.52 -7.24
CA HIS A 67 7.53 1.94 -7.30
C HIS A 67 7.82 3.06 -6.31
N TYR A 68 9.01 3.03 -5.73
CA TYR A 68 9.41 4.04 -4.76
C TYR A 68 9.81 5.33 -5.46
N GLN A 69 10.36 5.22 -6.67
CA GLN A 69 10.78 6.38 -7.44
C GLN A 69 9.58 7.26 -7.79
N ASP A 70 8.50 6.63 -8.24
CA ASP A 70 7.29 7.36 -8.61
C ASP A 70 6.73 8.12 -7.41
N LEU A 71 6.80 7.51 -6.24
CA LEU A 71 6.30 8.13 -5.02
C LEU A 71 7.08 9.40 -4.71
N LEU A 72 8.40 9.32 -4.78
CA LEU A 72 9.26 10.47 -4.51
C LEU A 72 9.00 11.59 -5.51
N GLN A 73 8.64 11.22 -6.73
CA GLN A 73 8.37 12.20 -7.78
C GLN A 73 7.19 13.09 -7.40
N LEU A 74 6.23 12.52 -6.67
CA LEU A 74 5.06 13.27 -6.25
C LEU A 74 5.40 14.20 -5.09
N GLN A 75 6.32 13.77 -4.23
CA GLN A 75 6.74 14.57 -3.09
C GLN A 75 7.50 15.81 -3.53
N TYR A 76 8.22 15.69 -4.65
CA TYR A 76 8.99 16.79 -5.18
C TYR A 76 8.09 17.82 -5.86
N GLU A 77 7.18 17.33 -6.70
CA GLU A 77 6.26 18.20 -7.42
C GLU A 77 5.27 18.86 -6.45
N GLY A 78 4.80 18.09 -5.48
CA GLY A 78 3.86 18.62 -4.51
C GLY A 78 2.63 17.74 -4.36
N VAL A 79 2.35 16.93 -5.37
CA VAL A 79 1.19 16.04 -5.34
C VAL A 79 1.20 15.15 -4.10
N ALA A 80 0.52 15.59 -3.06
CA ALA A 80 0.46 14.83 -1.82
C ALA A 80 -0.58 13.72 -1.90
N VAL A 81 -1.54 13.88 -2.81
CA VAL A 81 -2.60 12.88 -2.98
C VAL A 81 -2.41 12.09 -4.27
N MET A 82 -2.64 10.78 -4.19
CA MET A 82 -2.49 9.91 -5.36
C MET A 82 -3.81 9.25 -5.72
N LYS A 83 -4.29 9.51 -6.92
CA LYS A 83 -5.56 8.94 -7.38
C LYS A 83 -5.37 7.48 -7.83
N LEU A 84 -5.75 6.55 -6.96
CA LEU A 84 -5.63 5.14 -7.27
C LEU A 84 -6.95 4.58 -7.78
N PHE A 85 -6.86 3.74 -8.81
CA PHE A 85 -8.05 3.13 -9.40
C PHE A 85 -9.01 4.19 -9.93
N ASP A 86 -8.48 5.40 -10.19
CA ASP A 86 -9.30 6.50 -10.69
C ASP A 86 -10.48 6.78 -9.78
N ARG A 87 -10.35 6.38 -8.51
CA ARG A 87 -11.42 6.59 -7.54
C ARG A 87 -10.86 6.90 -6.16
N ALA A 88 -10.31 5.87 -5.51
CA ALA A 88 -9.72 6.02 -4.19
C ALA A 88 -8.53 6.97 -4.21
N LYS A 89 -8.26 7.60 -3.08
CA LYS A 89 -7.14 8.52 -2.96
C LYS A 89 -6.35 8.27 -1.68
N VAL A 90 -5.03 8.24 -1.80
CA VAL A 90 -4.16 8.00 -0.65
C VAL A 90 -3.12 9.12 -0.51
N ASN A 91 -2.69 9.35 0.73
CA ASN A 91 -1.70 10.39 1.00
C ASN A 91 -0.28 9.86 0.76
N VAL A 92 0.43 10.51 -0.16
CA VAL A 92 1.79 10.12 -0.49
C VAL A 92 2.75 10.43 0.66
N ASN A 93 2.41 11.45 1.45
CA ASN A 93 3.25 11.86 2.56
C ASN A 93 3.20 10.82 3.69
N LEU A 94 2.08 10.13 3.80
CA LEU A 94 1.90 9.10 4.83
C LEU A 94 2.04 7.70 4.23
N LEU A 95 1.67 7.56 2.96
CA LEU A 95 1.75 6.28 2.29
C LEU A 95 3.17 5.71 2.33
N ILE A 96 4.15 6.59 2.08
CA ILE A 96 5.54 6.18 2.09
C ILE A 96 6.06 6.01 3.51
N PHE A 97 5.52 6.80 4.43
CA PHE A 97 5.92 6.74 5.83
C PHE A 97 5.60 5.37 6.43
N LEU A 98 4.39 4.88 6.16
CA LEU A 98 3.95 3.59 6.68
C LEU A 98 4.88 2.47 6.20
N LEU A 99 5.27 2.53 4.92
CA LEU A 99 6.15 1.53 4.36
C LEU A 99 7.60 1.75 4.80
N ASN A 100 7.93 3.00 5.09
CA ASN A 100 9.29 3.35 5.52
C ASN A 100 9.67 2.60 6.80
N LYS A 101 8.66 2.21 7.57
CA LYS A 101 8.90 1.48 8.82
C LYS A 101 8.35 0.07 8.76
N LYS A 102 7.36 -0.15 7.90
CA LYS A 102 6.74 -1.47 7.76
C LYS A 102 7.68 -2.44 7.04
N PHE A 103 7.93 -2.18 5.76
CA PHE A 103 8.80 -3.03 4.96
C PHE A 103 10.23 -2.52 4.95
N TYR A 104 10.39 -1.21 4.73
CA TYR A 104 11.71 -0.59 4.69
C TYR A 104 12.52 -0.94 5.93
N GLY A 105 13.48 -1.84 5.78
CA GLY A 105 14.32 -2.24 6.90
C GLY A 105 15.77 -1.86 6.72
N LYS A 106 16.20 -1.78 5.46
CA LYS A 106 17.58 -1.42 5.15
C LYS A 106 17.91 -0.04 5.70
N SER A 107 19.21 0.21 5.92
CA SER A 107 19.66 1.49 6.45
C SER A 107 20.91 1.98 5.71
N GLY A 108 20.75 3.05 4.94
CA GLY A 108 21.87 3.59 4.19
C GLY A 108 21.50 3.89 2.75
N PRO A 109 21.16 5.15 2.43
CA PRO A 109 20.80 5.56 1.07
C PRO A 109 21.98 5.48 0.10
N SER A 110 21.72 5.00 -1.10
CA SER A 110 22.75 4.87 -2.12
C SER A 110 23.85 3.92 -1.66
N SER A 111 23.76 2.66 -2.09
CA SER A 111 24.75 1.66 -1.71
C SER A 111 24.51 0.36 -2.47
N GLY A 112 25.54 -0.11 -3.17
CA GLY A 112 25.42 -1.34 -3.93
C GLY A 112 26.76 -1.87 -4.40
N GLY A 1 6.90 -30.93 2.99
CA GLY A 1 5.43 -31.04 2.81
C GLY A 1 4.74 -29.69 2.76
N SER A 2 4.12 -29.39 1.62
CA SER A 2 3.42 -28.12 1.45
C SER A 2 2.18 -28.06 2.35
N SER A 3 1.97 -26.89 2.94
CA SER A 3 0.82 -26.70 3.83
C SER A 3 0.40 -25.23 3.87
N GLY A 4 1.28 -24.39 4.42
CA GLY A 4 0.99 -22.97 4.51
C GLY A 4 1.77 -22.16 3.50
N SER A 5 2.82 -21.48 3.96
CA SER A 5 3.64 -20.67 3.07
C SER A 5 4.96 -20.28 3.76
N SER A 6 5.96 -19.95 2.95
CA SER A 6 7.26 -19.57 3.48
C SER A 6 7.41 -18.05 3.52
N GLY A 7 6.30 -17.36 3.73
CA GLY A 7 6.33 -15.91 3.78
C GLY A 7 5.17 -15.33 4.56
N ILE A 8 4.91 -14.04 4.36
CA ILE A 8 3.81 -13.37 5.05
C ILE A 8 3.38 -12.11 4.30
N SER A 9 2.08 -11.94 4.13
CA SER A 9 1.53 -10.78 3.43
C SER A 9 0.86 -9.83 4.40
N LEU A 10 0.72 -8.57 4.00
CA LEU A 10 0.09 -7.56 4.84
C LEU A 10 -1.35 -7.31 4.39
N LYS A 11 -2.31 -7.66 5.24
CA LYS A 11 -3.72 -7.47 4.93
C LYS A 11 -4.31 -6.35 5.78
N TYR A 12 -4.63 -5.23 5.13
CA TYR A 12 -5.20 -4.08 5.82
C TYR A 12 -6.46 -3.58 5.09
N THR A 13 -7.39 -3.03 5.86
CA THR A 13 -8.63 -2.52 5.29
C THR A 13 -8.57 -1.01 5.13
N ALA A 14 -9.43 -0.47 4.28
CA ALA A 14 -9.47 0.97 4.03
C ALA A 14 -9.80 1.73 5.31
N ALA A 15 -10.64 1.13 6.14
CA ALA A 15 -11.04 1.75 7.40
C ALA A 15 -9.82 2.01 8.29
N ARG A 16 -8.86 1.10 8.24
CA ARG A 16 -7.65 1.22 9.05
C ARG A 16 -6.73 2.31 8.49
N LEU A 17 -6.44 2.22 7.20
CA LEU A 17 -5.57 3.21 6.55
C LEU A 17 -6.16 4.61 6.67
N HIS A 18 -7.48 4.69 6.69
CA HIS A 18 -8.17 5.97 6.79
C HIS A 18 -7.97 6.58 8.18
N GLU A 19 -8.28 5.82 9.21
CA GLU A 19 -8.13 6.28 10.59
C GLU A 19 -6.67 6.60 10.90
N LYS A 20 -5.76 5.88 10.25
CA LYS A 20 -4.34 6.10 10.46
C LYS A 20 -3.86 7.37 9.77
N GLY A 21 -4.47 7.67 8.62
CA GLY A 21 -4.09 8.86 7.88
C GLY A 21 -3.61 8.55 6.47
N VAL A 22 -3.20 7.31 6.25
CA VAL A 22 -2.71 6.89 4.94
C VAL A 22 -3.76 7.12 3.86
N LEU A 23 -4.86 6.36 3.93
CA LEU A 23 -5.93 6.49 2.96
C LEU A 23 -6.74 7.76 3.20
N LEU A 24 -7.00 8.52 2.15
CA LEU A 24 -7.77 9.74 2.25
C LEU A 24 -9.24 9.50 1.94
N GLU A 25 -9.54 9.22 0.68
CA GLU A 25 -10.91 8.97 0.26
C GLU A 25 -10.94 8.04 -0.95
N ILE A 26 -12.16 7.75 -1.42
CA ILE A 26 -12.33 6.87 -2.58
C ILE A 26 -13.47 7.36 -3.48
N GLU A 27 -13.24 7.34 -4.78
CA GLU A 27 -14.24 7.78 -5.74
C GLU A 27 -15.18 6.63 -6.11
N ASP A 28 -15.77 6.01 -5.10
CA ASP A 28 -16.69 4.89 -5.32
C ASP A 28 -17.27 4.39 -4.01
N LEU A 29 -16.38 3.98 -3.10
CA LEU A 29 -16.81 3.48 -1.80
C LEU A 29 -16.95 4.62 -0.79
N GLN A 30 -17.96 4.51 0.07
CA GLN A 30 -18.21 5.53 1.08
C GLN A 30 -17.28 5.34 2.28
N VAL A 31 -17.30 6.32 3.19
CA VAL A 31 -16.46 6.26 4.38
C VAL A 31 -16.74 5.00 5.19
N ASN A 32 -18.01 4.68 5.36
CA ASN A 32 -18.41 3.50 6.12
C ASN A 32 -18.12 2.22 5.33
N GLN A 33 -18.10 2.34 4.00
CA GLN A 33 -17.84 1.19 3.14
C GLN A 33 -16.36 0.81 3.14
N PHE A 34 -15.53 1.66 3.73
CA PHE A 34 -14.08 1.41 3.81
C PHE A 34 -13.81 0.03 4.40
N LYS A 35 -14.65 -0.38 5.34
CA LYS A 35 -14.49 -1.68 5.99
C LYS A 35 -14.53 -2.81 4.97
N ASN A 36 -15.29 -2.60 3.90
CA ASN A 36 -15.42 -3.61 2.85
C ASN A 36 -14.12 -3.78 2.09
N VAL A 37 -13.58 -2.67 1.59
CA VAL A 37 -12.33 -2.69 0.84
C VAL A 37 -11.18 -3.22 1.69
N ILE A 38 -10.37 -4.10 1.09
CA ILE A 38 -9.24 -4.69 1.80
C ILE A 38 -8.01 -4.73 0.91
N PHE A 39 -6.98 -3.96 1.28
CA PHE A 39 -5.75 -3.92 0.52
C PHE A 39 -4.78 -5.01 0.97
N GLU A 40 -4.24 -5.74 0.00
CA GLU A 40 -3.30 -6.82 0.30
C GLU A 40 -1.93 -6.53 -0.29
N ILE A 41 -0.96 -6.23 0.58
CA ILE A 41 0.39 -5.93 0.15
C ILE A 41 1.33 -7.11 0.40
N SER A 42 1.92 -7.63 -0.67
CA SER A 42 2.83 -8.75 -0.57
C SER A 42 4.29 -8.27 -0.58
N PRO A 43 5.01 -8.45 0.55
CA PRO A 43 6.42 -8.02 0.64
C PRO A 43 7.34 -8.86 -0.22
N THR A 44 8.05 -8.21 -1.13
CA THR A 44 8.98 -8.91 -2.02
C THR A 44 10.36 -9.01 -1.40
N GLU A 45 11.24 -9.78 -2.05
CA GLU A 45 12.59 -9.97 -1.56
C GLU A 45 13.45 -8.73 -1.83
N GLU A 46 13.26 -8.15 -3.02
CA GLU A 46 14.01 -6.96 -3.41
C GLU A 46 13.37 -5.70 -2.83
N VAL A 47 14.20 -4.70 -2.54
CA VAL A 47 13.71 -3.44 -1.99
C VAL A 47 13.20 -2.52 -3.09
N GLY A 48 12.25 -1.66 -2.74
CA GLY A 48 11.70 -0.74 -3.71
C GLY A 48 10.46 -1.29 -4.40
N ASP A 49 10.60 -2.47 -5.00
CA ASP A 49 9.49 -3.11 -5.70
C ASP A 49 8.47 -3.65 -4.70
N PHE A 50 7.21 -3.27 -4.90
CA PHE A 50 6.13 -3.71 -4.03
C PHE A 50 4.97 -4.28 -4.84
N GLU A 51 4.11 -5.04 -4.17
CA GLU A 51 2.95 -5.65 -4.83
C GLU A 51 1.66 -5.30 -4.10
N VAL A 52 0.94 -4.31 -4.63
CA VAL A 52 -0.31 -3.87 -4.03
C VAL A 52 -1.51 -4.46 -4.78
N LYS A 53 -2.51 -4.90 -4.03
CA LYS A 53 -3.71 -5.48 -4.62
C LYS A 53 -4.96 -5.08 -3.83
N ALA A 54 -6.12 -5.22 -4.47
CA ALA A 54 -7.38 -4.85 -3.83
C ALA A 54 -8.41 -5.96 -4.00
N LYS A 55 -8.59 -6.77 -2.96
CA LYS A 55 -9.54 -7.86 -2.99
C LYS A 55 -10.97 -7.33 -3.13
N PHE A 56 -11.55 -7.48 -4.31
CA PHE A 56 -12.91 -7.03 -4.56
C PHE A 56 -13.38 -7.43 -5.95
N MET A 57 -12.71 -6.91 -6.98
CA MET A 57 -13.07 -7.23 -8.36
C MET A 57 -11.82 -7.36 -9.22
N GLY A 58 -11.17 -8.51 -9.15
CA GLY A 58 -9.97 -8.74 -9.93
C GLY A 58 -10.27 -9.32 -11.30
N VAL A 59 -10.24 -8.47 -12.31
CA VAL A 59 -10.50 -8.88 -13.68
C VAL A 59 -9.36 -8.51 -14.61
N GLN A 60 -8.15 -8.49 -14.08
CA GLN A 60 -6.97 -8.14 -14.86
C GLN A 60 -5.81 -9.06 -14.52
N MET A 61 -4.72 -8.92 -15.28
CA MET A 61 -3.53 -9.75 -15.06
C MET A 61 -2.47 -8.98 -14.30
N GLU A 62 -1.59 -9.71 -13.60
CA GLU A 62 -0.53 -9.10 -12.82
C GLU A 62 -1.09 -8.18 -11.74
N THR A 63 -0.31 -7.96 -10.69
CA THR A 63 -0.74 -7.10 -9.59
C THR A 63 -0.19 -5.69 -9.75
N PHE A 64 -0.77 -4.74 -9.03
CA PHE A 64 -0.33 -3.35 -9.09
C PHE A 64 1.03 -3.17 -8.45
N MET A 65 2.03 -2.86 -9.26
CA MET A 65 3.39 -2.66 -8.75
C MET A 65 3.63 -1.20 -8.38
N LEU A 66 3.80 -0.96 -7.08
CA LEU A 66 4.02 0.39 -6.58
C LEU A 66 5.52 0.67 -6.43
N HIS A 67 6.02 1.60 -7.24
CA HIS A 67 7.44 1.96 -7.20
C HIS A 67 7.67 3.13 -6.25
N TYR A 68 8.85 3.16 -5.64
CA TYR A 68 9.21 4.24 -4.71
C TYR A 68 9.49 5.54 -5.46
N GLN A 69 10.02 5.41 -6.68
CA GLN A 69 10.34 6.57 -7.50
C GLN A 69 9.10 7.40 -7.78
N ASP A 70 7.95 6.72 -7.87
CA ASP A 70 6.69 7.39 -8.14
C ASP A 70 6.21 8.16 -6.91
N LEU A 71 6.48 7.62 -5.73
CA LEU A 71 6.08 8.25 -4.48
C LEU A 71 6.80 9.59 -4.30
N LEU A 72 8.10 9.59 -4.54
CA LEU A 72 8.90 10.80 -4.40
C LEU A 72 8.60 11.80 -5.52
N GLN A 73 8.22 11.27 -6.68
CA GLN A 73 7.90 12.11 -7.83
C GLN A 73 6.76 13.08 -7.50
N LEU A 74 5.87 12.65 -6.60
CA LEU A 74 4.74 13.47 -6.20
C LEU A 74 5.13 14.40 -5.06
N GLN A 75 5.98 13.91 -4.16
CA GLN A 75 6.44 14.69 -3.02
C GLN A 75 7.37 15.80 -3.47
N TYR A 76 8.12 15.55 -4.54
CA TYR A 76 9.05 16.54 -5.07
C TYR A 76 8.31 17.70 -5.72
N GLU A 77 7.23 17.39 -6.41
CA GLU A 77 6.43 18.42 -7.08
C GLU A 77 5.55 19.15 -6.08
N GLY A 78 4.54 18.45 -5.57
CA GLY A 78 3.62 19.06 -4.61
C GLY A 78 2.25 18.42 -4.64
N VAL A 79 2.21 17.09 -4.68
CA VAL A 79 0.95 16.36 -4.72
C VAL A 79 0.81 15.45 -3.50
N ALA A 80 0.10 15.93 -2.49
CA ALA A 80 -0.12 15.16 -1.27
C ALA A 80 -1.13 14.04 -1.47
N VAL A 81 -1.89 14.12 -2.57
CA VAL A 81 -2.90 13.12 -2.87
C VAL A 81 -2.52 12.29 -4.10
N MET A 82 -2.66 10.98 -3.99
CA MET A 82 -2.34 10.08 -5.09
C MET A 82 -3.61 9.45 -5.67
N LYS A 83 -3.52 8.97 -6.90
CA LYS A 83 -4.65 8.34 -7.57
C LYS A 83 -4.40 6.87 -7.81
N LEU A 84 -4.97 6.02 -6.97
CA LEU A 84 -4.82 4.57 -7.09
C LEU A 84 -6.07 3.94 -7.68
N PHE A 85 -5.88 3.06 -8.65
CA PHE A 85 -7.00 2.38 -9.31
C PHE A 85 -7.93 3.38 -9.98
N ASP A 86 -7.42 4.58 -10.25
CA ASP A 86 -8.20 5.62 -10.89
C ASP A 86 -9.46 5.94 -10.10
N ARG A 87 -9.46 5.60 -8.81
CA ARG A 87 -10.60 5.85 -7.94
C ARG A 87 -10.15 6.19 -6.53
N ALA A 88 -9.58 5.21 -5.84
CA ALA A 88 -9.11 5.40 -4.47
C ALA A 88 -8.01 6.46 -4.42
N LYS A 89 -7.92 7.15 -3.29
CA LYS A 89 -6.91 8.19 -3.11
C LYS A 89 -6.12 7.95 -1.83
N VAL A 90 -4.80 8.09 -1.92
CA VAL A 90 -3.93 7.89 -0.77
C VAL A 90 -3.01 9.08 -0.55
N ASN A 91 -2.52 9.23 0.68
CA ASN A 91 -1.63 10.33 1.01
C ASN A 91 -0.16 9.93 0.80
N VAL A 92 0.54 10.69 -0.03
CA VAL A 92 1.93 10.41 -0.33
C VAL A 92 2.82 10.74 0.87
N ASN A 93 2.35 11.61 1.75
CA ASN A 93 3.11 12.00 2.93
C ASN A 93 3.00 10.93 4.03
N LEU A 94 1.87 10.23 4.04
CA LEU A 94 1.65 9.19 5.05
C LEU A 94 1.90 7.81 4.46
N LEU A 95 1.65 7.66 3.17
CA LEU A 95 1.86 6.38 2.49
C LEU A 95 3.31 5.92 2.61
N ILE A 96 4.23 6.86 2.45
CA ILE A 96 5.66 6.55 2.53
C ILE A 96 6.08 6.34 3.98
N PHE A 97 5.40 7.02 4.90
CA PHE A 97 5.71 6.91 6.33
C PHE A 97 5.57 5.48 6.80
N LEU A 98 4.43 4.86 6.49
CA LEU A 98 4.18 3.49 6.90
C LEU A 98 5.22 2.54 6.31
N LEU A 99 5.42 2.63 5.00
CA LEU A 99 6.39 1.78 4.32
C LEU A 99 7.79 2.02 4.84
N ASN A 100 8.04 3.22 5.34
CA ASN A 100 9.35 3.59 5.88
C ASN A 100 9.75 2.64 7.01
N LYS A 101 8.76 2.14 7.73
CA LYS A 101 9.02 1.23 8.84
C LYS A 101 8.50 -0.17 8.56
N LYS A 102 7.46 -0.26 7.74
CA LYS A 102 6.87 -1.55 7.39
C LYS A 102 7.84 -2.39 6.57
N PHE A 103 8.23 -1.89 5.41
CA PHE A 103 9.15 -2.60 4.54
C PHE A 103 10.57 -2.06 4.67
N TYR A 104 10.70 -0.74 4.63
CA TYR A 104 12.00 -0.09 4.74
C TYR A 104 12.69 -0.48 6.05
N GLY A 105 13.69 -1.33 5.95
CA GLY A 105 14.41 -1.78 7.14
C GLY A 105 15.13 -3.09 6.92
N LYS A 106 16.34 -3.02 6.39
CA LYS A 106 17.14 -4.22 6.13
C LYS A 106 18.12 -4.47 7.27
N SER A 107 17.66 -4.28 8.51
CA SER A 107 18.49 -4.49 9.68
C SER A 107 17.83 -5.46 10.65
N GLY A 108 16.64 -5.10 11.10
CA GLY A 108 15.92 -5.94 12.04
C GLY A 108 15.92 -5.38 13.45
N PRO A 109 15.23 -4.26 13.68
CA PRO A 109 15.16 -3.62 15.00
C PRO A 109 14.34 -4.44 15.99
N SER A 110 13.38 -5.20 15.48
CA SER A 110 12.53 -6.04 16.31
C SER A 110 12.66 -7.51 15.94
N SER A 111 13.18 -8.31 16.87
CA SER A 111 13.36 -9.73 16.63
C SER A 111 12.32 -10.55 17.38
N GLY A 112 11.32 -11.02 16.65
CA GLY A 112 10.25 -11.81 17.25
C GLY A 112 9.32 -12.41 16.22
N GLY A 1 14.22 -24.97 0.19
CA GLY A 1 14.29 -23.48 0.04
C GLY A 1 15.56 -23.02 -0.65
N SER A 2 15.44 -22.63 -1.91
CA SER A 2 16.59 -22.17 -2.68
C SER A 2 16.29 -20.84 -3.36
N SER A 3 15.46 -20.02 -2.71
CA SER A 3 15.09 -18.72 -3.25
C SER A 3 15.91 -17.61 -2.61
N GLY A 4 15.69 -17.38 -1.32
CA GLY A 4 16.41 -16.35 -0.60
C GLY A 4 15.98 -16.23 0.84
N SER A 5 14.85 -15.56 1.06
CA SER A 5 14.33 -15.38 2.42
C SER A 5 12.83 -15.10 2.39
N SER A 6 12.05 -16.02 2.94
CA SER A 6 10.60 -15.88 2.98
C SER A 6 10.18 -14.95 4.12
N GLY A 7 9.01 -14.34 3.98
CA GLY A 7 8.51 -13.43 5.00
C GLY A 7 7.03 -13.63 5.26
N ILE A 8 6.33 -12.54 5.55
CA ILE A 8 4.90 -12.58 5.83
C ILE A 8 4.17 -11.45 5.13
N SER A 9 3.00 -11.75 4.58
CA SER A 9 2.19 -10.76 3.89
C SER A 9 1.42 -9.89 4.88
N LEU A 10 1.08 -8.68 4.45
CA LEU A 10 0.34 -7.76 5.30
C LEU A 10 -1.13 -7.70 4.90
N LYS A 11 -2.01 -7.55 5.89
CA LYS A 11 -3.44 -7.48 5.63
C LYS A 11 -4.07 -6.31 6.37
N TYR A 12 -4.55 -5.32 5.61
CA TYR A 12 -5.18 -4.15 6.20
C TYR A 12 -6.45 -3.78 5.45
N THR A 13 -7.30 -2.98 6.08
CA THR A 13 -8.55 -2.56 5.46
C THR A 13 -8.58 -1.05 5.27
N ALA A 14 -9.46 -0.59 4.38
CA ALA A 14 -9.59 0.83 4.10
C ALA A 14 -9.97 1.61 5.36
N ALA A 15 -10.91 1.08 6.11
CA ALA A 15 -11.36 1.73 7.34
C ALA A 15 -10.20 1.92 8.32
N ARG A 16 -9.24 0.99 8.28
CA ARG A 16 -8.07 1.07 9.15
C ARG A 16 -7.11 2.16 8.69
N LEU A 17 -6.78 2.14 7.40
CA LEU A 17 -5.87 3.12 6.83
C LEU A 17 -6.43 4.53 6.98
N HIS A 18 -7.76 4.64 6.93
CA HIS A 18 -8.42 5.93 7.04
C HIS A 18 -8.18 6.54 8.42
N GLU A 19 -8.36 5.72 9.45
CA GLU A 19 -8.16 6.17 10.83
C GLU A 19 -6.72 6.62 11.06
N LYS A 20 -5.78 5.89 10.45
CA LYS A 20 -4.36 6.20 10.58
C LYS A 20 -4.01 7.49 9.85
N GLY A 21 -4.74 7.77 8.78
CA GLY A 21 -4.49 8.98 8.00
C GLY A 21 -3.97 8.68 6.61
N VAL A 22 -3.46 7.47 6.41
CA VAL A 22 -2.91 7.07 5.12
C VAL A 22 -3.94 7.28 4.00
N LEU A 23 -5.02 6.49 4.04
CA LEU A 23 -6.06 6.60 3.04
C LEU A 23 -6.92 7.84 3.27
N LEU A 24 -7.20 8.57 2.19
CA LEU A 24 -8.00 9.78 2.27
C LEU A 24 -9.47 9.48 2.01
N GLU A 25 -9.79 9.15 0.77
CA GLU A 25 -11.17 8.84 0.39
C GLU A 25 -11.21 8.05 -0.91
N ILE A 26 -12.42 7.70 -1.35
CA ILE A 26 -12.60 6.94 -2.58
C ILE A 26 -13.56 7.65 -3.53
N GLU A 27 -13.26 7.59 -4.82
CA GLU A 27 -14.09 8.23 -5.83
C GLU A 27 -15.15 7.26 -6.35
N ASP A 28 -15.88 6.64 -5.44
CA ASP A 28 -16.92 5.69 -5.80
C ASP A 28 -17.64 5.17 -4.57
N LEU A 29 -16.87 4.78 -3.55
CA LEU A 29 -17.42 4.26 -2.31
C LEU A 29 -17.51 5.35 -1.25
N GLN A 30 -18.23 5.06 -0.18
CA GLN A 30 -18.39 6.02 0.92
C GLN A 30 -17.43 5.70 2.06
N VAL A 31 -17.55 6.46 3.15
CA VAL A 31 -16.69 6.25 4.31
C VAL A 31 -17.09 5.00 5.08
N ASN A 32 -18.38 4.69 5.07
CA ASN A 32 -18.90 3.52 5.76
C ASN A 32 -18.61 2.24 4.97
N GLN A 33 -18.43 2.39 3.66
CA GLN A 33 -18.15 1.24 2.80
C GLN A 33 -16.71 0.75 3.01
N PHE A 34 -15.87 1.58 3.59
CA PHE A 34 -14.48 1.23 3.84
C PHE A 34 -14.38 -0.10 4.59
N LYS A 35 -15.41 -0.42 5.37
CA LYS A 35 -15.43 -1.66 6.13
C LYS A 35 -15.40 -2.88 5.20
N ASN A 36 -15.97 -2.72 4.01
CA ASN A 36 -16.01 -3.80 3.03
C ASN A 36 -14.89 -3.64 2.01
N VAL A 37 -13.72 -3.22 2.48
CA VAL A 37 -12.57 -3.03 1.61
C VAL A 37 -11.28 -3.49 2.29
N ILE A 38 -10.57 -4.40 1.63
CA ILE A 38 -9.32 -4.92 2.17
C ILE A 38 -8.17 -4.75 1.18
N PHE A 39 -7.00 -4.40 1.69
CA PHE A 39 -5.82 -4.21 0.84
C PHE A 39 -4.74 -5.22 1.20
N GLU A 40 -4.34 -6.03 0.22
CA GLU A 40 -3.31 -7.04 0.42
C GLU A 40 -2.00 -6.62 -0.25
N ILE A 41 -0.95 -6.52 0.56
CA ILE A 41 0.36 -6.13 0.05
C ILE A 41 1.37 -7.27 0.21
N SER A 42 1.85 -7.80 -0.90
CA SER A 42 2.82 -8.88 -0.89
C SER A 42 4.24 -8.35 -1.05
N PRO A 43 5.10 -8.51 -0.04
CA PRO A 43 6.49 -8.04 -0.08
C PRO A 43 7.23 -8.56 -1.31
N THR A 44 8.40 -7.98 -1.58
CA THR A 44 9.21 -8.37 -2.72
C THR A 44 10.66 -8.62 -2.30
N GLU A 45 11.34 -9.50 -3.02
CA GLU A 45 12.73 -9.82 -2.73
C GLU A 45 13.61 -8.57 -2.85
N GLU A 46 13.31 -7.73 -3.84
CA GLU A 46 14.08 -6.51 -4.06
C GLU A 46 13.59 -5.40 -3.14
N VAL A 47 14.42 -4.37 -2.96
CA VAL A 47 14.08 -3.24 -2.11
C VAL A 47 13.61 -2.05 -2.93
N GLY A 48 12.60 -1.34 -2.43
CA GLY A 48 12.08 -0.19 -3.13
C GLY A 48 10.79 -0.49 -3.86
N ASP A 49 10.65 -1.72 -4.34
CA ASP A 49 9.45 -2.13 -5.06
C ASP A 49 8.44 -2.78 -4.11
N PHE A 50 7.17 -2.71 -4.49
CA PHE A 50 6.10 -3.30 -3.68
C PHE A 50 4.99 -3.85 -4.56
N GLU A 51 4.33 -4.90 -4.07
CA GLU A 51 3.25 -5.53 -4.82
C GLU A 51 1.90 -5.28 -4.13
N VAL A 52 1.03 -4.55 -4.81
CA VAL A 52 -0.29 -4.23 -4.27
C VAL A 52 -1.39 -4.99 -5.03
N LYS A 53 -2.40 -5.42 -4.30
CA LYS A 53 -3.52 -6.16 -4.90
C LYS A 53 -4.81 -5.85 -4.17
N ALA A 54 -5.70 -5.10 -4.84
CA ALA A 54 -6.98 -4.74 -4.26
C ALA A 54 -8.08 -4.76 -5.32
N LYS A 55 -8.88 -5.83 -5.31
CA LYS A 55 -9.97 -5.96 -6.27
C LYS A 55 -11.05 -6.91 -5.73
N PHE A 56 -12.28 -6.72 -6.19
CA PHE A 56 -13.39 -7.55 -5.76
C PHE A 56 -13.69 -8.64 -6.79
N MET A 57 -12.66 -9.07 -7.51
CA MET A 57 -12.80 -10.11 -8.52
C MET A 57 -11.46 -10.46 -9.14
N GLY A 58 -10.75 -11.38 -8.50
CA GLY A 58 -9.45 -11.79 -8.99
C GLY A 58 -9.53 -12.40 -10.38
N VAL A 59 -8.74 -11.87 -11.31
CA VAL A 59 -8.72 -12.37 -12.67
C VAL A 59 -7.34 -12.21 -13.30
N GLN A 60 -6.88 -13.26 -13.97
CA GLN A 60 -5.58 -13.24 -14.61
C GLN A 60 -4.47 -13.01 -13.59
N MET A 61 -3.22 -13.20 -14.03
CA MET A 61 -2.07 -13.00 -13.14
C MET A 61 -1.33 -11.71 -13.48
N GLU A 62 -1.71 -10.63 -12.81
CA GLU A 62 -1.08 -9.33 -13.03
C GLU A 62 -1.26 -8.42 -11.82
N THR A 63 -0.43 -8.61 -10.81
CA THR A 63 -0.51 -7.81 -9.59
C THR A 63 0.15 -6.44 -9.81
N PHE A 64 -0.50 -5.40 -9.30
CA PHE A 64 0.01 -4.04 -9.44
C PHE A 64 1.29 -3.86 -8.61
N MET A 65 2.28 -3.22 -9.21
CA MET A 65 3.56 -2.98 -8.53
C MET A 65 3.75 -1.49 -8.25
N LEU A 66 3.70 -1.12 -6.97
CA LEU A 66 3.88 0.27 -6.57
C LEU A 66 5.36 0.63 -6.48
N HIS A 67 5.83 1.39 -7.45
CA HIS A 67 7.24 1.80 -7.49
C HIS A 67 7.50 2.92 -6.47
N TYR A 68 8.77 3.15 -6.17
CA TYR A 68 9.15 4.19 -5.22
C TYR A 68 9.44 5.50 -5.93
N GLN A 69 9.86 5.41 -7.19
CA GLN A 69 10.17 6.59 -7.99
C GLN A 69 8.98 7.54 -8.06
N ASP A 70 7.81 6.99 -8.36
CA ASP A 70 6.59 7.78 -8.46
C ASP A 70 6.29 8.49 -7.14
N LEU A 71 6.43 7.75 -6.03
CA LEU A 71 6.17 8.31 -4.71
C LEU A 71 7.13 9.44 -4.40
N LEU A 72 8.41 9.24 -4.74
CA LEU A 72 9.43 10.24 -4.49
C LEU A 72 9.25 11.44 -5.42
N GLN A 73 8.76 11.17 -6.63
CA GLN A 73 8.56 12.23 -7.61
C GLN A 73 7.46 13.19 -7.15
N LEU A 74 6.49 12.67 -6.42
CA LEU A 74 5.39 13.48 -5.90
C LEU A 74 5.85 14.34 -4.74
N GLN A 75 6.64 13.76 -3.84
CA GLN A 75 7.16 14.47 -2.69
C GLN A 75 8.11 15.58 -3.10
N TYR A 76 8.83 15.35 -4.20
CA TYR A 76 9.78 16.34 -4.71
C TYR A 76 9.06 17.44 -5.48
N GLU A 77 7.97 17.08 -6.14
CA GLU A 77 7.20 18.05 -6.92
C GLU A 77 6.36 18.93 -6.00
N GLY A 78 5.43 18.31 -5.27
CA GLY A 78 4.58 19.06 -4.36
C GLY A 78 3.16 18.54 -4.36
N VAL A 79 3.00 17.22 -4.27
CA VAL A 79 1.68 16.62 -4.25
C VAL A 79 1.40 15.94 -2.92
N ALA A 80 0.17 16.08 -2.44
CA ALA A 80 -0.22 15.48 -1.17
C ALA A 80 -1.18 14.31 -1.38
N VAL A 81 -1.96 14.38 -2.45
CA VAL A 81 -2.91 13.32 -2.77
C VAL A 81 -2.42 12.47 -3.92
N MET A 82 -2.76 11.18 -3.89
CA MET A 82 -2.36 10.25 -4.94
C MET A 82 -3.56 9.52 -5.51
N LYS A 83 -3.52 9.24 -6.81
CA LYS A 83 -4.60 8.54 -7.49
C LYS A 83 -4.27 7.06 -7.66
N LEU A 84 -4.84 6.21 -6.82
CA LEU A 84 -4.61 4.78 -6.88
C LEU A 84 -5.80 4.06 -7.50
N PHE A 85 -5.51 3.15 -8.44
CA PHE A 85 -6.56 2.39 -9.11
C PHE A 85 -7.52 3.32 -9.85
N ASP A 86 -7.05 4.52 -10.18
CA ASP A 86 -7.87 5.50 -10.89
C ASP A 86 -9.19 5.74 -10.15
N ARG A 87 -9.15 5.68 -8.83
CA ARG A 87 -10.34 5.89 -8.02
C ARG A 87 -9.96 6.25 -6.59
N ALA A 88 -9.44 5.27 -5.86
CA ALA A 88 -9.05 5.47 -4.47
C ALA A 88 -7.99 6.57 -4.35
N LYS A 89 -8.05 7.33 -3.28
CA LYS A 89 -7.10 8.42 -3.04
C LYS A 89 -6.37 8.22 -1.71
N VAL A 90 -5.05 8.29 -1.76
CA VAL A 90 -4.23 8.12 -0.57
C VAL A 90 -3.25 9.28 -0.41
N ASN A 91 -2.81 9.49 0.84
CA ASN A 91 -1.87 10.58 1.13
C ASN A 91 -0.44 10.14 0.85
N VAL A 92 0.24 10.88 -0.02
CA VAL A 92 1.62 10.56 -0.37
C VAL A 92 2.57 10.83 0.80
N ASN A 93 2.18 11.76 1.67
CA ASN A 93 2.99 12.11 2.82
C ASN A 93 2.92 11.03 3.89
N LEU A 94 1.80 10.33 3.95
CA LEU A 94 1.60 9.27 4.94
C LEU A 94 1.82 7.90 4.31
N LEU A 95 1.52 7.78 3.02
CA LEU A 95 1.69 6.51 2.31
C LEU A 95 3.13 6.03 2.38
N ILE A 96 4.06 6.97 2.25
CA ILE A 96 5.49 6.64 2.29
C ILE A 96 6.00 6.57 3.73
N PHE A 97 5.41 7.40 4.60
CA PHE A 97 5.81 7.43 5.99
C PHE A 97 5.61 6.07 6.65
N LEU A 98 4.63 5.32 6.18
CA LEU A 98 4.33 4.00 6.72
C LEU A 98 5.24 2.94 6.10
N LEU A 99 5.33 2.96 4.78
CA LEU A 99 6.17 2.00 4.06
C LEU A 99 7.63 2.12 4.48
N ASN A 100 8.02 3.30 4.92
CA ASN A 100 9.39 3.55 5.35
C ASN A 100 9.76 2.70 6.57
N LYS A 101 8.74 2.29 7.32
CA LYS A 101 8.96 1.48 8.51
C LYS A 101 8.38 0.07 8.35
N LYS A 102 7.42 -0.07 7.44
CA LYS A 102 6.79 -1.37 7.20
C LYS A 102 7.73 -2.32 6.48
N PHE A 103 8.04 -2.03 5.22
CA PHE A 103 8.93 -2.86 4.43
C PHE A 103 10.37 -2.35 4.49
N TYR A 104 10.53 -1.03 4.41
CA TYR A 104 11.86 -0.43 4.45
C TYR A 104 12.64 -0.87 5.68
N GLY A 105 13.73 -1.59 5.46
CA GLY A 105 14.55 -2.07 6.56
C GLY A 105 15.12 -3.45 6.30
N LYS A 106 16.33 -3.48 5.74
CA LYS A 106 17.00 -4.73 5.44
C LYS A 106 17.85 -5.20 6.62
N SER A 107 17.23 -5.96 7.52
CA SER A 107 17.92 -6.47 8.71
C SER A 107 18.41 -5.33 9.60
N GLY A 108 19.54 -4.72 9.23
CA GLY A 108 20.09 -3.63 10.00
C GLY A 108 21.49 -3.92 10.51
N PRO A 109 22.05 -3.03 11.34
CA PRO A 109 23.40 -3.21 11.89
C PRO A 109 23.58 -4.56 12.57
N SER A 110 24.72 -4.75 13.21
CA SER A 110 25.02 -6.00 13.90
C SER A 110 25.45 -5.73 15.34
N SER A 111 24.59 -6.07 16.29
CA SER A 111 24.88 -5.87 17.71
C SER A 111 23.96 -6.72 18.58
N GLY A 112 24.55 -7.41 19.55
CA GLY A 112 23.78 -8.25 20.44
C GLY A 112 24.59 -8.73 21.63
N GLY A 1 10.03 -17.56 15.59
CA GLY A 1 9.22 -18.49 14.76
C GLY A 1 8.56 -19.58 15.57
N SER A 2 7.29 -19.37 15.90
CA SER A 2 6.53 -20.35 16.68
C SER A 2 5.32 -20.86 15.89
N SER A 3 5.47 -20.92 14.58
CA SER A 3 4.40 -21.40 13.72
C SER A 3 4.96 -21.98 12.43
N GLY A 4 5.82 -21.23 11.76
CA GLY A 4 6.41 -21.69 10.52
C GLY A 4 5.67 -21.20 9.30
N SER A 5 5.28 -22.12 8.43
CA SER A 5 4.55 -21.77 7.21
C SER A 5 5.38 -20.85 6.32
N SER A 6 4.84 -20.50 5.16
CA SER A 6 5.53 -19.62 4.22
C SER A 6 4.55 -18.65 3.58
N GLY A 7 5.07 -17.52 3.12
CA GLY A 7 4.23 -16.52 2.48
C GLY A 7 3.58 -15.58 3.48
N ILE A 8 3.85 -14.29 3.33
CA ILE A 8 3.28 -13.29 4.22
C ILE A 8 2.73 -12.10 3.44
N SER A 9 1.81 -11.36 4.08
CA SER A 9 1.19 -10.20 3.44
C SER A 9 0.49 -9.33 4.48
N LEU A 10 0.54 -8.01 4.26
CA LEU A 10 -0.08 -7.06 5.16
C LEU A 10 -1.53 -6.80 4.76
N LYS A 11 -2.46 -7.23 5.60
CA LYS A 11 -3.89 -7.04 5.33
C LYS A 11 -4.45 -5.91 6.17
N TYR A 12 -4.78 -4.79 5.52
CA TYR A 12 -5.33 -3.64 6.21
C TYR A 12 -6.49 -3.04 5.43
N THR A 13 -7.68 -3.06 6.02
CA THR A 13 -8.87 -2.52 5.37
C THR A 13 -8.79 -0.99 5.28
N ALA A 14 -9.65 -0.42 4.45
CA ALA A 14 -9.68 1.04 4.27
C ALA A 14 -9.97 1.75 5.59
N ALA A 15 -10.82 1.14 6.40
CA ALA A 15 -11.18 1.71 7.69
C ALA A 15 -9.96 1.85 8.60
N ARG A 16 -9.01 0.94 8.43
CA ARG A 16 -7.79 0.96 9.23
C ARG A 16 -6.83 2.03 8.75
N LEU A 17 -6.52 1.99 7.45
CA LEU A 17 -5.61 2.95 6.85
C LEU A 17 -6.16 4.38 6.98
N HIS A 18 -7.48 4.50 6.87
CA HIS A 18 -8.14 5.79 6.97
C HIS A 18 -7.95 6.40 8.36
N GLU A 19 -8.04 5.56 9.38
CA GLU A 19 -7.88 6.00 10.76
C GLU A 19 -6.45 6.47 11.01
N LYS A 20 -5.49 5.82 10.36
CA LYS A 20 -4.08 6.16 10.52
C LYS A 20 -3.76 7.46 9.78
N GLY A 21 -4.48 7.72 8.70
CA GLY A 21 -4.26 8.92 7.92
C GLY A 21 -3.78 8.64 6.51
N VAL A 22 -3.34 7.41 6.26
CA VAL A 22 -2.86 7.02 4.94
C VAL A 22 -3.93 7.24 3.89
N LEU A 23 -5.01 6.48 3.96
CA LEU A 23 -6.11 6.59 3.01
C LEU A 23 -6.87 7.91 3.20
N LEU A 24 -7.28 8.52 2.10
CA LEU A 24 -8.02 9.77 2.15
C LEU A 24 -9.49 9.55 1.84
N GLU A 25 -9.79 9.20 0.61
CA GLU A 25 -11.16 8.96 0.19
C GLU A 25 -11.22 7.95 -0.96
N ILE A 26 -12.43 7.59 -1.37
CA ILE A 26 -12.62 6.64 -2.46
C ILE A 26 -13.74 7.07 -3.39
N GLU A 27 -13.40 7.42 -4.62
CA GLU A 27 -14.38 7.86 -5.60
C GLU A 27 -15.21 6.68 -6.11
N ASP A 28 -15.98 6.08 -5.20
CA ASP A 28 -16.82 4.94 -5.55
C ASP A 28 -17.64 4.48 -4.35
N LEU A 29 -16.98 4.37 -3.20
CA LEU A 29 -17.65 3.94 -1.98
C LEU A 29 -17.70 5.06 -0.95
N GLN A 30 -18.48 4.87 0.10
CA GLN A 30 -18.61 5.86 1.16
C GLN A 30 -17.60 5.63 2.27
N VAL A 31 -17.74 6.37 3.35
CA VAL A 31 -16.83 6.24 4.49
C VAL A 31 -17.11 4.95 5.27
N ASN A 32 -18.39 4.60 5.38
CA ASN A 32 -18.78 3.39 6.10
C ASN A 32 -18.46 2.14 5.30
N GLN A 33 -18.33 2.30 3.98
CA GLN A 33 -18.02 1.17 3.11
C GLN A 33 -16.56 0.75 3.24
N PHE A 34 -15.74 1.63 3.82
CA PHE A 34 -14.32 1.36 4.01
C PHE A 34 -14.09 -0.02 4.64
N LYS A 35 -15.08 -0.47 5.40
CA LYS A 35 -14.99 -1.77 6.06
C LYS A 35 -14.77 -2.90 5.05
N ASN A 36 -15.72 -3.02 4.11
CA ASN A 36 -15.63 -4.06 3.08
C ASN A 36 -14.35 -3.90 2.27
N VAL A 37 -13.93 -2.67 2.03
CA VAL A 37 -12.73 -2.40 1.26
C VAL A 37 -11.51 -3.01 1.93
N ILE A 38 -10.61 -3.57 1.12
CA ILE A 38 -9.39 -4.18 1.64
C ILE A 38 -8.26 -4.08 0.62
N PHE A 39 -7.04 -3.95 1.13
CA PHE A 39 -5.86 -3.84 0.27
C PHE A 39 -4.79 -4.86 0.67
N GLU A 40 -4.49 -5.78 -0.23
CA GLU A 40 -3.49 -6.80 0.03
C GLU A 40 -2.14 -6.41 -0.59
N ILE A 41 -1.10 -6.39 0.23
CA ILE A 41 0.23 -6.03 -0.24
C ILE A 41 1.21 -7.19 -0.02
N SER A 42 2.04 -7.45 -1.03
CA SER A 42 3.02 -8.53 -0.96
C SER A 42 4.43 -7.96 -0.98
N PRO A 43 5.29 -8.40 -0.03
CA PRO A 43 6.67 -7.92 0.05
C PRO A 43 7.55 -8.49 -1.06
N THR A 44 8.24 -7.61 -1.78
CA THR A 44 9.11 -8.02 -2.87
C THR A 44 10.45 -8.51 -2.35
N GLU A 45 11.33 -8.91 -3.26
CA GLU A 45 12.66 -9.39 -2.89
C GLU A 45 13.65 -8.23 -2.79
N GLU A 46 13.49 -7.26 -3.67
CA GLU A 46 14.38 -6.09 -3.69
C GLU A 46 13.82 -4.98 -2.82
N VAL A 47 14.73 -4.19 -2.23
CA VAL A 47 14.32 -3.09 -1.37
C VAL A 47 13.79 -1.91 -2.19
N GLY A 48 12.70 -1.33 -1.74
CA GLY A 48 12.10 -0.21 -2.44
C GLY A 48 10.85 -0.60 -3.22
N ASP A 49 10.87 -1.79 -3.81
CA ASP A 49 9.73 -2.27 -4.58
C ASP A 49 8.58 -2.65 -3.66
N PHE A 50 7.36 -2.51 -4.16
CA PHE A 50 6.17 -2.84 -3.39
C PHE A 50 5.07 -3.41 -4.28
N GLU A 51 4.53 -4.55 -3.88
CA GLU A 51 3.47 -5.21 -4.65
C GLU A 51 2.10 -4.94 -4.03
N VAL A 52 1.33 -4.07 -4.67
CA VAL A 52 0.01 -3.72 -4.18
C VAL A 52 -1.08 -4.47 -4.95
N LYS A 53 -1.95 -5.17 -4.23
CA LYS A 53 -3.03 -5.93 -4.85
C LYS A 53 -4.37 -5.58 -4.21
N ALA A 54 -5.42 -5.64 -5.01
CA ALA A 54 -6.77 -5.33 -4.53
C ALA A 54 -7.61 -6.59 -4.41
N LYS A 55 -7.73 -7.11 -3.19
CA LYS A 55 -8.51 -8.31 -2.93
C LYS A 55 -10.00 -8.06 -3.16
N PHE A 56 -10.57 -8.75 -4.13
CA PHE A 56 -11.98 -8.60 -4.45
C PHE A 56 -12.48 -9.76 -5.30
N MET A 57 -11.92 -9.89 -6.51
CA MET A 57 -12.31 -10.95 -7.42
C MET A 57 -11.19 -11.98 -7.56
N GLY A 58 -10.02 -11.52 -7.98
CA GLY A 58 -8.88 -12.40 -8.15
C GLY A 58 -8.89 -13.11 -9.49
N VAL A 59 -9.14 -12.36 -10.55
CA VAL A 59 -9.19 -12.93 -11.90
C VAL A 59 -7.84 -12.76 -12.60
N GLN A 60 -7.25 -13.87 -13.00
CA GLN A 60 -5.96 -13.85 -13.69
C GLN A 60 -4.88 -13.26 -12.78
N MET A 61 -3.64 -13.68 -13.00
CA MET A 61 -2.51 -13.20 -12.21
C MET A 61 -2.19 -11.75 -12.57
N GLU A 62 -2.77 -10.82 -11.80
CA GLU A 62 -2.55 -9.40 -12.03
C GLU A 62 -2.30 -8.67 -10.72
N THR A 63 -1.12 -8.08 -10.58
CA THR A 63 -0.76 -7.35 -9.37
C THR A 63 -0.24 -5.95 -9.71
N PHE A 64 -0.71 -4.96 -8.98
CA PHE A 64 -0.30 -3.57 -9.20
C PHE A 64 1.10 -3.33 -8.64
N MET A 65 1.97 -2.77 -9.47
CA MET A 65 3.35 -2.48 -9.05
C MET A 65 3.46 -1.07 -8.49
N LEU A 66 4.12 -0.95 -7.34
CA LEU A 66 4.31 0.34 -6.69
C LEU A 66 5.77 0.58 -6.35
N HIS A 67 6.44 1.39 -7.17
CA HIS A 67 7.86 1.70 -6.94
C HIS A 67 8.01 2.85 -5.95
N TYR A 68 9.25 3.15 -5.60
CA TYR A 68 9.54 4.23 -4.65
C TYR A 68 9.79 5.54 -5.38
N GLN A 69 10.34 5.45 -6.58
CA GLN A 69 10.63 6.63 -7.39
C GLN A 69 9.35 7.41 -7.69
N ASP A 70 8.30 6.69 -8.05
CA ASP A 70 7.02 7.31 -8.36
C ASP A 70 6.46 8.05 -7.15
N LEU A 71 6.57 7.42 -5.99
CA LEU A 71 6.08 8.02 -4.75
C LEU A 71 6.87 9.28 -4.39
N LEU A 72 8.19 9.20 -4.54
CA LEU A 72 9.06 10.33 -4.24
C LEU A 72 8.87 11.45 -5.26
N GLN A 73 8.56 11.07 -6.49
CA GLN A 73 8.36 12.03 -7.57
C GLN A 73 7.20 12.97 -7.24
N LEU A 74 6.22 12.46 -6.51
CA LEU A 74 5.05 13.25 -6.12
C LEU A 74 5.44 14.28 -5.06
N GLN A 75 6.27 13.87 -4.12
CA GLN A 75 6.71 14.77 -3.05
C GLN A 75 7.59 15.88 -3.59
N TYR A 76 8.33 15.58 -4.66
CA TYR A 76 9.22 16.55 -5.28
C TYR A 76 8.42 17.63 -6.01
N GLU A 77 7.38 17.20 -6.72
CA GLU A 77 6.52 18.12 -7.46
C GLU A 77 5.54 18.84 -6.54
N GLY A 78 4.58 18.09 -6.01
CA GLY A 78 3.60 18.66 -5.12
C GLY A 78 2.27 17.95 -5.16
N VAL A 79 2.31 16.61 -5.17
CA VAL A 79 1.10 15.81 -5.22
C VAL A 79 0.96 14.95 -3.95
N ALA A 80 0.32 15.52 -2.93
CA ALA A 80 0.13 14.81 -1.67
C ALA A 80 -0.89 13.69 -1.83
N VAL A 81 -1.87 13.90 -2.70
CA VAL A 81 -2.91 12.91 -2.94
C VAL A 81 -2.59 12.06 -4.17
N MET A 82 -2.75 10.75 -4.02
CA MET A 82 -2.48 9.83 -5.11
C MET A 82 -3.77 9.23 -5.65
N LYS A 83 -3.71 8.74 -6.89
CA LYS A 83 -4.89 8.14 -7.53
C LYS A 83 -4.68 6.64 -7.74
N LEU A 84 -5.21 5.84 -6.82
CA LEU A 84 -5.08 4.39 -6.91
C LEU A 84 -6.34 3.78 -7.52
N PHE A 85 -6.15 2.98 -8.57
CA PHE A 85 -7.27 2.33 -9.24
C PHE A 85 -8.25 3.36 -9.81
N ASP A 86 -7.71 4.52 -10.20
CA ASP A 86 -8.52 5.60 -10.77
C ASP A 86 -9.80 5.82 -9.95
N ARG A 87 -9.71 5.57 -8.65
CA ARG A 87 -10.86 5.74 -7.76
C ARG A 87 -10.40 6.05 -6.34
N ALA A 88 -9.77 5.08 -5.70
CA ALA A 88 -9.29 5.24 -4.34
C ALA A 88 -8.14 6.24 -4.28
N LYS A 89 -8.13 7.07 -3.24
CA LYS A 89 -7.09 8.07 -3.06
C LYS A 89 -6.33 7.84 -1.76
N VAL A 90 -5.00 7.98 -1.83
CA VAL A 90 -4.16 7.78 -0.66
C VAL A 90 -3.23 8.96 -0.45
N ASN A 91 -2.74 9.12 0.78
CA ASN A 91 -1.83 10.22 1.11
C ASN A 91 -0.38 9.79 0.95
N VAL A 92 0.31 10.43 0.02
CA VAL A 92 1.72 10.12 -0.25
C VAL A 92 2.60 10.56 0.91
N ASN A 93 2.17 11.59 1.63
CA ASN A 93 2.93 12.11 2.77
C ASN A 93 2.99 11.08 3.90
N LEU A 94 1.96 10.24 3.99
CA LEU A 94 1.90 9.22 5.03
C LEU A 94 2.13 7.83 4.44
N LEU A 95 1.75 7.65 3.19
CA LEU A 95 1.91 6.36 2.51
C LEU A 95 3.38 5.93 2.52
N ILE A 96 4.27 6.89 2.29
CA ILE A 96 5.70 6.59 2.26
C ILE A 96 6.25 6.33 3.66
N PHE A 97 5.81 7.15 4.62
CA PHE A 97 6.25 7.00 6.01
C PHE A 97 5.93 5.61 6.54
N LEU A 98 4.71 5.14 6.29
CA LEU A 98 4.29 3.84 6.75
C LEU A 98 5.18 2.73 6.18
N LEU A 99 5.26 2.68 4.85
CA LEU A 99 6.08 1.67 4.17
C LEU A 99 7.54 1.79 4.59
N ASN A 100 7.95 2.99 4.99
CA ASN A 100 9.34 3.23 5.40
C ASN A 100 9.71 2.36 6.60
N LYS A 101 8.72 1.97 7.38
CA LYS A 101 8.96 1.13 8.56
C LYS A 101 8.38 -0.26 8.38
N LYS A 102 7.27 -0.34 7.64
CA LYS A 102 6.61 -1.62 7.39
C LYS A 102 7.55 -2.58 6.67
N PHE A 103 7.71 -2.36 5.36
CA PHE A 103 8.58 -3.21 4.55
C PHE A 103 10.05 -2.81 4.71
N TYR A 104 10.31 -1.51 4.64
CA TYR A 104 11.66 -0.99 4.76
C TYR A 104 12.28 -1.40 6.10
N GLY A 105 13.23 -2.33 6.04
CA GLY A 105 13.89 -2.80 7.25
C GLY A 105 15.38 -2.97 7.06
N LYS A 106 15.96 -2.20 6.15
CA LYS A 106 17.39 -2.26 5.88
C LYS A 106 18.13 -1.16 6.62
N SER A 107 19.10 -1.55 7.46
CA SER A 107 19.88 -0.60 8.23
C SER A 107 21.22 -1.20 8.62
N GLY A 108 22.29 -0.76 7.94
CA GLY A 108 23.61 -1.27 8.24
C GLY A 108 24.08 -2.31 7.24
N PRO A 109 25.24 -2.94 7.49
CA PRO A 109 25.79 -3.97 6.59
C PRO A 109 24.97 -5.25 6.62
N SER A 110 25.01 -6.00 5.52
CA SER A 110 24.28 -7.25 5.42
C SER A 110 24.96 -8.21 4.46
N SER A 111 25.30 -7.71 3.27
CA SER A 111 25.96 -8.52 2.26
C SER A 111 27.43 -8.13 2.11
N GLY A 112 28.24 -9.04 1.58
CA GLY A 112 29.64 -8.77 1.40
C GLY A 112 30.08 -8.88 -0.05
N GLY A 1 12.84 -23.19 -8.14
CA GLY A 1 12.34 -21.79 -7.95
C GLY A 1 12.34 -21.36 -6.50
N SER A 2 11.49 -21.98 -5.69
CA SER A 2 11.41 -21.66 -4.28
C SER A 2 12.27 -22.59 -3.45
N SER A 3 12.94 -22.04 -2.44
CA SER A 3 13.80 -22.83 -1.57
C SER A 3 13.05 -23.32 -0.34
N GLY A 4 12.10 -22.51 0.11
CA GLY A 4 11.31 -22.88 1.28
C GLY A 4 10.16 -21.93 1.54
N SER A 5 10.14 -21.34 2.73
CA SER A 5 9.09 -20.40 3.09
C SER A 5 9.19 -19.12 2.27
N SER A 6 8.13 -18.32 2.31
CA SER A 6 8.09 -17.06 1.56
C SER A 6 7.54 -15.94 2.43
N GLY A 7 7.79 -16.01 3.72
CA GLY A 7 7.31 -14.99 4.63
C GLY A 7 5.79 -14.88 4.64
N ILE A 8 5.29 -13.81 5.25
CA ILE A 8 3.85 -13.59 5.31
C ILE A 8 3.47 -12.25 4.68
N SER A 9 2.21 -12.12 4.28
CA SER A 9 1.72 -10.89 3.67
C SER A 9 0.89 -10.08 4.66
N LEU A 10 0.97 -8.76 4.53
CA LEU A 10 0.22 -7.87 5.41
C LEU A 10 -1.27 -7.90 5.09
N LYS A 11 -2.08 -7.38 6.00
CA LYS A 11 -3.52 -7.34 5.80
C LYS A 11 -4.12 -6.08 6.42
N TYR A 12 -4.51 -5.14 5.57
CA TYR A 12 -5.10 -3.89 6.03
C TYR A 12 -6.33 -3.53 5.21
N THR A 13 -7.23 -2.74 5.80
CA THR A 13 -8.45 -2.33 5.14
C THR A 13 -8.47 -0.82 4.92
N ALA A 14 -9.39 -0.36 4.08
CA ALA A 14 -9.51 1.07 3.79
C ALA A 14 -9.80 1.86 5.07
N ALA A 15 -10.73 1.36 5.87
CA ALA A 15 -11.10 2.02 7.11
C ALA A 15 -9.92 2.09 8.08
N ARG A 16 -9.09 1.03 8.06
CA ARG A 16 -7.93 0.96 8.93
C ARG A 16 -6.89 2.00 8.52
N LEU A 17 -6.67 2.13 7.21
CA LEU A 17 -5.70 3.08 6.69
C LEU A 17 -6.23 4.50 6.80
N HIS A 18 -7.54 4.65 6.69
CA HIS A 18 -8.17 5.97 6.76
C HIS A 18 -7.94 6.59 8.14
N GLU A 19 -8.16 5.80 9.18
CA GLU A 19 -7.97 6.27 10.55
C GLU A 19 -6.54 6.72 10.79
N LYS A 20 -5.59 5.94 10.27
CA LYS A 20 -4.18 6.26 10.43
C LYS A 20 -3.83 7.55 9.71
N GLY A 21 -4.53 7.83 8.62
CA GLY A 21 -4.28 9.04 7.85
C GLY A 21 -3.87 8.75 6.42
N VAL A 22 -3.38 7.53 6.17
CA VAL A 22 -2.95 7.13 4.84
C VAL A 22 -4.07 7.33 3.82
N LEU A 23 -5.13 6.54 3.96
CA LEU A 23 -6.27 6.63 3.05
C LEU A 23 -7.06 7.92 3.29
N LEU A 24 -7.12 8.76 2.27
CA LEU A 24 -7.85 10.03 2.38
C LEU A 24 -9.34 9.84 2.07
N GLU A 25 -9.65 9.61 0.80
CA GLU A 25 -11.03 9.41 0.39
C GLU A 25 -11.10 8.58 -0.89
N ILE A 26 -12.32 8.35 -1.37
CA ILE A 26 -12.53 7.56 -2.58
C ILE A 26 -13.64 8.16 -3.43
N GLU A 27 -13.35 8.38 -4.71
CA GLU A 27 -14.33 8.96 -5.63
C GLU A 27 -15.25 7.87 -6.19
N ASP A 28 -15.91 7.15 -5.30
CA ASP A 28 -16.82 6.08 -5.71
C ASP A 28 -17.48 5.43 -4.49
N LEU A 29 -16.69 5.18 -3.46
CA LEU A 29 -17.20 4.55 -2.25
C LEU A 29 -17.36 5.59 -1.14
N GLN A 30 -18.09 5.22 -0.09
CA GLN A 30 -18.32 6.11 1.04
C GLN A 30 -17.45 5.71 2.23
N VAL A 31 -17.42 6.57 3.24
CA VAL A 31 -16.62 6.32 4.44
C VAL A 31 -17.01 4.99 5.08
N ASN A 32 -18.29 4.65 5.03
CA ASN A 32 -18.79 3.40 5.60
C ASN A 32 -18.39 2.21 4.75
N GLN A 33 -18.19 2.44 3.44
CA GLN A 33 -17.80 1.39 2.52
C GLN A 33 -16.33 1.00 2.71
N PHE A 34 -15.58 1.84 3.40
CA PHE A 34 -14.16 1.59 3.64
C PHE A 34 -13.97 0.23 4.33
N LYS A 35 -15.00 -0.24 5.01
CA LYS A 35 -14.93 -1.51 5.72
C LYS A 35 -14.92 -2.69 4.75
N ASN A 36 -15.56 -2.51 3.59
CA ASN A 36 -15.62 -3.56 2.58
C ASN A 36 -14.47 -3.41 1.59
N VAL A 37 -13.26 -3.26 2.10
CA VAL A 37 -12.07 -3.12 1.26
C VAL A 37 -10.85 -3.70 1.95
N ILE A 38 -9.98 -4.33 1.16
CA ILE A 38 -8.76 -4.93 1.70
C ILE A 38 -7.56 -4.66 0.80
N PHE A 39 -6.46 -4.23 1.40
CA PHE A 39 -5.25 -3.94 0.65
C PHE A 39 -4.13 -4.91 1.02
N GLU A 40 -3.92 -5.91 0.18
CA GLU A 40 -2.88 -6.91 0.42
C GLU A 40 -1.56 -6.47 -0.20
N ILE A 41 -0.51 -6.48 0.62
CA ILE A 41 0.82 -6.08 0.16
C ILE A 41 1.83 -7.20 0.37
N SER A 42 2.12 -7.94 -0.70
CA SER A 42 3.07 -9.05 -0.63
C SER A 42 4.51 -8.52 -0.59
N PRO A 43 5.24 -8.80 0.52
CA PRO A 43 6.63 -8.35 0.67
C PRO A 43 7.50 -8.80 -0.49
N THR A 44 8.34 -7.89 -0.99
CA THR A 44 9.23 -8.20 -2.10
C THR A 44 10.66 -8.37 -1.61
N GLU A 45 11.38 -9.33 -2.21
CA GLU A 45 12.75 -9.60 -1.83
C GLU A 45 13.63 -8.37 -2.04
N GLU A 46 13.41 -7.67 -3.14
CA GLU A 46 14.17 -6.48 -3.45
C GLU A 46 13.67 -5.28 -2.66
N VAL A 47 14.35 -4.15 -2.80
CA VAL A 47 13.97 -2.93 -2.10
C VAL A 47 13.60 -1.82 -3.06
N GLY A 48 12.33 -1.44 -3.08
CA GLY A 48 11.88 -0.39 -3.97
C GLY A 48 10.54 -0.71 -4.61
N ASP A 49 10.42 -1.89 -5.19
CA ASP A 49 9.17 -2.32 -5.82
C ASP A 49 8.29 -3.08 -4.84
N PHE A 50 6.99 -2.76 -4.85
CA PHE A 50 6.04 -3.42 -3.96
C PHE A 50 4.88 -4.02 -4.76
N GLU A 51 4.21 -4.99 -4.15
CA GLU A 51 3.07 -5.65 -4.81
C GLU A 51 1.78 -5.34 -4.07
N VAL A 52 0.98 -4.44 -4.63
CA VAL A 52 -0.29 -4.06 -4.03
C VAL A 52 -1.45 -4.83 -4.65
N LYS A 53 -2.21 -5.54 -3.82
CA LYS A 53 -3.34 -6.32 -4.29
C LYS A 53 -4.65 -5.75 -3.77
N ALA A 54 -5.40 -5.09 -4.65
CA ALA A 54 -6.68 -4.50 -4.28
C ALA A 54 -7.68 -4.58 -5.42
N LYS A 55 -8.58 -5.57 -5.33
CA LYS A 55 -9.59 -5.76 -6.36
C LYS A 55 -10.82 -6.48 -5.79
N PHE A 56 -11.90 -6.49 -6.55
CA PHE A 56 -13.13 -7.15 -6.13
C PHE A 56 -13.28 -8.52 -6.78
N MET A 57 -12.15 -9.17 -7.04
CA MET A 57 -12.16 -10.49 -7.67
C MET A 57 -11.55 -11.53 -6.74
N GLY A 58 -10.28 -11.35 -6.41
CA GLY A 58 -9.60 -12.29 -5.54
C GLY A 58 -9.22 -13.58 -6.24
N VAL A 59 -8.38 -13.46 -7.27
CA VAL A 59 -7.94 -14.63 -8.03
C VAL A 59 -6.45 -14.55 -8.32
N GLN A 60 -5.94 -15.59 -8.99
CA GLN A 60 -4.53 -15.65 -9.33
C GLN A 60 -4.26 -14.94 -10.66
N MET A 61 -3.88 -13.67 -10.58
CA MET A 61 -3.61 -12.87 -11.77
C MET A 61 -2.46 -11.90 -11.52
N GLU A 62 -2.21 -11.03 -12.50
CA GLU A 62 -1.14 -10.04 -12.38
C GLU A 62 -1.54 -8.92 -11.43
N THR A 63 -1.09 -9.01 -10.19
CA THR A 63 -1.40 -8.01 -9.18
C THR A 63 -0.85 -6.64 -9.60
N PHE A 64 -1.26 -5.60 -8.88
CA PHE A 64 -0.82 -4.25 -9.18
C PHE A 64 0.57 -3.98 -8.58
N MET A 65 1.45 -3.39 -9.37
CA MET A 65 2.80 -3.09 -8.91
C MET A 65 3.00 -1.58 -8.76
N LEU A 66 3.58 -1.17 -7.63
CA LEU A 66 3.82 0.24 -7.37
C LEU A 66 5.32 0.53 -7.33
N HIS A 67 5.69 1.72 -7.81
CA HIS A 67 7.09 2.13 -7.85
C HIS A 67 7.39 3.13 -6.73
N TYR A 68 8.59 3.02 -6.16
CA TYR A 68 9.00 3.93 -5.08
C TYR A 68 9.36 5.30 -5.62
N GLN A 69 9.90 5.33 -6.83
CA GLN A 69 10.29 6.59 -7.47
C GLN A 69 9.08 7.51 -7.64
N ASP A 70 7.97 6.94 -8.10
CA ASP A 70 6.75 7.72 -8.30
C ASP A 70 6.26 8.31 -6.98
N LEU A 71 6.44 7.56 -5.89
CA LEU A 71 6.01 8.01 -4.57
C LEU A 71 6.86 9.18 -4.10
N LEU A 72 8.16 9.11 -4.33
CA LEU A 72 9.08 10.17 -3.93
C LEU A 72 8.95 11.38 -4.86
N GLN A 73 8.65 11.12 -6.13
CA GLN A 73 8.50 12.18 -7.11
C GLN A 73 7.35 13.11 -6.73
N LEU A 74 6.33 12.55 -6.10
CA LEU A 74 5.17 13.32 -5.69
C LEU A 74 5.54 14.31 -4.59
N GLN A 75 6.44 13.89 -3.71
CA GLN A 75 6.88 14.74 -2.60
C GLN A 75 7.70 15.91 -3.11
N TYR A 76 8.41 15.70 -4.21
CA TYR A 76 9.23 16.74 -4.82
C TYR A 76 8.38 17.79 -5.49
N GLU A 77 7.37 17.33 -6.24
CA GLU A 77 6.46 18.24 -6.94
C GLU A 77 5.58 19.00 -5.96
N GLY A 78 5.00 18.27 -5.01
CA GLY A 78 4.14 18.90 -4.02
C GLY A 78 2.73 18.35 -4.05
N VAL A 79 2.62 17.03 -4.15
CA VAL A 79 1.31 16.37 -4.19
C VAL A 79 1.03 15.65 -2.87
N ALA A 80 -0.13 15.93 -2.29
CA ALA A 80 -0.52 15.31 -1.04
C ALA A 80 -1.50 14.16 -1.27
N VAL A 81 -2.31 14.28 -2.32
CA VAL A 81 -3.29 13.26 -2.66
C VAL A 81 -2.90 12.54 -3.95
N MET A 82 -3.02 11.22 -3.94
CA MET A 82 -2.69 10.41 -5.11
C MET A 82 -3.92 9.69 -5.64
N LYS A 83 -3.98 9.52 -6.96
CA LYS A 83 -5.11 8.84 -7.58
C LYS A 83 -4.79 7.37 -7.84
N LEU A 84 -5.35 6.49 -7.01
CA LEU A 84 -5.12 5.06 -7.15
C LEU A 84 -6.38 4.35 -7.66
N PHE A 85 -6.20 3.48 -8.65
CA PHE A 85 -7.31 2.74 -9.22
C PHE A 85 -8.36 3.68 -9.80
N ASP A 86 -7.94 4.90 -10.14
CA ASP A 86 -8.85 5.90 -10.72
C ASP A 86 -10.04 6.13 -9.81
N ARG A 87 -9.85 5.92 -8.51
CA ARG A 87 -10.93 6.10 -7.54
C ARG A 87 -10.37 6.34 -6.15
N ALA A 88 -9.85 5.29 -5.53
CA ALA A 88 -9.28 5.38 -4.20
C ALA A 88 -8.12 6.36 -4.16
N LYS A 89 -8.10 7.21 -3.13
CA LYS A 89 -7.05 8.20 -2.98
C LYS A 89 -6.30 8.01 -1.67
N VAL A 90 -4.98 8.05 -1.73
CA VAL A 90 -4.16 7.88 -0.54
C VAL A 90 -3.14 9.01 -0.40
N ASN A 91 -2.77 9.33 0.84
CA ASN A 91 -1.81 10.39 1.11
C ASN A 91 -0.38 9.91 0.82
N VAL A 92 0.29 10.60 -0.09
CA VAL A 92 1.65 10.26 -0.46
C VAL A 92 2.62 10.57 0.67
N ASN A 93 2.29 11.57 1.48
CA ASN A 93 3.14 11.97 2.60
C ASN A 93 3.10 10.92 3.72
N LEU A 94 1.97 10.23 3.83
CA LEU A 94 1.80 9.20 4.86
C LEU A 94 1.98 7.80 4.27
N LEU A 95 1.70 7.67 2.98
CA LEU A 95 1.82 6.38 2.31
C LEU A 95 3.24 5.82 2.44
N ILE A 96 4.23 6.65 2.14
CA ILE A 96 5.62 6.24 2.23
C ILE A 96 6.07 6.13 3.68
N PHE A 97 5.48 6.97 4.54
CA PHE A 97 5.83 6.98 5.95
C PHE A 97 5.57 5.61 6.58
N LEU A 98 4.50 4.95 6.14
CA LEU A 98 4.14 3.64 6.67
C LEU A 98 5.14 2.58 6.21
N LEU A 99 5.42 2.56 4.91
CA LEU A 99 6.36 1.59 4.34
C LEU A 99 7.78 1.85 4.85
N ASN A 100 8.08 3.11 5.16
CA ASN A 100 9.39 3.49 5.66
C ASN A 100 9.74 2.74 6.94
N LYS A 101 8.70 2.33 7.68
CA LYS A 101 8.90 1.62 8.93
C LYS A 101 8.33 0.20 8.87
N LYS A 102 7.58 -0.10 7.81
CA LYS A 102 6.98 -1.41 7.65
C LYS A 102 7.90 -2.34 6.86
N PHE A 103 7.95 -2.15 5.55
CA PHE A 103 8.78 -2.97 4.68
C PHE A 103 10.25 -2.55 4.75
N TYR A 104 10.47 -1.27 5.00
CA TYR A 104 11.83 -0.73 5.10
C TYR A 104 12.63 -1.46 6.17
N GLY A 105 13.75 -2.05 5.77
CA GLY A 105 14.59 -2.76 6.71
C GLY A 105 15.12 -4.07 6.14
N LYS A 106 16.31 -4.01 5.56
CA LYS A 106 16.94 -5.19 4.97
C LYS A 106 18.12 -5.65 5.81
N SER A 107 18.57 -6.88 5.56
CA SER A 107 19.70 -7.44 6.29
C SER A 107 20.73 -8.02 5.33
N GLY A 108 21.67 -7.18 4.89
CA GLY A 108 22.70 -7.62 3.99
C GLY A 108 23.63 -6.49 3.57
N PRO A 109 23.09 -5.44 2.93
CA PRO A 109 23.90 -4.29 2.49
C PRO A 109 24.41 -3.46 3.65
N SER A 110 25.52 -2.76 3.43
CA SER A 110 26.12 -1.92 4.47
C SER A 110 26.53 -2.75 5.68
N SER A 111 27.09 -3.93 5.42
CA SER A 111 27.54 -4.82 6.48
C SER A 111 29.04 -4.72 6.69
N GLY A 112 29.46 -4.74 7.95
CA GLY A 112 30.88 -4.66 8.26
C GLY A 112 31.41 -3.25 8.13
N GLY A 1 1.59 -25.34 -8.45
CA GLY A 1 3.01 -25.83 -8.48
C GLY A 1 3.79 -25.41 -7.25
N SER A 2 3.19 -25.58 -6.08
CA SER A 2 3.85 -25.22 -4.83
C SER A 2 3.20 -25.94 -3.64
N SER A 3 4.03 -26.53 -2.79
CA SER A 3 3.54 -27.24 -1.62
C SER A 3 3.22 -26.27 -0.49
N GLY A 4 4.10 -25.29 -0.30
CA GLY A 4 3.90 -24.31 0.76
C GLY A 4 3.38 -22.99 0.23
N SER A 5 4.14 -21.92 0.41
CA SER A 5 3.74 -20.61 -0.05
C SER A 5 4.96 -19.74 -0.34
N SER A 6 4.71 -18.50 -0.77
CA SER A 6 5.80 -17.58 -1.09
C SER A 6 6.35 -16.93 0.18
N GLY A 7 5.48 -16.22 0.90
CA GLY A 7 5.90 -15.57 2.13
C GLY A 7 4.75 -14.87 2.84
N ILE A 8 5.07 -13.98 3.76
CA ILE A 8 4.06 -13.25 4.51
C ILE A 8 3.63 -11.99 3.76
N SER A 9 2.44 -11.49 4.08
CA SER A 9 1.91 -10.29 3.44
C SER A 9 1.09 -9.46 4.42
N LEU A 10 1.07 -8.16 4.19
CA LEU A 10 0.33 -7.24 5.06
C LEU A 10 -1.15 -7.21 4.69
N LYS A 11 -2.01 -7.23 5.70
CA LYS A 11 -3.45 -7.20 5.47
C LYS A 11 -4.11 -6.09 6.29
N TYR A 12 -4.46 -5.00 5.63
CA TYR A 12 -5.10 -3.86 6.29
C TYR A 12 -6.30 -3.37 5.50
N THR A 13 -7.36 -2.98 6.21
CA THR A 13 -8.57 -2.50 5.58
C THR A 13 -8.48 -1.00 5.28
N ALA A 14 -9.49 -0.46 4.62
CA ALA A 14 -9.51 0.96 4.27
C ALA A 14 -9.83 1.81 5.50
N ALA A 15 -10.61 1.25 6.42
CA ALA A 15 -10.99 1.96 7.63
C ALA A 15 -9.77 2.33 8.46
N ARG A 16 -8.79 1.43 8.49
CA ARG A 16 -7.56 1.66 9.24
C ARG A 16 -6.74 2.78 8.60
N LEU A 17 -6.45 2.63 7.31
CA LEU A 17 -5.67 3.63 6.59
C LEU A 17 -6.35 4.99 6.63
N HIS A 18 -7.68 4.98 6.68
CA HIS A 18 -8.45 6.23 6.72
C HIS A 18 -8.32 6.90 8.09
N GLU A 19 -8.31 6.09 9.14
CA GLU A 19 -8.19 6.60 10.50
C GLU A 19 -6.78 7.08 10.78
N LYS A 20 -5.80 6.32 10.29
CA LYS A 20 -4.39 6.67 10.49
C LYS A 20 -4.02 7.93 9.73
N GLY A 21 -4.63 8.10 8.55
CA GLY A 21 -4.36 9.27 7.74
C GLY A 21 -3.87 8.92 6.35
N VAL A 22 -3.39 7.68 6.18
CA VAL A 22 -2.89 7.23 4.89
C VAL A 22 -3.93 7.40 3.80
N LEU A 23 -5.02 6.64 3.89
CA LEU A 23 -6.09 6.70 2.92
C LEU A 23 -6.89 7.98 3.08
N LEU A 24 -7.28 8.58 1.95
CA LEU A 24 -8.05 9.82 1.97
C LEU A 24 -9.52 9.56 1.68
N GLU A 25 -9.82 9.15 0.45
CA GLU A 25 -11.19 8.85 0.05
C GLU A 25 -11.21 7.92 -1.16
N ILE A 26 -12.42 7.59 -1.61
CA ILE A 26 -12.59 6.71 -2.76
C ILE A 26 -13.67 7.23 -3.70
N GLU A 27 -13.33 7.36 -4.98
CA GLU A 27 -14.28 7.84 -5.98
C GLU A 27 -15.18 6.71 -6.47
N ASP A 28 -15.91 6.09 -5.54
CA ASP A 28 -16.80 5.00 -5.89
C ASP A 28 -17.54 4.49 -4.65
N LEU A 29 -16.80 4.29 -3.57
CA LEU A 29 -17.37 3.80 -2.32
C LEU A 29 -17.42 4.91 -1.27
N GLN A 30 -17.87 4.57 -0.07
CA GLN A 30 -17.96 5.53 1.02
C GLN A 30 -17.14 5.08 2.22
N VAL A 31 -17.08 5.93 3.24
CA VAL A 31 -16.32 5.62 4.44
C VAL A 31 -16.84 4.35 5.12
N ASN A 32 -18.13 4.10 4.96
CA ASN A 32 -18.76 2.92 5.55
C ASN A 32 -18.32 1.65 4.83
N GLN A 33 -17.99 1.79 3.55
CA GLN A 33 -17.56 0.65 2.74
C GLN A 33 -16.10 0.31 3.00
N PHE A 34 -15.35 1.27 3.55
CA PHE A 34 -13.94 1.07 3.85
C PHE A 34 -13.71 -0.23 4.62
N LYS A 35 -14.72 -0.65 5.38
CA LYS A 35 -14.63 -1.87 6.17
C LYS A 35 -14.38 -3.08 5.27
N ASN A 36 -15.25 -3.26 4.28
CA ASN A 36 -15.13 -4.37 3.35
C ASN A 36 -13.86 -4.27 2.52
N VAL A 37 -13.50 -3.04 2.16
CA VAL A 37 -12.30 -2.79 1.36
C VAL A 37 -11.06 -3.27 2.08
N ILE A 38 -10.29 -4.13 1.42
CA ILE A 38 -9.06 -4.67 2.00
C ILE A 38 -7.86 -4.38 1.10
N PHE A 39 -6.75 -3.98 1.72
CA PHE A 39 -5.53 -3.68 0.97
C PHE A 39 -4.47 -4.74 1.23
N GLU A 40 -4.33 -5.67 0.29
CA GLU A 40 -3.35 -6.74 0.41
C GLU A 40 -2.06 -6.39 -0.33
N ILE A 41 -1.01 -6.11 0.43
CA ILE A 41 0.28 -5.76 -0.15
C ILE A 41 1.25 -6.94 -0.09
N SER A 42 1.62 -7.45 -1.26
CA SER A 42 2.54 -8.58 -1.34
C SER A 42 3.99 -8.09 -1.37
N PRO A 43 4.76 -8.35 -0.29
CA PRO A 43 6.17 -7.93 -0.21
C PRO A 43 7.07 -8.75 -1.13
N THR A 44 7.93 -8.06 -1.86
CA THR A 44 8.85 -8.72 -2.78
C THR A 44 10.13 -9.15 -2.06
N GLU A 45 11.05 -9.75 -2.80
CA GLU A 45 12.31 -10.20 -2.23
C GLU A 45 13.40 -9.13 -2.37
N GLU A 46 12.98 -7.90 -2.67
CA GLU A 46 13.92 -6.80 -2.83
C GLU A 46 13.37 -5.53 -2.20
N VAL A 47 14.19 -4.48 -2.16
CA VAL A 47 13.78 -3.21 -1.57
C VAL A 47 13.55 -2.16 -2.66
N GLY A 48 12.32 -1.66 -2.76
CA GLY A 48 12.00 -0.67 -3.75
C GLY A 48 10.71 -0.97 -4.49
N ASP A 49 10.57 -2.21 -4.94
CA ASP A 49 9.37 -2.63 -5.66
C ASP A 49 8.30 -3.13 -4.70
N PHE A 50 7.06 -2.74 -4.95
CA PHE A 50 5.94 -3.14 -4.10
C PHE A 50 4.79 -3.68 -4.94
N GLU A 51 4.03 -4.61 -4.36
CA GLU A 51 2.90 -5.21 -5.06
C GLU A 51 1.59 -4.88 -4.37
N VAL A 52 0.79 -4.02 -4.99
CA VAL A 52 -0.49 -3.61 -4.42
C VAL A 52 -1.63 -4.46 -4.98
N LYS A 53 -2.53 -4.89 -4.12
CA LYS A 53 -3.67 -5.70 -4.53
C LYS A 53 -4.96 -5.18 -3.91
N ALA A 54 -6.09 -5.58 -4.50
CA ALA A 54 -7.40 -5.15 -4.01
C ALA A 54 -8.49 -6.08 -4.50
N LYS A 55 -8.93 -6.99 -3.63
CA LYS A 55 -9.98 -7.94 -3.98
C LYS A 55 -10.87 -8.23 -2.77
N PHE A 56 -11.89 -9.06 -2.98
CA PHE A 56 -12.81 -9.41 -1.91
C PHE A 56 -12.55 -10.82 -1.41
N MET A 57 -12.18 -11.71 -2.33
CA MET A 57 -11.89 -13.09 -1.98
C MET A 57 -10.39 -13.37 -2.03
N GLY A 58 -9.70 -12.68 -2.94
CA GLY A 58 -8.27 -12.86 -3.08
C GLY A 58 -7.92 -13.94 -4.09
N VAL A 59 -7.93 -13.57 -5.37
CA VAL A 59 -7.62 -14.52 -6.44
C VAL A 59 -6.20 -14.29 -6.96
N GLN A 60 -5.42 -15.37 -7.01
CA GLN A 60 -4.04 -15.29 -7.50
C GLN A 60 -3.99 -15.45 -9.01
N MET A 61 -3.84 -14.34 -9.72
CA MET A 61 -3.77 -14.37 -11.18
C MET A 61 -3.17 -13.07 -11.71
N GLU A 62 -3.63 -11.94 -11.17
CA GLU A 62 -3.14 -10.64 -11.60
C GLU A 62 -2.84 -9.75 -10.40
N THR A 63 -1.79 -8.94 -10.51
CA THR A 63 -1.40 -8.04 -9.43
C THR A 63 -0.92 -6.71 -9.98
N PHE A 64 -1.02 -5.67 -9.16
CA PHE A 64 -0.59 -4.33 -9.57
C PHE A 64 0.84 -4.06 -9.13
N MET A 65 1.57 -3.26 -9.91
CA MET A 65 2.94 -2.92 -9.59
C MET A 65 3.05 -1.47 -9.12
N LEU A 66 3.83 -1.26 -8.07
CA LEU A 66 4.02 0.09 -7.52
C LEU A 66 5.51 0.39 -7.33
N HIS A 67 5.93 1.56 -7.78
CA HIS A 67 7.33 1.98 -7.66
C HIS A 67 7.50 2.98 -6.51
N TYR A 68 8.69 2.98 -5.92
CA TYR A 68 8.98 3.88 -4.81
C TYR A 68 9.30 5.29 -5.33
N GLN A 69 9.88 5.36 -6.53
CA GLN A 69 10.24 6.64 -7.12
C GLN A 69 8.99 7.51 -7.33
N ASP A 70 7.95 6.93 -7.90
CA ASP A 70 6.71 7.65 -8.15
C ASP A 70 6.14 8.24 -6.86
N LEU A 71 6.40 7.55 -5.74
CA LEU A 71 5.92 8.01 -4.45
C LEU A 71 6.71 9.22 -3.96
N LEU A 72 8.02 9.15 -4.10
CA LEU A 72 8.89 10.25 -3.68
C LEU A 72 8.80 11.43 -4.66
N GLN A 73 8.58 11.11 -5.94
CA GLN A 73 8.47 12.13 -6.97
C GLN A 73 7.32 13.10 -6.67
N LEU A 74 6.26 12.57 -6.07
CA LEU A 74 5.09 13.38 -5.73
C LEU A 74 5.40 14.31 -4.56
N GLN A 75 6.28 13.86 -3.67
CA GLN A 75 6.66 14.65 -2.50
C GLN A 75 7.53 15.84 -2.91
N TYR A 76 8.30 15.65 -3.98
CA TYR A 76 9.19 16.71 -4.48
C TYR A 76 8.42 17.69 -5.35
N GLU A 77 7.51 17.16 -6.16
CA GLU A 77 6.70 17.99 -7.06
C GLU A 77 5.72 18.84 -6.26
N GLY A 78 5.21 18.28 -5.17
CA GLY A 78 4.26 19.00 -4.35
C GLY A 78 2.89 18.38 -4.36
N VAL A 79 2.83 17.07 -4.58
CA VAL A 79 1.57 16.35 -4.62
C VAL A 79 1.44 15.38 -3.44
N ALA A 80 0.62 15.75 -2.46
CA ALA A 80 0.42 14.93 -1.29
C ALA A 80 -0.79 13.99 -1.46
N VAL A 81 -1.25 13.84 -2.70
CA VAL A 81 -2.38 12.98 -2.99
C VAL A 81 -2.08 12.06 -4.17
N MET A 82 -2.42 10.78 -4.03
CA MET A 82 -2.18 9.80 -5.08
C MET A 82 -3.50 9.19 -5.54
N LYS A 83 -3.49 8.62 -6.75
CA LYS A 83 -4.69 8.00 -7.30
C LYS A 83 -4.42 6.54 -7.65
N LEU A 84 -4.89 5.64 -6.80
CA LEU A 84 -4.70 4.22 -7.02
C LEU A 84 -5.92 3.60 -7.71
N PHE A 85 -5.68 2.80 -8.74
CA PHE A 85 -6.74 2.16 -9.49
C PHE A 85 -7.67 3.20 -10.11
N ASP A 86 -7.16 4.42 -10.28
CA ASP A 86 -7.94 5.50 -10.87
C ASP A 86 -9.24 5.73 -10.11
N ARG A 87 -9.17 5.60 -8.79
CA ARG A 87 -10.34 5.79 -7.94
C ARG A 87 -9.94 6.16 -6.51
N ALA A 88 -9.46 5.18 -5.77
CA ALA A 88 -9.04 5.41 -4.39
C ALA A 88 -7.93 6.46 -4.31
N LYS A 89 -7.97 7.26 -3.25
CA LYS A 89 -6.98 8.31 -3.07
C LYS A 89 -6.22 8.12 -1.75
N VAL A 90 -4.90 8.01 -1.84
CA VAL A 90 -4.06 7.83 -0.66
C VAL A 90 -3.07 8.96 -0.50
N ASN A 91 -2.63 9.19 0.73
CA ASN A 91 -1.67 10.25 1.03
C ASN A 91 -0.25 9.77 0.79
N VAL A 92 0.45 10.46 -0.11
CA VAL A 92 1.84 10.11 -0.43
C VAL A 92 2.78 10.45 0.72
N ASN A 93 2.42 11.48 1.48
CA ASN A 93 3.24 11.90 2.62
C ASN A 93 3.17 10.89 3.75
N LEU A 94 2.04 10.20 3.86
CA LEU A 94 1.84 9.20 4.91
C LEU A 94 2.06 7.80 4.37
N LEU A 95 1.75 7.59 3.09
CA LEU A 95 1.91 6.30 2.46
C LEU A 95 3.37 5.84 2.51
N ILE A 96 4.28 6.77 2.21
CA ILE A 96 5.71 6.46 2.22
C ILE A 96 6.24 6.39 3.66
N PHE A 97 5.64 7.17 4.54
CA PHE A 97 6.05 7.19 5.95
C PHE A 97 5.82 5.82 6.60
N LEU A 98 4.67 5.23 6.33
CA LEU A 98 4.33 3.93 6.89
C LEU A 98 5.28 2.85 6.37
N LEU A 99 5.60 2.93 5.09
CA LEU A 99 6.50 1.95 4.47
C LEU A 99 7.91 2.07 5.04
N ASN A 100 8.27 3.28 5.47
CA ASN A 100 9.59 3.53 6.04
C ASN A 100 9.84 2.63 7.26
N LYS A 101 8.77 2.27 7.95
CA LYS A 101 8.87 1.41 9.13
C LYS A 101 8.23 0.05 8.88
N LYS A 102 7.22 0.03 8.02
CA LYS A 102 6.53 -1.22 7.69
C LYS A 102 7.41 -2.13 6.85
N PHE A 103 7.81 -1.65 5.67
CA PHE A 103 8.64 -2.44 4.77
C PHE A 103 10.12 -2.17 5.02
N TYR A 104 10.50 -0.89 4.99
CA TYR A 104 11.90 -0.50 5.22
C TYR A 104 12.40 -1.04 6.55
N GLY A 105 13.05 -2.19 6.52
CA GLY A 105 13.58 -2.80 7.72
C GLY A 105 14.74 -3.73 7.46
N LYS A 106 15.71 -3.25 6.68
CA LYS A 106 16.88 -4.07 6.33
C LYS A 106 18.16 -3.29 6.63
N SER A 107 18.10 -2.38 7.60
CA SER A 107 19.27 -1.59 7.97
C SER A 107 20.08 -2.29 9.06
N GLY A 108 19.47 -2.46 10.23
CA GLY A 108 20.14 -3.10 11.33
C GLY A 108 20.10 -4.62 11.23
N PRO A 109 21.13 -5.31 11.76
CA PRO A 109 21.19 -6.77 11.72
C PRO A 109 20.16 -7.44 12.63
N SER A 110 19.00 -7.75 12.06
CA SER A 110 17.93 -8.37 12.82
C SER A 110 18.10 -9.89 12.86
N SER A 111 18.66 -10.44 11.79
CA SER A 111 18.89 -11.88 11.70
C SER A 111 20.14 -12.18 10.88
N GLY A 112 20.60 -13.43 10.96
CA GLY A 112 21.79 -13.82 10.22
C GLY A 112 21.59 -15.12 9.45
N GLY A 1 -7.31 -30.79 0.70
CA GLY A 1 -6.95 -30.11 1.97
C GLY A 1 -7.33 -28.63 1.97
N SER A 2 -7.21 -27.99 0.82
CA SER A 2 -7.54 -26.57 0.70
C SER A 2 -6.68 -25.73 1.62
N SER A 3 -5.45 -26.18 1.84
CA SER A 3 -4.51 -25.46 2.71
C SER A 3 -3.36 -24.88 1.90
N GLY A 4 -2.81 -23.77 2.38
CA GLY A 4 -1.70 -23.13 1.70
C GLY A 4 -1.81 -21.63 1.69
N SER A 5 -1.58 -21.03 0.52
CA SER A 5 -1.66 -19.58 0.38
C SER A 5 -0.64 -18.89 1.30
N SER A 6 0.51 -19.52 1.48
CA SER A 6 1.56 -18.98 2.33
C SER A 6 2.43 -18.00 1.55
N GLY A 7 3.43 -17.45 2.22
CA GLY A 7 4.33 -16.51 1.59
C GLY A 7 4.23 -15.10 2.17
N ILE A 8 3.63 -15.00 3.35
CA ILE A 8 3.48 -13.71 4.02
C ILE A 8 2.62 -12.76 3.20
N SER A 9 1.92 -11.87 3.87
CA SER A 9 1.07 -10.90 3.20
C SER A 9 0.42 -9.95 4.21
N LEU A 10 0.54 -8.66 3.96
CA LEU A 10 -0.03 -7.65 4.84
C LEU A 10 -1.53 -7.52 4.61
N LYS A 11 -2.31 -7.62 5.69
CA LYS A 11 -3.76 -7.50 5.61
C LYS A 11 -4.24 -6.22 6.26
N TYR A 12 -4.52 -5.21 5.43
CA TYR A 12 -5.00 -3.92 5.92
C TYR A 12 -6.36 -3.58 5.33
N THR A 13 -7.13 -2.77 6.05
CA THR A 13 -8.45 -2.37 5.58
C THR A 13 -8.51 -0.87 5.33
N ALA A 14 -9.44 -0.44 4.48
CA ALA A 14 -9.59 0.96 4.15
C ALA A 14 -9.86 1.79 5.39
N ALA A 15 -10.68 1.25 6.29
CA ALA A 15 -11.03 1.93 7.52
C ALA A 15 -9.83 2.03 8.45
N ARG A 16 -9.04 0.96 8.50
CA ARG A 16 -7.85 0.93 9.36
C ARG A 16 -6.83 1.96 8.90
N LEU A 17 -6.80 2.22 7.60
CA LEU A 17 -5.86 3.18 7.04
C LEU A 17 -6.41 4.61 7.14
N HIS A 18 -7.72 4.75 6.90
CA HIS A 18 -8.37 6.05 6.97
C HIS A 18 -8.24 6.64 8.36
N GLU A 19 -8.31 5.80 9.38
CA GLU A 19 -8.20 6.24 10.77
C GLU A 19 -6.76 6.64 11.10
N LYS A 20 -5.81 5.99 10.44
CA LYS A 20 -4.40 6.29 10.67
C LYS A 20 -3.98 7.57 9.95
N GLY A 21 -4.63 7.84 8.81
CA GLY A 21 -4.32 9.02 8.05
C GLY A 21 -3.85 8.71 6.64
N VAL A 22 -3.37 7.48 6.44
CA VAL A 22 -2.88 7.06 5.13
C VAL A 22 -3.96 7.23 4.06
N LEU A 23 -5.05 6.47 4.20
CA LEU A 23 -6.15 6.53 3.24
C LEU A 23 -6.96 7.81 3.43
N LEU A 24 -7.18 8.54 2.34
CA LEU A 24 -7.94 9.78 2.39
C LEU A 24 -9.42 9.52 2.11
N GLU A 25 -9.73 9.14 0.88
CA GLU A 25 -11.10 8.86 0.48
C GLU A 25 -11.15 8.01 -0.78
N ILE A 26 -12.35 7.69 -1.24
CA ILE A 26 -12.54 6.87 -2.43
C ILE A 26 -13.69 7.39 -3.28
N GLU A 27 -13.52 7.37 -4.59
CA GLU A 27 -14.55 7.83 -5.51
C GLU A 27 -15.49 6.70 -5.89
N ASP A 28 -16.01 6.00 -4.89
CA ASP A 28 -16.92 4.89 -5.13
C ASP A 28 -17.38 4.27 -3.81
N LEU A 29 -16.44 4.10 -2.89
CA LEU A 29 -16.73 3.51 -1.59
C LEU A 29 -16.89 4.59 -0.52
N GLN A 30 -17.98 4.52 0.24
CA GLN A 30 -18.25 5.49 1.29
C GLN A 30 -17.39 5.19 2.52
N VAL A 31 -17.29 6.18 3.41
CA VAL A 31 -16.50 6.02 4.63
C VAL A 31 -16.93 4.79 5.42
N ASN A 32 -18.21 4.44 5.30
CA ASN A 32 -18.76 3.28 6.01
C ASN A 32 -18.36 1.99 5.30
N GLN A 33 -18.18 2.06 3.99
CA GLN A 33 -17.80 0.90 3.20
C GLN A 33 -16.33 0.53 3.42
N PHE A 34 -15.55 1.48 3.93
CA PHE A 34 -14.13 1.26 4.19
C PHE A 34 -13.93 0.00 5.03
N LYS A 35 -14.91 -0.33 5.87
CA LYS A 35 -14.82 -1.50 6.72
C LYS A 35 -14.72 -2.78 5.89
N ASN A 36 -15.63 -2.93 4.94
CA ASN A 36 -15.65 -4.10 4.08
C ASN A 36 -14.45 -4.11 3.15
N VAL A 37 -13.98 -2.92 2.79
CA VAL A 37 -12.83 -2.79 1.90
C VAL A 37 -11.57 -3.36 2.54
N ILE A 38 -10.70 -3.95 1.72
CA ILE A 38 -9.46 -4.54 2.21
C ILE A 38 -8.38 -4.51 1.13
N PHE A 39 -7.16 -4.15 1.53
CA PHE A 39 -6.04 -4.08 0.60
C PHE A 39 -4.96 -5.09 0.99
N GLU A 40 -4.50 -5.85 0.01
CA GLU A 40 -3.47 -6.85 0.25
C GLU A 40 -2.18 -6.50 -0.48
N ILE A 41 -1.15 -6.15 0.28
CA ILE A 41 0.13 -5.78 -0.29
C ILE A 41 1.13 -6.92 -0.19
N SER A 42 1.51 -7.48 -1.34
CA SER A 42 2.45 -8.60 -1.37
C SER A 42 3.89 -8.09 -1.48
N PRO A 43 4.70 -8.28 -0.41
CA PRO A 43 6.09 -7.83 -0.41
C PRO A 43 6.92 -8.49 -1.50
N THR A 44 8.23 -8.28 -1.46
CA THR A 44 9.15 -8.86 -2.44
C THR A 44 10.42 -9.35 -1.78
N GLU A 45 11.13 -10.24 -2.47
CA GLU A 45 12.38 -10.79 -1.94
C GLU A 45 13.40 -9.69 -1.69
N GLU A 46 13.48 -8.74 -2.62
CA GLU A 46 14.41 -7.63 -2.50
C GLU A 46 13.78 -6.46 -1.75
N VAL A 47 14.55 -5.40 -1.57
CA VAL A 47 14.07 -4.21 -0.86
C VAL A 47 14.00 -3.02 -1.81
N GLY A 48 12.78 -2.55 -2.06
CA GLY A 48 12.60 -1.41 -2.94
C GLY A 48 11.33 -1.53 -3.78
N ASP A 49 10.98 -2.75 -4.15
CA ASP A 49 9.79 -2.99 -4.96
C ASP A 49 8.67 -3.60 -4.12
N PHE A 50 7.44 -3.17 -4.38
CA PHE A 50 6.29 -3.67 -3.65
C PHE A 50 5.18 -4.11 -4.60
N GLU A 51 4.17 -4.77 -4.07
CA GLU A 51 3.05 -5.25 -4.87
C GLU A 51 1.72 -4.89 -4.21
N VAL A 52 1.08 -3.83 -4.70
CA VAL A 52 -0.20 -3.39 -4.16
C VAL A 52 -1.36 -3.95 -4.99
N LYS A 53 -2.41 -4.37 -4.30
CA LYS A 53 -3.58 -4.93 -4.96
C LYS A 53 -4.82 -4.82 -4.07
N ALA A 54 -5.96 -4.52 -4.67
CA ALA A 54 -7.21 -4.40 -3.93
C ALA A 54 -8.04 -5.67 -4.03
N LYS A 55 -8.24 -6.33 -2.89
CA LYS A 55 -9.01 -7.57 -2.85
C LYS A 55 -10.49 -7.29 -3.08
N PHE A 56 -10.96 -7.54 -4.30
CA PHE A 56 -12.35 -7.32 -4.65
C PHE A 56 -12.63 -7.74 -6.08
N MET A 57 -11.94 -7.11 -7.03
CA MET A 57 -12.10 -7.43 -8.45
C MET A 57 -10.78 -7.86 -9.07
N GLY A 58 -10.80 -8.12 -10.37
CA GLY A 58 -9.59 -8.54 -11.06
C GLY A 58 -9.82 -8.79 -12.54
N VAL A 59 -10.12 -7.72 -13.28
CA VAL A 59 -10.36 -7.83 -14.71
C VAL A 59 -9.13 -8.40 -15.43
N GLN A 60 -7.95 -8.09 -14.90
CA GLN A 60 -6.71 -8.56 -15.49
C GLN A 60 -6.12 -9.71 -14.67
N MET A 61 -4.88 -10.07 -14.97
CA MET A 61 -4.20 -11.14 -14.26
C MET A 61 -2.78 -10.73 -13.88
N GLU A 62 -2.63 -9.49 -13.45
CA GLU A 62 -1.32 -8.98 -13.05
C GLU A 62 -1.46 -7.97 -11.91
N THR A 63 -0.59 -8.10 -10.91
CA THR A 63 -0.62 -7.20 -9.76
C THR A 63 -0.14 -5.80 -10.14
N PHE A 64 -0.40 -4.82 -9.28
CA PHE A 64 0.01 -3.45 -9.54
C PHE A 64 1.42 -3.19 -9.00
N MET A 65 2.36 -3.02 -9.92
CA MET A 65 3.74 -2.76 -9.54
C MET A 65 3.91 -1.34 -9.02
N LEU A 66 4.56 -1.21 -7.86
CA LEU A 66 4.78 0.09 -7.25
C LEU A 66 6.28 0.36 -7.07
N HIS A 67 6.68 1.61 -7.29
CA HIS A 67 8.08 1.99 -7.15
C HIS A 67 8.23 3.11 -6.13
N TYR A 68 9.34 3.09 -5.39
CA TYR A 68 9.61 4.10 -4.38
C TYR A 68 9.90 5.45 -5.02
N GLN A 69 10.49 5.42 -6.22
CA GLN A 69 10.82 6.64 -6.94
C GLN A 69 9.56 7.38 -7.36
N ASP A 70 8.50 6.63 -7.63
CA ASP A 70 7.23 7.21 -8.05
C ASP A 70 6.56 7.94 -6.89
N LEU A 71 6.76 7.43 -5.68
CA LEU A 71 6.18 8.03 -4.49
C LEU A 71 6.86 9.34 -4.15
N LEU A 72 8.19 9.34 -4.15
CA LEU A 72 8.97 10.53 -3.84
C LEU A 72 8.78 11.60 -4.92
N GLN A 73 8.53 11.16 -6.14
CA GLN A 73 8.33 12.08 -7.26
C GLN A 73 7.16 13.02 -6.99
N LEU A 74 6.17 12.52 -6.25
CA LEU A 74 4.99 13.31 -5.92
C LEU A 74 5.31 14.32 -4.82
N GLN A 75 6.11 13.90 -3.85
CA GLN A 75 6.48 14.77 -2.74
C GLN A 75 7.44 15.87 -3.20
N TYR A 76 8.25 15.56 -4.21
CA TYR A 76 9.21 16.53 -4.73
C TYR A 76 8.52 17.52 -5.65
N GLU A 77 7.58 17.04 -6.45
CA GLU A 77 6.84 17.88 -7.38
C GLU A 77 5.84 18.75 -6.64
N GLY A 78 4.94 18.12 -5.89
CA GLY A 78 3.95 18.86 -5.14
C GLY A 78 2.58 18.19 -5.17
N VAL A 79 2.55 16.90 -4.84
CA VAL A 79 1.31 16.14 -4.82
C VAL A 79 1.24 15.22 -3.61
N ALA A 80 0.33 15.52 -2.69
CA ALA A 80 0.17 14.73 -1.48
C ALA A 80 -0.94 13.70 -1.64
N VAL A 81 -1.33 13.43 -2.88
CA VAL A 81 -2.38 12.46 -3.16
C VAL A 81 -2.03 11.60 -4.36
N MET A 82 -2.32 10.30 -4.26
CA MET A 82 -2.04 9.37 -5.35
C MET A 82 -3.31 8.69 -5.83
N LYS A 83 -3.66 8.94 -7.09
CA LYS A 83 -4.86 8.35 -7.68
C LYS A 83 -4.64 6.87 -7.99
N LEU A 84 -5.20 6.02 -7.15
CA LEU A 84 -5.08 4.57 -7.33
C LEU A 84 -6.37 3.97 -7.89
N PHE A 85 -6.24 3.22 -8.97
CA PHE A 85 -7.39 2.60 -9.61
C PHE A 85 -8.42 3.64 -10.07
N ASP A 86 -7.96 4.88 -10.23
CA ASP A 86 -8.82 5.97 -10.67
C ASP A 86 -10.05 6.09 -9.78
N ARG A 87 -9.88 5.77 -8.50
CA ARG A 87 -10.98 5.84 -7.54
C ARG A 87 -10.46 6.13 -6.13
N ALA A 88 -9.90 5.10 -5.50
CA ALA A 88 -9.36 5.25 -4.15
C ALA A 88 -8.15 6.17 -4.13
N LYS A 89 -8.14 7.10 -3.19
CA LYS A 89 -7.03 8.05 -3.05
C LYS A 89 -6.32 7.86 -1.72
N VAL A 90 -4.99 7.87 -1.77
CA VAL A 90 -4.19 7.70 -0.56
C VAL A 90 -3.21 8.85 -0.39
N ASN A 91 -2.96 9.23 0.85
CA ASN A 91 -2.04 10.33 1.16
C ASN A 91 -0.59 9.90 0.89
N VAL A 92 0.03 10.56 -0.08
CA VAL A 92 1.42 10.24 -0.44
C VAL A 92 2.37 10.62 0.70
N ASN A 93 2.01 11.65 1.45
CA ASN A 93 2.83 12.11 2.55
C ASN A 93 2.91 11.05 3.65
N LEU A 94 1.79 10.39 3.91
CA LEU A 94 1.72 9.35 4.93
C LEU A 94 1.98 7.97 4.33
N LEU A 95 1.66 7.81 3.05
CA LEU A 95 1.84 6.55 2.36
C LEU A 95 3.30 6.10 2.43
N ILE A 96 4.21 7.04 2.19
CA ILE A 96 5.64 6.73 2.22
C ILE A 96 6.12 6.54 3.65
N PHE A 97 5.58 7.33 4.56
CA PHE A 97 5.96 7.25 5.97
C PHE A 97 5.63 5.87 6.54
N LEU A 98 4.53 5.30 6.08
CA LEU A 98 4.10 3.98 6.53
C LEU A 98 4.98 2.88 5.95
N LEU A 99 5.30 3.00 4.66
CA LEU A 99 6.14 2.03 3.99
C LEU A 99 7.59 2.17 4.41
N ASN A 100 7.99 3.39 4.75
CA ASN A 100 9.36 3.67 5.18
C ASN A 100 9.72 2.86 6.41
N LYS A 101 8.72 2.53 7.22
CA LYS A 101 8.94 1.75 8.44
C LYS A 101 8.37 0.34 8.30
N LYS A 102 7.30 0.21 7.52
CA LYS A 102 6.67 -1.09 7.30
C LYS A 102 7.57 -2.01 6.48
N PHE A 103 7.64 -1.76 5.18
CA PHE A 103 8.47 -2.57 4.30
C PHE A 103 9.94 -2.21 4.44
N TYR A 104 10.25 -0.92 4.28
CA TYR A 104 11.63 -0.44 4.39
C TYR A 104 12.12 -0.54 5.84
N GLY A 105 12.38 -1.77 6.28
CA GLY A 105 12.85 -1.98 7.64
C GLY A 105 13.16 -3.44 7.92
N LYS A 106 13.83 -4.09 6.98
CA LYS A 106 14.18 -5.50 7.14
C LYS A 106 15.64 -5.66 7.57
N SER A 107 15.94 -6.76 8.23
CA SER A 107 17.30 -7.02 8.71
C SER A 107 17.69 -6.04 9.81
N GLY A 108 17.90 -4.78 9.44
CA GLY A 108 18.28 -3.77 10.41
C GLY A 108 19.69 -3.26 10.19
N PRO A 109 19.89 -2.39 9.19
CA PRO A 109 21.22 -1.83 8.89
C PRO A 109 21.80 -1.06 10.08
N SER A 110 23.05 -1.35 10.42
CA SER A 110 23.71 -0.68 11.53
C SER A 110 24.97 0.05 11.05
N SER A 111 25.02 1.35 11.31
CA SER A 111 26.16 2.16 10.92
C SER A 111 27.18 2.27 12.04
N GLY A 112 26.68 2.54 13.25
CA GLY A 112 27.55 2.67 14.41
C GLY A 112 27.49 1.46 15.31
N GLY A 1 -2.31 -4.34 23.58
CA GLY A 1 -1.79 -3.02 23.16
C GLY A 1 -1.34 -3.00 21.71
N SER A 2 -0.46 -3.93 21.35
CA SER A 2 0.03 -4.02 19.98
C SER A 2 -0.61 -5.18 19.24
N SER A 3 -1.09 -4.91 18.03
CA SER A 3 -1.74 -5.93 17.22
C SER A 3 -1.69 -5.56 15.74
N GLY A 4 -0.83 -6.25 14.99
CA GLY A 4 -0.70 -5.98 13.58
C GLY A 4 -0.15 -7.17 12.80
N SER A 5 1.13 -7.12 12.48
CA SER A 5 1.78 -8.21 11.74
C SER A 5 2.07 -9.39 12.66
N SER A 6 2.35 -10.54 12.06
CA SER A 6 2.64 -11.75 12.82
C SER A 6 3.48 -12.72 11.99
N GLY A 7 3.06 -12.96 10.75
CA GLY A 7 3.78 -13.86 9.88
C GLY A 7 4.24 -13.19 8.61
N ILE A 8 3.74 -13.66 7.47
CA ILE A 8 4.12 -13.11 6.18
C ILE A 8 2.96 -12.31 5.57
N SER A 9 3.30 -11.35 4.71
CA SER A 9 2.29 -10.52 4.06
C SER A 9 1.50 -9.72 5.09
N LEU A 10 0.93 -8.61 4.65
CA LEU A 10 0.15 -7.75 5.53
C LEU A 10 -1.32 -7.74 5.12
N LYS A 11 -2.19 -7.28 6.02
CA LYS A 11 -3.61 -7.23 5.73
C LYS A 11 -4.27 -6.08 6.50
N TYR A 12 -4.57 -5.00 5.79
CA TYR A 12 -5.20 -3.83 6.39
C TYR A 12 -6.40 -3.37 5.57
N THR A 13 -7.47 -3.01 6.26
CA THR A 13 -8.68 -2.55 5.58
C THR A 13 -8.63 -1.04 5.35
N ALA A 14 -9.52 -0.55 4.50
CA ALA A 14 -9.58 0.88 4.19
C ALA A 14 -9.88 1.70 5.44
N ALA A 15 -10.79 1.19 6.26
CA ALA A 15 -11.17 1.88 7.49
C ALA A 15 -9.96 2.09 8.40
N ARG A 16 -9.10 1.08 8.48
CA ARG A 16 -7.91 1.15 9.31
C ARG A 16 -6.92 2.18 8.77
N LEU A 17 -6.68 2.11 7.46
CA LEU A 17 -5.76 3.05 6.81
C LEU A 17 -6.31 4.46 6.83
N HIS A 18 -7.63 4.58 6.79
CA HIS A 18 -8.29 5.89 6.82
C HIS A 18 -8.04 6.60 8.14
N GLU A 19 -8.13 5.85 9.23
CA GLU A 19 -7.92 6.42 10.56
C GLU A 19 -6.46 6.86 10.74
N LYS A 20 -5.54 6.00 10.31
CA LYS A 20 -4.11 6.29 10.43
C LYS A 20 -3.76 7.56 9.65
N GLY A 21 -4.49 7.80 8.56
CA GLY A 21 -4.24 8.97 7.75
C GLY A 21 -3.76 8.62 6.35
N VAL A 22 -3.28 7.39 6.17
CA VAL A 22 -2.80 6.93 4.88
C VAL A 22 -3.86 7.09 3.80
N LEU A 23 -4.95 6.34 3.93
CA LEU A 23 -6.04 6.40 2.97
C LEU A 23 -6.86 7.68 3.14
N LEU A 24 -6.85 8.53 2.13
CA LEU A 24 -7.59 9.79 2.18
C LEU A 24 -9.08 9.55 1.91
N GLU A 25 -9.39 9.14 0.70
CA GLU A 25 -10.78 8.88 0.31
C GLU A 25 -10.84 7.99 -0.91
N ILE A 26 -12.05 7.68 -1.36
CA ILE A 26 -12.25 6.83 -2.52
C ILE A 26 -13.46 7.30 -3.34
N GLU A 27 -13.25 7.50 -4.64
CA GLU A 27 -14.31 7.95 -5.52
C GLU A 27 -15.17 6.77 -5.99
N ASP A 28 -15.73 6.04 -5.02
CA ASP A 28 -16.57 4.89 -5.33
C ASP A 28 -17.11 4.26 -4.05
N LEU A 29 -16.23 4.00 -3.10
CA LEU A 29 -16.62 3.40 -1.83
C LEU A 29 -16.74 4.46 -0.75
N GLN A 30 -17.96 4.63 -0.22
CA GLN A 30 -18.21 5.61 0.83
C GLN A 30 -17.37 5.31 2.06
N VAL A 31 -17.30 6.29 2.96
CA VAL A 31 -16.52 6.13 4.19
C VAL A 31 -16.99 4.92 4.99
N ASN A 32 -18.29 4.67 4.97
CA ASN A 32 -18.88 3.55 5.69
C ASN A 32 -18.55 2.22 5.00
N GLN A 33 -18.31 2.29 3.69
CA GLN A 33 -17.98 1.10 2.92
C GLN A 33 -16.54 0.67 3.16
N PHE A 34 -15.73 1.55 3.74
CA PHE A 34 -14.34 1.25 4.02
C PHE A 34 -14.20 -0.06 4.79
N LYS A 35 -15.24 -0.41 5.55
CA LYS A 35 -15.24 -1.64 6.33
C LYS A 35 -15.27 -2.87 5.42
N ASN A 36 -15.88 -2.71 4.25
CA ASN A 36 -15.98 -3.81 3.29
C ASN A 36 -14.88 -3.70 2.23
N VAL A 37 -13.71 -3.24 2.64
CA VAL A 37 -12.59 -3.07 1.72
C VAL A 37 -11.29 -3.55 2.37
N ILE A 38 -10.44 -4.20 1.57
CA ILE A 38 -9.17 -4.71 2.08
C ILE A 38 -8.05 -4.43 1.08
N PHE A 39 -6.84 -4.23 1.60
CA PHE A 39 -5.67 -3.95 0.76
C PHE A 39 -4.58 -5.00 0.98
N GLU A 40 -4.45 -5.92 0.05
CA GLU A 40 -3.45 -6.98 0.14
C GLU A 40 -2.12 -6.52 -0.45
N ILE A 41 -1.08 -6.52 0.37
CA ILE A 41 0.25 -6.11 -0.09
C ILE A 41 1.25 -7.25 0.04
N SER A 42 1.76 -7.69 -1.11
CA SER A 42 2.73 -8.80 -1.13
C SER A 42 4.16 -8.26 -1.07
N PRO A 43 4.89 -8.53 0.03
CA PRO A 43 6.27 -8.06 0.19
C PRO A 43 7.18 -8.54 -0.94
N THR A 44 8.18 -7.73 -1.27
CA THR A 44 9.12 -8.06 -2.33
C THR A 44 10.50 -8.40 -1.76
N GLU A 45 11.16 -9.37 -2.36
CA GLU A 45 12.48 -9.80 -1.91
C GLU A 45 13.48 -8.64 -1.99
N GLU A 46 13.37 -7.84 -3.05
CA GLU A 46 14.25 -6.70 -3.24
C GLU A 46 13.69 -5.45 -2.56
N VAL A 47 14.55 -4.47 -2.34
CA VAL A 47 14.14 -3.23 -1.70
C VAL A 47 13.75 -2.17 -2.74
N GLY A 48 12.76 -1.35 -2.40
CA GLY A 48 12.31 -0.31 -3.31
C GLY A 48 11.03 -0.69 -4.03
N ASP A 49 10.84 -2.00 -4.24
CA ASP A 49 9.66 -2.49 -4.93
C ASP A 49 8.56 -2.84 -3.93
N PHE A 50 7.31 -2.73 -4.37
CA PHE A 50 6.16 -3.02 -3.52
C PHE A 50 4.96 -3.43 -4.36
N GLU A 51 4.24 -4.46 -3.89
CA GLU A 51 3.07 -4.95 -4.60
C GLU A 51 1.79 -4.54 -3.87
N VAL A 52 0.99 -3.69 -4.53
CA VAL A 52 -0.26 -3.22 -3.95
C VAL A 52 -1.46 -3.76 -4.71
N LYS A 53 -2.42 -4.32 -3.98
CA LYS A 53 -3.62 -4.88 -4.59
C LYS A 53 -4.80 -4.78 -3.64
N ALA A 54 -6.01 -4.72 -4.21
CA ALA A 54 -7.23 -4.63 -3.41
C ALA A 54 -8.32 -5.54 -3.97
N LYS A 55 -8.74 -6.50 -3.15
CA LYS A 55 -9.77 -7.44 -3.57
C LYS A 55 -11.14 -6.76 -3.58
N PHE A 56 -11.63 -6.46 -4.77
CA PHE A 56 -12.92 -5.81 -4.93
C PHE A 56 -13.30 -5.69 -6.41
N MET A 57 -12.32 -5.32 -7.23
CA MET A 57 -12.55 -5.17 -8.67
C MET A 57 -11.22 -5.12 -9.43
N GLY A 58 -10.54 -6.24 -9.47
CA GLY A 58 -9.26 -6.31 -10.16
C GLY A 58 -9.41 -6.61 -11.63
N VAL A 59 -8.29 -6.87 -12.30
CA VAL A 59 -8.30 -7.18 -13.73
C VAL A 59 -7.97 -8.65 -13.99
N GLN A 60 -7.34 -9.29 -13.01
CA GLN A 60 -6.96 -10.69 -13.14
C GLN A 60 -5.96 -10.89 -14.27
N MET A 61 -4.68 -10.68 -13.96
CA MET A 61 -3.62 -10.83 -14.96
C MET A 61 -2.25 -10.57 -14.33
N GLU A 62 -2.20 -9.59 -13.43
CA GLU A 62 -0.95 -9.23 -12.77
C GLU A 62 -1.21 -8.32 -11.58
N THR A 63 -0.20 -8.16 -10.73
CA THR A 63 -0.32 -7.31 -9.55
C THR A 63 0.24 -5.92 -9.82
N PHE A 64 -0.35 -4.92 -9.17
CA PHE A 64 0.08 -3.54 -9.34
C PHE A 64 1.40 -3.28 -8.62
N MET A 65 2.49 -3.26 -9.39
CA MET A 65 3.82 -3.03 -8.82
C MET A 65 4.07 -1.55 -8.63
N LEU A 66 4.03 -1.09 -7.38
CA LEU A 66 4.26 0.31 -7.07
C LEU A 66 5.75 0.61 -6.94
N HIS A 67 6.19 1.73 -7.51
CA HIS A 67 7.58 2.13 -7.46
C HIS A 67 7.82 3.17 -6.37
N TYR A 68 9.07 3.33 -5.97
CA TYR A 68 9.43 4.29 -4.94
C TYR A 68 9.73 5.66 -5.55
N GLN A 69 10.30 5.65 -6.75
CA GLN A 69 10.63 6.89 -7.44
C GLN A 69 9.37 7.66 -7.83
N ASP A 70 8.29 6.93 -8.10
CA ASP A 70 7.03 7.55 -8.48
C ASP A 70 6.42 8.30 -7.30
N LEU A 71 6.51 7.71 -6.12
CA LEU A 71 5.97 8.32 -4.92
C LEU A 71 6.68 9.63 -4.60
N LEU A 72 8.01 9.61 -4.66
CA LEU A 72 8.81 10.80 -4.39
C LEU A 72 8.56 11.87 -5.44
N GLN A 73 8.23 11.44 -6.66
CA GLN A 73 7.97 12.37 -7.75
C GLN A 73 6.83 13.32 -7.41
N LEU A 74 5.88 12.82 -6.64
CA LEU A 74 4.73 13.63 -6.23
C LEU A 74 5.10 14.55 -5.07
N GLN A 75 6.02 14.09 -4.22
CA GLN A 75 6.45 14.87 -3.07
C GLN A 75 7.29 16.06 -3.51
N TYR A 76 8.01 15.90 -4.61
CA TYR A 76 8.85 16.98 -5.14
C TYR A 76 8.05 17.92 -6.03
N GLU A 77 7.17 17.34 -6.85
CA GLU A 77 6.34 18.13 -7.75
C GLU A 77 5.38 19.02 -6.96
N GLY A 78 4.82 18.48 -5.89
CA GLY A 78 3.90 19.24 -5.06
C GLY A 78 2.51 18.65 -5.04
N VAL A 79 2.44 17.33 -4.86
CA VAL A 79 1.17 16.63 -4.82
C VAL A 79 1.12 15.64 -3.66
N ALA A 80 0.29 15.95 -2.66
CA ALA A 80 0.15 15.09 -1.49
C ALA A 80 -0.81 13.94 -1.76
N VAL A 81 -1.89 14.24 -2.49
CA VAL A 81 -2.89 13.23 -2.82
C VAL A 81 -2.47 12.44 -4.06
N MET A 82 -2.61 11.13 -3.99
CA MET A 82 -2.27 10.26 -5.11
C MET A 82 -3.51 9.59 -5.69
N LYS A 83 -3.50 9.37 -7.00
CA LYS A 83 -4.62 8.74 -7.68
C LYS A 83 -4.34 7.25 -7.92
N LEU A 84 -4.99 6.39 -7.14
CA LEU A 84 -4.81 4.95 -7.27
C LEU A 84 -6.09 4.29 -7.77
N PHE A 85 -5.95 3.40 -8.75
CA PHE A 85 -7.09 2.70 -9.31
C PHE A 85 -8.12 3.68 -9.88
N ASP A 86 -7.66 4.89 -10.21
CA ASP A 86 -8.55 5.91 -10.76
C ASP A 86 -9.77 6.13 -9.86
N ARG A 87 -9.59 5.89 -8.56
CA ARG A 87 -10.66 6.07 -7.59
C ARG A 87 -10.11 6.33 -6.20
N ALA A 88 -9.57 5.28 -5.58
CA ALA A 88 -9.00 5.41 -4.24
C ALA A 88 -7.84 6.41 -4.22
N LYS A 89 -7.88 7.32 -3.25
CA LYS A 89 -6.84 8.33 -3.12
C LYS A 89 -6.07 8.15 -1.81
N VAL A 90 -4.75 8.02 -1.93
CA VAL A 90 -3.90 7.85 -0.76
C VAL A 90 -2.89 8.98 -0.62
N ASN A 91 -2.44 9.22 0.60
CA ASN A 91 -1.47 10.28 0.87
C ASN A 91 -0.05 9.79 0.67
N VAL A 92 0.67 10.41 -0.25
CA VAL A 92 2.05 10.03 -0.54
C VAL A 92 2.96 10.30 0.65
N ASN A 93 2.58 11.28 1.47
CA ASN A 93 3.37 11.64 2.64
C ASN A 93 3.22 10.60 3.74
N LEU A 94 2.07 9.94 3.78
CA LEU A 94 1.82 8.92 4.79
C LEU A 94 2.01 7.52 4.22
N LEU A 95 1.79 7.37 2.92
CA LEU A 95 1.94 6.08 2.25
C LEU A 95 3.35 5.53 2.45
N ILE A 96 4.35 6.39 2.26
CA ILE A 96 5.74 5.99 2.41
C ILE A 96 6.09 5.78 3.89
N PHE A 97 5.45 6.55 4.75
CA PHE A 97 5.70 6.46 6.19
C PHE A 97 5.37 5.06 6.71
N LEU A 98 4.25 4.51 6.25
CA LEU A 98 3.82 3.18 6.66
C LEU A 98 4.83 2.13 6.22
N LEU A 99 5.20 2.18 4.95
CA LEU A 99 6.15 1.21 4.39
C LEU A 99 7.56 1.46 4.94
N ASN A 100 7.84 2.70 5.30
CA ASN A 100 9.14 3.07 5.85
C ASN A 100 9.47 2.24 7.09
N LYS A 101 8.45 1.77 7.78
CA LYS A 101 8.65 0.96 8.99
C LYS A 101 8.18 -0.48 8.79
N LYS A 102 7.22 -0.66 7.89
CA LYS A 102 6.67 -1.98 7.61
C LYS A 102 7.66 -2.84 6.82
N PHE A 103 7.88 -2.49 5.57
CA PHE A 103 8.79 -3.23 4.70
C PHE A 103 10.22 -2.72 4.84
N TYR A 104 10.38 -1.40 4.88
CA TYR A 104 11.70 -0.79 4.99
C TYR A 104 12.45 -1.35 6.20
N GLY A 105 13.65 -1.89 5.94
CA GLY A 105 14.45 -2.45 7.01
C GLY A 105 15.33 -3.58 6.53
N LYS A 106 14.71 -4.64 6.00
CA LYS A 106 15.44 -5.79 5.50
C LYS A 106 16.29 -6.42 6.60
N SER A 107 15.65 -7.19 7.47
CA SER A 107 16.35 -7.86 8.56
C SER A 107 17.04 -6.83 9.47
N GLY A 108 16.51 -6.67 10.68
CA GLY A 108 17.09 -5.73 11.62
C GLY A 108 16.03 -4.93 12.36
N PRO A 109 16.26 -4.61 13.65
CA PRO A 109 15.30 -3.84 14.45
C PRO A 109 14.92 -2.53 13.79
N SER A 110 13.65 -2.15 13.94
CA SER A 110 13.16 -0.91 13.35
C SER A 110 13.31 0.25 14.32
N SER A 111 14.00 1.30 13.88
CA SER A 111 14.21 2.48 14.72
C SER A 111 14.09 3.76 13.90
N GLY A 112 14.88 3.85 12.83
CA GLY A 112 14.84 5.02 11.98
C GLY A 112 16.21 5.37 11.43
#